data_1RI9
#
_entry.id   1RI9
#
_entity_poly.entity_id   1
_entity_poly.type   'polypeptide(L)'
_entity_poly.pdbx_seq_one_letter_code
;MGSSHHHHHHSSGKKLKKQEKEEKDFRKKFKYDGEIRVLYSTKVTTSITSKKWGTRDLQVKPGESLEVIQTTDDTKVLCR
NEEGKYGYVLRSYLADNDGEIY
;
_entity_poly.pdbx_strand_id   A
#
# COMPACT_ATOMS: atom_id res chain seq x y z
N GLU A 20 -4.98 3.71 -14.32
CA GLU A 20 -4.69 3.00 -15.56
C GLU A 20 -5.19 1.55 -15.46
N LYS A 21 -4.67 0.72 -16.35
CA LYS A 21 -5.06 -0.67 -16.37
C LYS A 21 -4.64 -1.35 -15.07
N GLU A 22 -3.73 -0.69 -14.37
CA GLU A 22 -3.24 -1.20 -13.10
C GLU A 22 -4.34 -1.13 -12.03
N GLU A 23 -5.24 -0.18 -12.22
CA GLU A 23 -6.35 0.00 -11.30
C GLU A 23 -7.23 -1.24 -11.29
N LYS A 24 -7.34 -1.87 -12.44
CA LYS A 24 -8.15 -3.06 -12.57
C LYS A 24 -7.48 -4.21 -11.82
N ASP A 25 -6.16 -4.17 -11.79
CA ASP A 25 -5.40 -5.20 -11.10
C ASP A 25 -5.63 -5.08 -9.59
N PHE A 26 -5.56 -3.85 -9.11
CA PHE A 26 -5.76 -3.58 -7.69
C PHE A 26 -7.21 -3.84 -7.29
N ARG A 27 -8.12 -3.21 -8.02
CA ARG A 27 -9.54 -3.35 -7.75
C ARG A 27 -9.95 -4.82 -7.88
N LYS A 28 -9.23 -5.53 -8.72
CA LYS A 28 -9.51 -6.94 -8.95
C LYS A 28 -9.52 -7.67 -7.60
N LYS A 29 -8.38 -7.60 -6.92
CA LYS A 29 -8.25 -8.25 -5.62
C LYS A 29 -8.77 -7.32 -4.53
N PHE A 30 -8.62 -6.03 -4.78
CA PHE A 30 -9.08 -5.02 -3.83
C PHE A 30 -10.54 -4.67 -4.07
N LYS A 31 -11.28 -5.65 -4.57
CA LYS A 31 -12.69 -5.45 -4.86
C LYS A 31 -13.30 -4.53 -3.79
N TYR A 32 -12.42 -3.99 -2.96
CA TYR A 32 -12.85 -3.09 -1.90
C TYR A 32 -13.49 -1.82 -2.47
N ASP A 33 -14.73 -1.59 -2.08
CA ASP A 33 -15.46 -0.42 -2.55
C ASP A 33 -15.44 0.65 -1.45
N GLY A 34 -14.52 1.59 -1.59
CA GLY A 34 -14.39 2.67 -0.62
C GLY A 34 -13.91 3.95 -1.30
N GLU A 35 -13.56 4.93 -0.46
CA GLU A 35 -13.08 6.20 -0.96
C GLU A 35 -11.56 6.28 -0.83
N ILE A 36 -10.88 5.88 -1.90
CA ILE A 36 -9.43 5.89 -1.91
C ILE A 36 -8.94 7.34 -1.92
N ARG A 37 -8.39 7.75 -0.79
CA ARG A 37 -7.87 9.10 -0.65
C ARG A 37 -6.77 9.15 0.40
N VAL A 38 -5.57 9.49 -0.05
CA VAL A 38 -4.43 9.57 0.84
C VAL A 38 -4.64 10.73 1.82
N LEU A 39 -5.07 10.37 3.02
CA LEU A 39 -5.31 11.36 4.05
C LEU A 39 -4.04 11.54 4.89
N TYR A 40 -3.47 10.41 5.29
CA TYR A 40 -2.26 10.43 6.09
C TYR A 40 -1.16 9.59 5.44
N SER A 41 -0.40 10.24 4.58
CA SER A 41 0.69 9.56 3.88
C SER A 41 1.83 9.27 4.85
N THR A 42 2.02 7.98 5.14
CA THR A 42 3.07 7.56 6.05
C THR A 42 4.37 7.29 5.28
N LYS A 43 5.46 7.28 6.02
CA LYS A 43 6.77 7.03 5.42
C LYS A 43 7.16 5.59 5.67
N VAL A 44 7.73 4.97 4.63
CA VAL A 44 8.16 3.59 4.73
C VAL A 44 9.40 3.50 5.62
N THR A 45 9.25 2.78 6.72
CA THR A 45 10.34 2.60 7.66
C THR A 45 11.39 1.64 7.09
N THR A 46 12.65 2.03 7.22
CA THR A 46 13.74 1.21 6.73
C THR A 46 13.51 -0.25 7.11
N SER A 47 12.67 -0.44 8.11
CA SER A 47 12.36 -1.79 8.57
C SER A 47 11.16 -2.36 7.79
N ILE A 48 10.84 -1.68 6.71
CA ILE A 48 9.72 -2.09 5.87
C ILE A 48 10.10 -3.39 5.13
N THR A 49 9.12 -3.94 4.45
CA THR A 49 9.33 -5.17 3.69
C THR A 49 10.21 -4.90 2.47
N SER A 50 11.35 -5.57 2.44
CA SER A 50 12.28 -5.41 1.34
C SER A 50 12.47 -6.76 0.61
N LYS A 51 12.28 -7.82 1.37
CA LYS A 51 12.42 -9.16 0.82
C LYS A 51 11.04 -9.77 0.60
N LYS A 52 10.21 -9.65 1.62
CA LYS A 52 8.86 -10.19 1.55
C LYS A 52 8.05 -9.39 0.53
N TRP A 53 7.50 -10.11 -0.43
CA TRP A 53 6.69 -9.48 -1.47
C TRP A 53 5.55 -10.43 -1.83
N GLY A 54 4.34 -9.88 -1.80
CA GLY A 54 3.16 -10.67 -2.13
C GLY A 54 2.44 -10.11 -3.35
N THR A 55 1.63 -10.96 -3.96
CA THR A 55 0.89 -10.56 -5.15
C THR A 55 0.03 -9.33 -4.85
N ARG A 56 -0.49 -9.30 -3.63
CA ARG A 56 -1.33 -8.19 -3.21
C ARG A 56 -0.51 -7.16 -2.43
N ASP A 57 0.80 -7.38 -2.42
CA ASP A 57 1.71 -6.50 -1.72
C ASP A 57 2.44 -5.61 -2.74
N LEU A 58 3.01 -4.54 -2.25
CA LEU A 58 3.74 -3.61 -3.10
C LEU A 58 5.23 -3.93 -3.03
N GLN A 59 5.92 -3.65 -4.13
CA GLN A 59 7.35 -3.90 -4.22
C GLN A 59 8.12 -2.69 -3.71
N VAL A 60 7.52 -1.99 -2.76
CA VAL A 60 8.14 -0.82 -2.18
C VAL A 60 9.42 -1.22 -1.44
N LYS A 61 10.28 -0.24 -1.21
CA LYS A 61 11.53 -0.48 -0.52
C LYS A 61 11.50 0.21 0.84
N PRO A 62 12.33 -0.32 1.78
CA PRO A 62 12.41 0.24 3.12
C PRO A 62 13.19 1.55 3.11
N GLY A 63 12.59 2.57 3.73
CA GLY A 63 13.22 3.87 3.81
C GLY A 63 12.65 4.81 2.75
N GLU A 64 11.57 4.37 2.13
CA GLU A 64 10.91 5.16 1.10
C GLU A 64 9.65 5.82 1.66
N SER A 65 9.07 6.70 0.85
CA SER A 65 7.86 7.40 1.25
C SER A 65 6.79 7.23 0.18
N LEU A 66 5.60 6.84 0.64
CA LEU A 66 4.49 6.63 -0.27
C LEU A 66 3.20 7.15 0.39
N GLU A 67 2.18 7.31 -0.43
CA GLU A 67 0.90 7.79 0.05
C GLU A 67 0.14 6.66 0.76
N VAL A 68 -0.41 6.99 1.92
CA VAL A 68 -1.15 6.03 2.71
C VAL A 68 -2.65 6.30 2.54
N ILE A 69 -3.37 5.25 2.19
CA ILE A 69 -4.81 5.36 2.00
C ILE A 69 -5.52 5.03 3.32
N GLN A 70 -6.60 4.29 3.20
CA GLN A 70 -7.38 3.90 4.37
C GLN A 70 -6.93 2.53 4.88
N THR A 71 -7.19 2.29 6.16
CA THR A 71 -6.82 1.03 6.77
C THR A 71 -7.64 -0.12 6.18
N THR A 72 -6.94 -1.10 5.64
CA THR A 72 -7.60 -2.25 5.04
C THR A 72 -8.55 -2.90 6.05
N ASP A 73 -7.97 -3.59 7.01
CA ASP A 73 -8.76 -4.26 8.03
C ASP A 73 -8.67 -3.47 9.34
N ASP A 74 -7.69 -3.83 10.15
CA ASP A 74 -7.49 -3.17 11.43
C ASP A 74 -6.11 -2.50 11.44
N THR A 75 -5.09 -3.32 11.21
CA THR A 75 -3.72 -2.84 11.19
C THR A 75 -3.10 -3.05 9.82
N LYS A 76 -3.59 -2.29 8.84
CA LYS A 76 -3.09 -2.39 7.49
C LYS A 76 -3.38 -1.08 6.75
N VAL A 77 -2.34 -0.57 6.10
CA VAL A 77 -2.47 0.67 5.34
C VAL A 77 -2.11 0.41 3.89
N LEU A 78 -3.03 0.81 3.00
CA LEU A 78 -2.82 0.63 1.58
C LEU A 78 -2.08 1.85 1.02
N CYS A 79 -0.93 1.59 0.42
CA CYS A 79 -0.13 2.65 -0.16
C CYS A 79 -0.53 2.81 -1.62
N ARG A 80 -0.29 4.00 -2.15
CA ARG A 80 -0.62 4.29 -3.53
C ARG A 80 0.53 5.04 -4.21
N ASN A 81 0.78 4.68 -5.46
CA ASN A 81 1.84 5.31 -6.22
C ASN A 81 1.26 5.96 -7.48
N GLU A 82 1.79 7.12 -7.81
CA GLU A 82 1.32 7.85 -8.97
C GLU A 82 1.42 6.97 -10.22
N GLU A 83 2.13 5.86 -10.06
CA GLU A 83 2.30 4.92 -11.16
C GLU A 83 0.94 4.42 -11.66
N GLY A 84 -0.09 4.72 -10.88
CA GLY A 84 -1.44 4.31 -11.22
C GLY A 84 -1.73 2.90 -10.71
N LYS A 85 -0.86 2.43 -9.83
CA LYS A 85 -1.00 1.10 -9.26
C LYS A 85 -1.02 1.21 -7.73
N TYR A 86 -1.78 0.31 -7.12
CA TYR A 86 -1.89 0.28 -5.67
C TYR A 86 -1.20 -0.95 -5.09
N GLY A 87 -1.02 -0.91 -3.77
CA GLY A 87 -0.38 -2.03 -3.08
C GLY A 87 -0.75 -2.03 -1.60
N TYR A 88 -0.61 -3.20 -0.99
CA TYR A 88 -0.93 -3.37 0.41
C TYR A 88 0.34 -3.45 1.26
N VAL A 89 0.21 -3.06 2.52
CA VAL A 89 1.33 -3.10 3.44
C VAL A 89 0.84 -3.51 4.83
N LEU A 90 1.48 -4.55 5.36
CA LEU A 90 1.12 -5.05 6.67
C LEU A 90 1.75 -4.17 7.75
N ARG A 91 1.01 -3.99 8.84
CA ARG A 91 1.49 -3.17 9.94
C ARG A 91 2.82 -3.71 10.46
N SER A 92 3.05 -4.99 10.19
CA SER A 92 4.28 -5.64 10.63
C SER A 92 5.49 -4.79 10.24
N TYR A 93 5.61 -4.54 8.95
CA TYR A 93 6.71 -3.75 8.44
C TYR A 93 6.20 -2.48 7.76
N LEU A 94 5.96 -1.47 8.57
CA LEU A 94 5.46 -0.20 8.06
C LEU A 94 5.60 0.87 9.14
N ALA A 95 5.31 2.11 8.75
CA ALA A 95 5.39 3.23 9.67
C ALA A 95 4.13 3.26 10.55
N ASP A 96 4.13 4.18 11.51
CA ASP A 96 3.01 4.32 12.40
C ASP A 96 1.74 4.57 11.58
N GLU A 20 -0.23 0.83 -15.10
CA GLU A 20 -1.58 1.30 -15.37
C GLU A 20 -2.58 0.16 -15.20
N LYS A 21 -2.30 -0.94 -15.90
CA LYS A 21 -3.16 -2.11 -15.85
C LYS A 21 -3.16 -2.67 -14.43
N GLU A 22 -2.20 -2.20 -13.63
CA GLU A 22 -2.07 -2.65 -12.26
C GLU A 22 -3.29 -2.18 -11.44
N GLU A 23 -3.81 -1.02 -11.81
CA GLU A 23 -4.95 -0.45 -11.13
C GLU A 23 -6.15 -1.39 -11.26
N LYS A 24 -6.29 -1.96 -12.44
CA LYS A 24 -7.39 -2.88 -12.71
C LYS A 24 -7.17 -4.18 -11.93
N ASP A 25 -5.91 -4.51 -11.75
CA ASP A 25 -5.54 -5.72 -11.03
C ASP A 25 -5.81 -5.52 -9.54
N PHE A 26 -5.62 -4.28 -9.11
CA PHE A 26 -5.84 -3.94 -7.71
C PHE A 26 -7.30 -4.14 -7.31
N ARG A 27 -8.18 -3.53 -8.10
CA ARG A 27 -9.61 -3.63 -7.85
C ARG A 27 -10.06 -5.09 -7.88
N LYS A 28 -9.35 -5.87 -8.69
CA LYS A 28 -9.67 -7.28 -8.84
C LYS A 28 -9.67 -7.93 -7.45
N LYS A 29 -8.53 -7.84 -6.79
CA LYS A 29 -8.38 -8.42 -5.45
C LYS A 29 -8.91 -7.42 -4.42
N PHE A 30 -8.72 -6.15 -4.71
CA PHE A 30 -9.17 -5.10 -3.81
C PHE A 30 -10.62 -4.70 -4.11
N LYS A 31 -11.35 -5.66 -4.65
CA LYS A 31 -12.76 -5.43 -4.99
C LYS A 31 -13.37 -4.50 -3.94
N TYR A 32 -12.53 -3.98 -3.08
CA TYR A 32 -12.98 -3.07 -2.03
C TYR A 32 -13.57 -1.79 -2.63
N ASP A 33 -14.82 -1.55 -2.28
CA ASP A 33 -15.52 -0.37 -2.77
C ASP A 33 -15.52 0.71 -1.67
N GLY A 34 -14.58 1.64 -1.80
CA GLY A 34 -14.46 2.71 -0.84
C GLY A 34 -13.95 3.99 -1.50
N GLU A 35 -13.62 4.96 -0.66
CA GLU A 35 -13.11 6.23 -1.15
C GLU A 35 -11.58 6.28 -1.03
N ILE A 36 -10.92 5.86 -2.09
CA ILE A 36 -9.47 5.86 -2.11
C ILE A 36 -8.95 7.29 -2.11
N ARG A 37 -8.39 7.69 -0.98
CA ARG A 37 -7.86 9.04 -0.84
C ARG A 37 -6.76 9.06 0.24
N VAL A 38 -5.56 9.44 -0.19
CA VAL A 38 -4.44 9.50 0.72
C VAL A 38 -4.67 10.63 1.73
N LEU A 39 -5.09 10.21 2.93
CA LEU A 39 -5.37 11.17 3.99
C LEU A 39 -4.10 11.37 4.82
N TYR A 40 -3.50 10.25 5.20
CA TYR A 40 -2.28 10.29 6.00
C TYR A 40 -1.17 9.45 5.35
N SER A 41 -0.43 10.11 4.47
CA SER A 41 0.67 9.44 3.77
C SER A 41 1.82 9.18 4.74
N THR A 42 2.04 7.91 5.04
CA THR A 42 3.11 7.52 5.94
C THR A 42 4.39 7.23 5.15
N LYS A 43 5.50 7.25 5.88
CA LYS A 43 6.79 6.99 5.27
C LYS A 43 7.20 5.54 5.55
N VAL A 44 7.76 4.92 4.52
CA VAL A 44 8.20 3.54 4.64
C VAL A 44 9.44 3.47 5.51
N THR A 45 9.35 2.67 6.57
CA THR A 45 10.46 2.52 7.49
C THR A 45 11.52 1.58 6.91
N THR A 46 12.77 2.01 7.03
CA THR A 46 13.88 1.22 6.51
C THR A 46 13.71 -0.25 6.88
N SER A 47 12.85 -0.48 7.87
CA SER A 47 12.59 -1.83 8.33
C SER A 47 11.38 -2.41 7.60
N ILE A 48 10.99 -1.73 6.54
CA ILE A 48 9.84 -2.16 5.75
C ILE A 48 10.21 -3.44 4.99
N THR A 49 9.20 -4.01 4.34
CA THR A 49 9.41 -5.23 3.58
C THR A 49 10.25 -4.95 2.33
N SER A 50 11.40 -5.62 2.27
CA SER A 50 12.29 -5.45 1.14
C SER A 50 12.48 -6.78 0.42
N LYS A 51 12.31 -7.85 1.17
CA LYS A 51 12.46 -9.19 0.61
C LYS A 51 11.06 -9.81 0.42
N LYS A 52 10.25 -9.70 1.46
CA LYS A 52 8.90 -10.24 1.42
C LYS A 52 8.07 -9.45 0.42
N TRP A 53 7.49 -10.16 -0.54
CA TRP A 53 6.67 -9.54 -1.56
C TRP A 53 5.53 -10.50 -1.89
N GLY A 54 4.32 -9.98 -1.79
CA GLY A 54 3.14 -10.77 -2.08
C GLY A 54 2.37 -10.20 -3.27
N THR A 55 1.54 -11.05 -3.87
CA THR A 55 0.75 -10.65 -5.01
C THR A 55 -0.10 -9.43 -4.67
N ARG A 56 -0.58 -9.41 -3.44
CA ARG A 56 -1.40 -8.31 -2.97
C ARG A 56 -0.56 -7.28 -2.23
N ASP A 57 0.75 -7.49 -2.29
CA ASP A 57 1.69 -6.59 -1.62
C ASP A 57 2.37 -5.72 -2.68
N LEU A 58 2.94 -4.62 -2.21
CA LEU A 58 3.64 -3.71 -3.09
C LEU A 58 5.14 -4.00 -3.07
N GLN A 59 5.79 -3.70 -4.17
CA GLN A 59 7.22 -3.93 -4.29
C GLN A 59 7.99 -2.71 -3.78
N VAL A 60 7.39 -2.03 -2.82
CA VAL A 60 8.02 -0.85 -2.24
C VAL A 60 9.30 -1.25 -1.52
N LYS A 61 10.16 -0.27 -1.31
CA LYS A 61 11.43 -0.51 -0.64
C LYS A 61 11.42 0.19 0.72
N PRO A 62 12.26 -0.35 1.65
CA PRO A 62 12.35 0.22 2.98
C PRO A 62 13.16 1.51 2.97
N GLY A 63 12.58 2.54 3.60
CA GLY A 63 13.22 3.83 3.68
C GLY A 63 12.65 4.78 2.62
N GLU A 64 11.57 4.35 2.00
CA GLU A 64 10.93 5.15 0.97
C GLU A 64 9.64 5.80 1.52
N SER A 65 9.07 6.67 0.72
CA SER A 65 7.85 7.36 1.11
C SER A 65 6.77 7.16 0.06
N LEU A 66 5.60 6.73 0.52
CA LEU A 66 4.48 6.50 -0.37
C LEU A 66 3.19 7.00 0.29
N GLU A 67 2.16 7.15 -0.53
CA GLU A 67 0.88 7.63 -0.04
C GLU A 67 0.14 6.50 0.69
N VAL A 68 -0.38 6.84 1.86
CA VAL A 68 -1.12 5.86 2.65
C VAL A 68 -2.62 6.12 2.51
N ILE A 69 -3.35 5.06 2.19
CA ILE A 69 -4.78 5.16 2.03
C ILE A 69 -5.47 4.86 3.36
N GLN A 70 -6.55 4.10 3.28
CA GLN A 70 -7.31 3.73 4.46
C GLN A 70 -6.85 2.37 4.98
N THR A 71 -7.09 2.15 6.28
CA THR A 71 -6.71 0.90 6.90
C THR A 71 -7.55 -0.25 6.35
N THR A 72 -6.85 -1.24 5.82
CA THR A 72 -7.52 -2.41 5.26
C THR A 72 -8.46 -3.03 6.29
N ASP A 73 -7.86 -3.71 7.26
CA ASP A 73 -8.62 -4.35 8.31
C ASP A 73 -8.51 -3.54 9.59
N ASP A 74 -7.52 -3.89 10.40
CA ASP A 74 -7.30 -3.20 11.66
C ASP A 74 -5.92 -2.55 11.63
N THR A 75 -4.91 -3.38 11.41
CA THR A 75 -3.53 -2.90 11.36
C THR A 75 -2.94 -3.13 9.97
N LYS A 76 -3.45 -2.38 9.01
CA LYS A 76 -2.98 -2.49 7.64
C LYS A 76 -3.29 -1.20 6.89
N VAL A 77 -2.27 -0.69 6.21
CA VAL A 77 -2.42 0.53 5.44
C VAL A 77 -2.06 0.27 3.98
N LEU A 78 -2.98 0.64 3.10
CA LEU A 78 -2.78 0.45 1.68
C LEU A 78 -2.07 1.68 1.09
N CYS A 79 -0.94 1.42 0.46
CA CYS A 79 -0.16 2.49 -0.15
C CYS A 79 -0.65 2.68 -1.58
N ARG A 80 -0.38 3.87 -2.10
CA ARG A 80 -0.78 4.20 -3.47
C ARG A 80 0.38 4.85 -4.21
N ASN A 81 0.45 4.56 -5.50
CA ASN A 81 1.49 5.11 -6.34
C ASN A 81 0.88 6.11 -7.34
N GLU A 82 1.56 7.24 -7.48
CA GLU A 82 1.09 8.27 -8.39
C GLU A 82 0.88 7.70 -9.80
N GLU A 83 1.51 6.55 -10.03
CA GLU A 83 1.41 5.89 -11.32
C GLU A 83 0.05 5.18 -11.44
N GLY A 84 -0.71 5.22 -10.35
CA GLY A 84 -2.02 4.60 -10.33
C GLY A 84 -1.90 3.13 -9.91
N LYS A 85 -0.80 2.82 -9.23
CA LYS A 85 -0.57 1.46 -8.76
C LYS A 85 -0.78 1.41 -7.25
N TYR A 86 -1.68 0.51 -6.85
CA TYR A 86 -1.98 0.35 -5.43
C TYR A 86 -1.37 -0.95 -4.89
N GLY A 87 -1.13 -0.94 -3.59
CA GLY A 87 -0.56 -2.12 -2.94
C GLY A 87 -0.87 -2.12 -1.44
N TYR A 88 -0.76 -3.30 -0.84
CA TYR A 88 -1.04 -3.45 0.58
C TYR A 88 0.26 -3.54 1.38
N VAL A 89 0.17 -3.16 2.64
CA VAL A 89 1.32 -3.19 3.52
C VAL A 89 0.88 -3.61 4.93
N LEU A 90 1.53 -4.66 5.43
CA LEU A 90 1.21 -5.17 6.74
C LEU A 90 1.86 -4.27 7.81
N ARG A 91 1.14 -4.09 8.90
CA ARG A 91 1.62 -3.26 9.99
C ARG A 91 2.97 -3.79 10.49
N SER A 92 3.22 -5.05 10.21
CA SER A 92 4.45 -5.68 10.63
C SER A 92 5.65 -4.81 10.22
N TYR A 93 5.75 -4.58 8.93
CA TYR A 93 6.83 -3.78 8.39
C TYR A 93 6.29 -2.52 7.70
N LEU A 94 6.04 -1.51 8.51
CA LEU A 94 5.52 -0.25 8.00
C LEU A 94 5.66 0.84 9.07
N ALA A 95 5.36 2.06 8.67
CA ALA A 95 5.45 3.19 9.59
C ALA A 95 4.21 3.22 10.47
N ASP A 96 4.22 4.13 11.43
CA ASP A 96 3.10 4.28 12.34
C ASP A 96 1.82 4.53 11.55
N GLU A 20 -3.95 0.80 -18.24
CA GLU A 20 -4.94 1.15 -17.23
C GLU A 20 -5.37 -0.10 -16.45
N LYS A 21 -4.83 -1.22 -16.88
CA LYS A 21 -5.15 -2.49 -16.24
C LYS A 21 -4.61 -2.47 -14.80
N GLU A 22 -3.77 -1.49 -14.53
CA GLU A 22 -3.18 -1.36 -13.20
C GLU A 22 -4.27 -1.12 -12.16
N GLU A 23 -5.21 -0.27 -12.52
CA GLU A 23 -6.32 0.05 -11.63
C GLU A 23 -7.27 -1.15 -11.50
N LYS A 24 -7.44 -1.83 -12.63
CA LYS A 24 -8.32 -2.99 -12.65
C LYS A 24 -7.67 -4.14 -11.88
N ASP A 25 -6.35 -4.22 -12.02
CA ASP A 25 -5.59 -5.27 -11.34
C ASP A 25 -5.79 -5.14 -9.83
N PHE A 26 -5.71 -3.89 -9.36
CA PHE A 26 -5.88 -3.62 -7.94
C PHE A 26 -7.32 -3.87 -7.50
N ARG A 27 -8.24 -3.27 -8.24
CA ARG A 27 -9.66 -3.42 -7.94
C ARG A 27 -10.06 -4.90 -8.00
N LYS A 28 -9.36 -5.64 -8.84
CA LYS A 28 -9.62 -7.06 -9.01
C LYS A 28 -9.58 -7.75 -7.64
N LYS A 29 -8.42 -7.64 -7.01
CA LYS A 29 -8.23 -8.24 -5.69
C LYS A 29 -8.76 -7.29 -4.62
N PHE A 30 -8.64 -6.00 -4.90
CA PHE A 30 -9.10 -4.99 -3.97
C PHE A 30 -10.57 -4.65 -4.21
N LYS A 31 -11.30 -5.64 -4.70
CA LYS A 31 -12.71 -5.46 -4.98
C LYS A 31 -13.32 -4.51 -3.93
N TYR A 32 -12.45 -3.96 -3.11
CA TYR A 32 -12.88 -3.04 -2.07
C TYR A 32 -13.50 -1.78 -2.68
N ASP A 33 -14.75 -1.53 -2.31
CA ASP A 33 -15.46 -0.37 -2.80
C ASP A 33 -15.45 0.73 -1.73
N GLY A 34 -14.51 1.66 -1.89
CA GLY A 34 -14.38 2.75 -0.96
C GLY A 34 -13.87 4.02 -1.66
N GLU A 35 -13.52 5.01 -0.85
CA GLU A 35 -13.02 6.26 -1.37
C GLU A 35 -11.50 6.33 -1.23
N ILE A 36 -10.82 5.90 -2.29
CA ILE A 36 -9.37 5.90 -2.30
C ILE A 36 -8.86 7.35 -2.25
N ARG A 37 -8.32 7.71 -1.09
CA ARG A 37 -7.81 9.06 -0.90
C ARG A 37 -6.73 9.06 0.20
N VAL A 38 -5.52 9.41 -0.21
CA VAL A 38 -4.41 9.46 0.72
C VAL A 38 -4.65 10.57 1.74
N LEU A 39 -5.12 10.16 2.91
CA LEU A 39 -5.39 11.10 3.98
C LEU A 39 -4.15 11.25 4.85
N TYR A 40 -3.59 10.12 5.23
CA TYR A 40 -2.40 10.12 6.06
C TYR A 40 -1.29 9.28 5.43
N SER A 41 -0.51 9.94 4.59
CA SER A 41 0.59 9.28 3.91
C SER A 41 1.73 8.98 4.89
N THR A 42 1.90 7.70 5.19
CA THR A 42 2.94 7.28 6.11
C THR A 42 4.27 7.12 5.38
N LYS A 43 5.35 7.15 6.16
CA LYS A 43 6.68 7.01 5.60
C LYS A 43 7.19 5.59 5.86
N VAL A 44 7.77 5.01 4.82
CA VAL A 44 8.31 3.66 4.92
C VAL A 44 9.62 3.69 5.71
N THR A 45 9.64 2.92 6.79
CA THR A 45 10.82 2.84 7.63
C THR A 45 11.90 1.98 6.97
N THR A 46 13.03 1.87 7.64
CA THR A 46 14.13 1.08 7.14
C THR A 46 13.92 -0.40 7.44
N SER A 47 12.98 -0.65 8.34
CA SER A 47 12.67 -2.02 8.73
C SER A 47 11.44 -2.51 7.96
N ILE A 48 11.10 -1.76 6.92
CA ILE A 48 9.95 -2.12 6.10
C ILE A 48 10.26 -3.39 5.31
N THR A 49 9.24 -3.90 4.64
CA THR A 49 9.39 -5.11 3.85
C THR A 49 10.25 -4.83 2.62
N SER A 50 11.39 -5.50 2.57
CA SER A 50 12.31 -5.34 1.45
C SER A 50 12.50 -6.67 0.73
N LYS A 51 12.32 -7.75 1.47
CA LYS A 51 12.46 -9.08 0.91
C LYS A 51 11.07 -9.68 0.68
N LYS A 52 10.24 -9.58 1.71
CA LYS A 52 8.89 -10.11 1.63
C LYS A 52 8.08 -9.28 0.62
N TRP A 53 7.52 -9.98 -0.35
CA TRP A 53 6.73 -9.33 -1.38
C TRP A 53 5.58 -10.26 -1.75
N GLY A 54 4.37 -9.71 -1.74
CA GLY A 54 3.18 -10.47 -2.07
C GLY A 54 2.48 -9.89 -3.30
N THR A 55 1.67 -10.73 -3.93
CA THR A 55 0.94 -10.31 -5.11
C THR A 55 0.10 -9.08 -4.81
N ARG A 56 -0.43 -9.04 -3.59
CA ARG A 56 -1.25 -7.92 -3.16
C ARG A 56 -0.41 -6.90 -2.40
N ASP A 57 0.90 -7.15 -2.39
CA ASP A 57 1.82 -6.25 -1.70
C ASP A 57 2.56 -5.41 -2.73
N LEU A 58 3.16 -4.33 -2.23
CA LEU A 58 3.91 -3.42 -3.09
C LEU A 58 5.40 -3.75 -3.01
N GLN A 59 6.12 -3.42 -4.07
CA GLN A 59 7.54 -3.68 -4.12
C GLN A 59 8.31 -2.49 -3.56
N VAL A 60 7.68 -1.82 -2.60
CA VAL A 60 8.30 -0.66 -1.97
C VAL A 60 9.56 -1.10 -1.22
N LYS A 61 10.41 -0.13 -0.93
CA LYS A 61 11.65 -0.41 -0.22
C LYS A 61 11.61 0.31 1.14
N PRO A 62 12.45 -0.23 2.08
CA PRO A 62 12.52 0.33 3.41
C PRO A 62 13.30 1.65 3.41
N GLY A 63 12.70 2.67 4.01
CA GLY A 63 13.33 3.98 4.08
C GLY A 63 12.75 4.91 3.02
N GLU A 64 11.66 4.47 2.39
CA GLU A 64 11.02 5.26 1.37
C GLU A 64 9.72 5.86 1.89
N SER A 65 9.14 6.74 1.10
CA SER A 65 7.89 7.40 1.47
C SER A 65 6.85 7.21 0.38
N LEU A 66 5.67 6.77 0.80
CA LEU A 66 4.58 6.54 -0.13
C LEU A 66 3.27 7.03 0.49
N GLU A 67 2.27 7.19 -0.37
CA GLU A 67 0.97 7.65 0.09
C GLU A 67 0.19 6.50 0.73
N VAL A 68 -0.39 6.79 1.88
CA VAL A 68 -1.16 5.80 2.61
C VAL A 68 -2.65 6.07 2.41
N ILE A 69 -3.37 5.01 2.06
CA ILE A 69 -4.80 5.13 1.84
C ILE A 69 -5.54 4.81 3.15
N GLN A 70 -6.63 4.07 3.00
CA GLN A 70 -7.43 3.69 4.16
C GLN A 70 -7.01 2.30 4.67
N THR A 71 -7.30 2.07 5.93
CA THR A 71 -6.96 0.79 6.55
C THR A 71 -7.80 -0.34 5.94
N THR A 72 -7.10 -1.34 5.41
CA THR A 72 -7.77 -2.47 4.79
C THR A 72 -8.75 -3.10 5.78
N ASP A 73 -8.19 -3.83 6.74
CA ASP A 73 -9.00 -4.50 7.74
C ASP A 73 -8.90 -3.73 9.06
N ASP A 74 -7.94 -4.14 9.87
CA ASP A 74 -7.72 -3.51 11.16
C ASP A 74 -6.33 -2.87 11.19
N THR A 75 -5.33 -3.71 10.96
CA THR A 75 -3.95 -3.25 10.95
C THR A 75 -3.33 -3.44 9.57
N LYS A 76 -3.82 -2.66 8.61
CA LYS A 76 -3.33 -2.74 7.25
C LYS A 76 -3.58 -1.41 6.54
N VAL A 77 -2.54 -0.88 5.93
CA VAL A 77 -2.64 0.38 5.22
C VAL A 77 -2.23 0.16 3.76
N LEU A 78 -3.12 0.58 2.87
CA LEU A 78 -2.87 0.44 1.44
C LEU A 78 -2.11 1.67 0.94
N CYS A 79 -0.94 1.41 0.37
CA CYS A 79 -0.12 2.48 -0.15
C CYS A 79 -0.45 2.68 -1.63
N ARG A 80 -0.20 3.89 -2.12
CA ARG A 80 -0.47 4.22 -3.50
C ARG A 80 0.69 5.02 -4.09
N ASN A 81 0.98 4.74 -5.36
CA ASN A 81 2.04 5.44 -6.06
C ASN A 81 1.48 6.16 -7.28
N GLU A 82 2.11 7.27 -7.61
CA GLU A 82 1.68 8.06 -8.75
C GLU A 82 1.62 7.19 -10.01
N GLU A 83 2.28 6.04 -9.93
CA GLU A 83 2.32 5.12 -11.04
C GLU A 83 0.90 4.68 -11.42
N GLY A 84 -0.04 5.05 -10.56
CA GLY A 84 -1.43 4.71 -10.79
C GLY A 84 -1.72 3.26 -10.39
N LYS A 85 -0.83 2.74 -9.55
CA LYS A 85 -0.97 1.36 -9.09
C LYS A 85 -1.12 1.37 -7.57
N TYR A 86 -1.89 0.40 -7.07
CA TYR A 86 -2.11 0.27 -5.65
C TYR A 86 -1.56 -1.05 -5.11
N GLY A 87 -1.30 -1.05 -3.81
CA GLY A 87 -0.75 -2.24 -3.17
C GLY A 87 -1.05 -2.23 -1.67
N TYR A 88 -0.98 -3.41 -1.07
CA TYR A 88 -1.24 -3.55 0.35
C TYR A 88 0.07 -3.72 1.12
N VAL A 89 0.03 -3.32 2.39
CA VAL A 89 1.20 -3.42 3.25
C VAL A 89 0.76 -3.79 4.67
N LEU A 90 1.36 -4.85 5.18
CA LEU A 90 1.04 -5.31 6.52
C LEU A 90 1.61 -4.33 7.54
N ARG A 91 0.85 -4.11 8.61
CA ARG A 91 1.27 -3.22 9.66
C ARG A 91 2.60 -3.67 10.25
N SER A 92 2.91 -4.94 10.04
CA SER A 92 4.15 -5.52 10.55
C SER A 92 5.33 -4.59 10.22
N TYR A 93 5.49 -4.34 8.93
CA TYR A 93 6.56 -3.48 8.47
C TYR A 93 6.02 -2.22 7.81
N LEU A 94 5.72 -1.23 8.64
CA LEU A 94 5.19 0.03 8.16
C LEU A 94 5.36 1.10 9.23
N ALA A 95 4.95 2.31 8.89
CA ALA A 95 5.04 3.43 9.82
C ALA A 95 3.78 3.48 10.68
N ASP A 96 3.79 4.42 11.62
CA ASP A 96 2.65 4.59 12.51
C ASP A 96 1.37 4.72 11.68
N GLU A 20 -0.31 0.79 -16.19
CA GLU A 20 -1.42 1.36 -15.45
C GLU A 20 -2.64 0.43 -15.48
N LYS A 21 -2.39 -0.79 -15.93
CA LYS A 21 -3.44 -1.79 -16.02
C LYS A 21 -3.62 -2.46 -14.65
N GLU A 22 -2.65 -2.20 -13.78
CA GLU A 22 -2.70 -2.77 -12.44
C GLU A 22 -3.94 -2.29 -11.70
N GLU A 23 -4.43 -1.14 -12.12
CA GLU A 23 -5.61 -0.55 -11.50
C GLU A 23 -6.81 -1.50 -11.65
N LYS A 24 -6.91 -2.09 -12.82
CA LYS A 24 -8.00 -3.02 -13.11
C LYS A 24 -7.78 -4.31 -12.32
N ASP A 25 -6.50 -4.65 -12.15
CA ASP A 25 -6.14 -5.86 -11.42
C ASP A 25 -6.29 -5.61 -9.92
N PHE A 26 -6.08 -4.35 -9.53
CA PHE A 26 -6.20 -3.98 -8.13
C PHE A 26 -7.61 -4.24 -7.61
N ARG A 27 -8.58 -3.69 -8.33
CA ARG A 27 -9.97 -3.85 -7.95
C ARG A 27 -10.36 -5.33 -7.94
N LYS A 28 -9.69 -6.09 -8.80
CA LYS A 28 -9.95 -7.51 -8.89
C LYS A 28 -9.80 -8.15 -7.51
N LYS A 29 -8.61 -7.98 -6.94
CA LYS A 29 -8.33 -8.52 -5.63
C LYS A 29 -8.81 -7.55 -4.56
N PHE A 30 -8.69 -6.27 -4.87
CA PHE A 30 -9.12 -5.24 -3.95
C PHE A 30 -10.60 -4.89 -4.14
N LYS A 31 -11.34 -5.88 -4.62
CA LYS A 31 -12.76 -5.69 -4.87
C LYS A 31 -13.34 -4.77 -3.79
N TYR A 32 -12.45 -4.22 -2.98
CA TYR A 32 -12.86 -3.33 -1.91
C TYR A 32 -13.51 -2.07 -2.47
N ASP A 33 -14.75 -1.84 -2.05
CA ASP A 33 -15.49 -0.68 -2.49
C ASP A 33 -15.42 0.41 -1.42
N GLY A 34 -14.51 1.35 -1.63
CA GLY A 34 -14.33 2.45 -0.68
C GLY A 34 -13.86 3.71 -1.40
N GLU A 35 -13.48 4.70 -0.60
CA GLU A 35 -13.00 5.95 -1.14
C GLU A 35 -11.48 6.02 -1.07
N ILE A 36 -10.83 5.60 -2.15
CA ILE A 36 -9.38 5.61 -2.21
C ILE A 36 -8.88 7.05 -2.18
N ARG A 37 -8.29 7.41 -1.06
CA ARG A 37 -7.76 8.75 -0.87
C ARG A 37 -6.62 8.75 0.13
N VAL A 38 -5.64 9.60 -0.13
CA VAL A 38 -4.49 9.70 0.75
C VAL A 38 -4.70 10.85 1.74
N LEU A 39 -5.09 10.48 2.94
CA LEU A 39 -5.34 11.46 3.99
C LEU A 39 -4.07 11.65 4.82
N TYR A 40 -3.48 10.53 5.19
CA TYR A 40 -2.26 10.56 5.99
C TYR A 40 -1.16 9.72 5.33
N SER A 41 -0.39 10.40 4.48
CA SER A 41 0.70 9.74 3.78
C SER A 41 1.84 9.43 4.75
N THR A 42 2.04 8.14 5.00
CA THR A 42 3.09 7.71 5.90
C THR A 42 4.37 7.40 5.12
N LYS A 43 5.48 7.40 5.85
CA LYS A 43 6.76 7.12 5.24
C LYS A 43 7.17 5.67 5.55
N VAL A 44 7.72 5.02 4.54
CA VAL A 44 8.14 3.64 4.67
C VAL A 44 9.38 3.58 5.58
N THR A 45 9.23 2.83 6.67
CA THR A 45 10.32 2.70 7.63
C THR A 45 11.39 1.74 7.08
N THR A 46 12.63 2.16 7.22
CA THR A 46 13.75 1.36 6.75
C THR A 46 13.56 -0.10 7.15
N SER A 47 12.67 -0.31 8.11
CA SER A 47 12.40 -1.66 8.59
C SER A 47 11.20 -2.24 7.84
N ILE A 48 10.85 -1.59 6.73
CA ILE A 48 9.73 -2.04 5.92
C ILE A 48 10.13 -3.32 5.19
N THR A 49 9.15 -3.90 4.51
CA THR A 49 9.38 -5.13 3.77
C THR A 49 10.25 -4.86 2.54
N SER A 50 11.38 -5.54 2.49
CA SER A 50 12.30 -5.38 1.39
C SER A 50 12.49 -6.72 0.65
N LYS A 51 12.30 -7.80 1.41
CA LYS A 51 12.44 -9.13 0.85
C LYS A 51 11.05 -9.74 0.65
N LYS A 52 10.23 -9.62 1.68
CA LYS A 52 8.88 -10.15 1.63
C LYS A 52 8.06 -9.36 0.61
N TRP A 53 7.50 -10.08 -0.35
CA TRP A 53 6.70 -9.46 -1.38
C TRP A 53 5.55 -10.40 -1.73
N GLY A 54 4.35 -9.87 -1.69
CA GLY A 54 3.16 -10.65 -2.00
C GLY A 54 2.42 -10.08 -3.21
N THR A 55 1.61 -10.94 -3.82
CA THR A 55 0.85 -10.54 -4.99
C THR A 55 -0.01 -9.32 -4.68
N ARG A 56 -0.52 -9.29 -3.45
CA ARG A 56 -1.36 -8.19 -3.02
C ARG A 56 -0.53 -7.17 -2.24
N ASP A 57 0.77 -7.39 -2.25
CA ASP A 57 1.68 -6.49 -1.56
C ASP A 57 2.42 -5.61 -2.58
N LEU A 58 3.00 -4.54 -2.08
CA LEU A 58 3.73 -3.61 -2.94
C LEU A 58 5.22 -3.93 -2.87
N GLN A 59 5.90 -3.70 -3.99
CA GLN A 59 7.33 -3.96 -4.07
C GLN A 59 8.11 -2.73 -3.58
N VAL A 60 7.51 -2.01 -2.66
CA VAL A 60 8.14 -0.82 -2.10
C VAL A 60 9.42 -1.22 -1.36
N LYS A 61 10.27 -0.24 -1.15
CA LYS A 61 11.53 -0.47 -0.46
C LYS A 61 11.50 0.22 0.90
N PRO A 62 12.30 -0.33 1.85
CA PRO A 62 12.37 0.22 3.19
C PRO A 62 13.17 1.52 3.21
N GLY A 63 12.59 2.53 3.84
CA GLY A 63 13.24 3.83 3.93
C GLY A 63 12.71 4.79 2.87
N GLU A 64 11.65 4.36 2.20
CA GLU A 64 11.04 5.16 1.17
C GLU A 64 9.78 5.85 1.69
N SER A 65 9.24 6.76 0.88
CA SER A 65 8.05 7.48 1.26
C SER A 65 6.98 7.33 0.19
N LEU A 66 5.80 6.94 0.63
CA LEU A 66 4.68 6.75 -0.29
C LEU A 66 3.39 7.26 0.37
N GLU A 67 2.38 7.43 -0.46
CA GLU A 67 1.10 7.91 0.02
C GLU A 67 0.33 6.78 0.70
N VAL A 68 -0.26 7.11 1.85
CA VAL A 68 -1.03 6.14 2.61
C VAL A 68 -2.51 6.41 2.41
N ILE A 69 -3.24 5.34 2.09
CA ILE A 69 -4.67 5.45 1.87
C ILE A 69 -5.41 5.14 3.18
N GLN A 70 -6.48 4.39 3.05
CA GLN A 70 -7.28 4.02 4.21
C GLN A 70 -6.86 2.65 4.73
N THR A 71 -7.13 2.42 6.00
CA THR A 71 -6.78 1.16 6.63
C THR A 71 -7.63 0.02 6.05
N THR A 72 -6.93 -0.98 5.54
CA THR A 72 -7.59 -2.13 4.94
C THR A 72 -8.57 -2.75 5.93
N ASP A 73 -8.01 -3.47 6.90
CA ASP A 73 -8.82 -4.11 7.92
C ASP A 73 -8.70 -3.34 9.23
N ASP A 74 -7.74 -3.74 10.04
CA ASP A 74 -7.51 -3.08 11.32
C ASP A 74 -6.12 -2.46 11.33
N THR A 75 -5.12 -3.30 11.09
CA THR A 75 -3.75 -2.84 11.08
C THR A 75 -3.13 -3.05 9.69
N LYS A 76 -3.62 -2.28 8.74
CA LYS A 76 -3.14 -2.38 7.37
C LYS A 76 -3.39 -1.06 6.64
N VAL A 77 -2.35 -0.55 6.02
CA VAL A 77 -2.45 0.70 5.29
C VAL A 77 -2.07 0.47 3.82
N LEU A 78 -2.97 0.87 2.94
CA LEU A 78 -2.74 0.71 1.51
C LEU A 78 -2.04 1.95 0.97
N CYS A 79 -0.87 1.71 0.39
CA CYS A 79 -0.08 2.79 -0.18
C CYS A 79 -0.46 2.95 -1.65
N ARG A 80 -0.21 4.13 -2.18
CA ARG A 80 -0.51 4.42 -3.57
C ARG A 80 0.65 5.18 -4.22
N ASN A 81 0.89 4.84 -5.48
CA ASN A 81 1.97 5.48 -6.22
C ASN A 81 1.38 6.16 -7.47
N GLU A 82 1.96 7.31 -7.79
CA GLU A 82 1.51 8.07 -8.96
C GLU A 82 1.54 7.18 -10.20
N GLU A 83 2.22 6.05 -10.08
CA GLU A 83 2.33 5.12 -11.19
C GLU A 83 0.94 4.64 -11.62
N GLY A 84 -0.04 4.96 -10.79
CA GLY A 84 -1.41 4.58 -11.08
C GLY A 84 -1.70 3.16 -10.59
N LYS A 85 -0.83 2.69 -9.69
CA LYS A 85 -0.98 1.35 -9.13
C LYS A 85 -1.03 1.44 -7.61
N TYR A 86 -1.73 0.49 -7.01
CA TYR A 86 -1.86 0.45 -5.57
C TYR A 86 -1.21 -0.80 -4.99
N GLY A 87 -1.01 -0.77 -3.68
CA GLY A 87 -0.40 -1.90 -3.00
C GLY A 87 -0.76 -1.91 -1.51
N TYR A 88 -0.63 -3.08 -0.90
CA TYR A 88 -0.95 -3.23 0.51
C TYR A 88 0.34 -3.34 1.33
N VAL A 89 0.24 -2.89 2.58
CA VAL A 89 1.37 -2.94 3.49
C VAL A 89 0.90 -3.39 4.87
N LEU A 90 1.54 -4.45 5.36
CA LEU A 90 1.20 -5.00 6.66
C LEU A 90 1.79 -4.11 7.75
N ARG A 91 1.03 -3.95 8.82
CA ARG A 91 1.47 -3.13 9.94
C ARG A 91 2.81 -3.64 10.49
N SER A 92 3.06 -4.92 10.22
CA SER A 92 4.29 -5.55 10.67
C SER A 92 5.49 -4.68 10.29
N TYR A 93 5.63 -4.47 8.98
CA TYR A 93 6.72 -3.67 8.46
C TYR A 93 6.20 -2.42 7.75
N LEU A 94 5.94 -1.39 8.55
CA LEU A 94 5.45 -0.13 8.01
C LEU A 94 5.58 0.96 9.08
N ALA A 95 5.27 2.18 8.66
CA ALA A 95 5.35 3.32 9.56
C ALA A 95 4.10 3.36 10.44
N ASP A 96 4.11 4.28 11.40
CA ASP A 96 3.00 4.42 12.31
C ASP A 96 1.72 4.68 11.50
N GLU A 20 -3.45 2.17 -17.44
CA GLU A 20 -4.76 2.39 -16.86
C GLU A 20 -5.30 1.09 -16.26
N LYS A 21 -5.09 0.00 -17.01
CA LYS A 21 -5.55 -1.30 -16.56
C LYS A 21 -4.83 -1.68 -15.27
N GLU A 22 -3.78 -0.92 -14.97
CA GLU A 22 -3.00 -1.16 -13.78
C GLU A 22 -3.87 -1.01 -12.52
N GLU A 23 -4.74 -0.02 -12.57
CA GLU A 23 -5.63 0.25 -11.45
C GLU A 23 -6.66 -0.88 -11.32
N LYS A 24 -6.99 -1.48 -12.46
CA LYS A 24 -7.96 -2.56 -12.47
C LYS A 24 -7.36 -3.78 -11.75
N ASP A 25 -6.06 -3.91 -11.85
CA ASP A 25 -5.36 -5.00 -11.21
C ASP A 25 -5.59 -4.94 -9.70
N PHE A 26 -5.48 -3.73 -9.17
CA PHE A 26 -5.67 -3.52 -7.75
C PHE A 26 -7.12 -3.77 -7.35
N ARG A 27 -8.03 -3.13 -8.07
CA ARG A 27 -9.44 -3.28 -7.79
C ARG A 27 -9.86 -4.74 -7.94
N LYS A 28 -9.15 -5.45 -8.80
CA LYS A 28 -9.43 -6.86 -9.03
C LYS A 28 -9.41 -7.60 -7.70
N LYS A 29 -8.27 -7.54 -7.03
CA LYS A 29 -8.11 -8.19 -5.75
C LYS A 29 -8.67 -7.30 -4.64
N PHE A 30 -8.54 -5.99 -4.88
CA PHE A 30 -9.03 -5.02 -3.91
C PHE A 30 -10.51 -4.70 -4.13
N LYS A 31 -11.22 -5.70 -4.64
CA LYS A 31 -12.63 -5.54 -4.90
C LYS A 31 -13.26 -4.65 -3.83
N TYR A 32 -12.39 -4.09 -2.99
CA TYR A 32 -12.83 -3.21 -1.93
C TYR A 32 -13.49 -1.95 -2.49
N ASP A 33 -14.74 -1.74 -2.10
CA ASP A 33 -15.48 -0.59 -2.55
C ASP A 33 -15.48 0.48 -1.46
N GLY A 34 -14.58 1.44 -1.61
CA GLY A 34 -14.46 2.51 -0.64
C GLY A 34 -13.99 3.81 -1.31
N GLU A 35 -13.66 4.79 -0.49
CA GLU A 35 -13.19 6.07 -0.98
C GLU A 35 -11.68 6.17 -0.85
N ILE A 36 -10.99 5.78 -1.91
CA ILE A 36 -9.54 5.83 -1.92
C ILE A 36 -9.08 7.29 -1.90
N ARG A 37 -8.53 7.68 -0.76
CA ARG A 37 -8.04 9.04 -0.59
C ARG A 37 -6.92 9.08 0.44
N VAL A 38 -5.73 9.44 -0.03
CA VAL A 38 -4.57 9.53 0.84
C VAL A 38 -4.77 10.67 1.83
N LEU A 39 -5.16 10.30 3.04
CA LEU A 39 -5.38 11.28 4.08
C LEU A 39 -4.10 11.46 4.91
N TYR A 40 -3.53 10.32 5.29
CA TYR A 40 -2.31 10.32 6.07
C TYR A 40 -1.23 9.48 5.40
N SER A 41 -0.45 10.14 4.55
CA SER A 41 0.62 9.46 3.84
C SER A 41 1.77 9.16 4.80
N THR A 42 1.95 7.88 5.09
CA THR A 42 3.01 7.45 5.99
C THR A 42 4.31 7.22 5.21
N LYS A 43 5.41 7.26 5.94
CA LYS A 43 6.72 7.06 5.32
C LYS A 43 7.23 5.67 5.70
N VAL A 44 7.80 4.99 4.71
CA VAL A 44 8.33 3.67 4.92
C VAL A 44 9.62 3.76 5.74
N THR A 45 9.81 2.79 6.62
CA THR A 45 10.98 2.76 7.47
C THR A 45 12.06 1.88 6.84
N THR A 46 13.18 1.77 7.55
CA THR A 46 14.28 0.97 7.07
C THR A 46 14.04 -0.52 7.39
N SER A 47 13.22 -0.74 8.40
CA SER A 47 12.90 -2.09 8.82
C SER A 47 11.65 -2.59 8.08
N ILE A 48 11.29 -1.85 7.04
CA ILE A 48 10.13 -2.20 6.24
C ILE A 48 10.43 -3.46 5.43
N THR A 49 9.40 -3.98 4.79
CA THR A 49 9.53 -5.18 3.99
C THR A 49 10.36 -4.88 2.73
N SER A 50 11.50 -5.55 2.65
CA SER A 50 12.39 -5.37 1.51
C SER A 50 12.55 -6.70 0.76
N LYS A 51 12.40 -7.78 1.50
CA LYS A 51 12.52 -9.11 0.91
C LYS A 51 11.12 -9.70 0.71
N LYS A 52 10.31 -9.60 1.75
CA LYS A 52 8.95 -10.11 1.70
C LYS A 52 8.13 -9.28 0.72
N TRP A 53 7.57 -9.97 -0.26
CA TRP A 53 6.75 -9.31 -1.27
C TRP A 53 5.60 -10.25 -1.63
N GLY A 54 4.40 -9.68 -1.65
CA GLY A 54 3.21 -10.44 -1.97
C GLY A 54 2.54 -9.90 -3.25
N THR A 55 1.75 -10.76 -3.86
CA THR A 55 1.05 -10.39 -5.08
C THR A 55 0.19 -9.14 -4.85
N ARG A 56 -0.38 -9.08 -3.65
CA ARG A 56 -1.22 -7.95 -3.29
C ARG A 56 -0.42 -6.93 -2.48
N ASP A 57 0.88 -7.17 -2.41
CA ASP A 57 1.76 -6.28 -1.68
C ASP A 57 2.56 -5.42 -2.66
N LEU A 58 3.12 -4.35 -2.15
CA LEU A 58 3.90 -3.44 -2.97
C LEU A 58 5.38 -3.78 -2.84
N GLN A 59 6.11 -3.53 -3.92
CA GLN A 59 7.54 -3.81 -3.94
C GLN A 59 8.32 -2.60 -3.44
N VAL A 60 7.71 -1.88 -2.50
CA VAL A 60 8.34 -0.71 -1.94
C VAL A 60 9.63 -1.11 -1.22
N LYS A 61 10.50 -0.13 -1.03
CA LYS A 61 11.77 -0.37 -0.36
C LYS A 61 11.75 0.28 1.02
N PRO A 62 12.63 -0.24 1.91
CA PRO A 62 12.72 0.29 3.26
C PRO A 62 13.44 1.65 3.29
N GLY A 63 12.76 2.62 3.87
CA GLY A 63 13.32 3.96 3.97
C GLY A 63 12.73 4.88 2.89
N GLU A 64 11.66 4.39 2.27
CA GLU A 64 11.00 5.15 1.23
C GLU A 64 9.72 5.80 1.78
N SER A 65 9.12 6.64 0.96
CA SER A 65 7.90 7.33 1.34
C SER A 65 6.84 7.18 0.26
N LEU A 66 5.66 6.77 0.69
CA LEU A 66 4.55 6.59 -0.24
C LEU A 66 3.26 7.09 0.40
N GLU A 67 2.24 7.25 -0.43
CA GLU A 67 0.95 7.73 0.04
C GLU A 67 0.19 6.60 0.72
N VAL A 68 -0.38 6.92 1.87
CA VAL A 68 -1.14 5.94 2.63
C VAL A 68 -2.64 6.22 2.46
N ILE A 69 -3.37 5.18 2.14
CA ILE A 69 -4.81 5.30 1.94
C ILE A 69 -5.53 4.99 3.25
N GLN A 70 -6.60 4.23 3.15
CA GLN A 70 -7.38 3.85 4.31
C GLN A 70 -6.93 2.48 4.83
N THR A 71 -7.20 2.24 6.10
CA THR A 71 -6.84 0.99 6.73
C THR A 71 -7.66 -0.17 6.14
N THR A 72 -6.95 -1.15 5.62
CA THR A 72 -7.60 -2.31 5.03
C THR A 72 -8.55 -2.95 6.04
N ASP A 73 -7.97 -3.64 7.00
CA ASP A 73 -8.75 -4.31 8.03
C ASP A 73 -8.66 -3.51 9.33
N ASP A 74 -7.69 -3.88 10.16
CA ASP A 74 -7.49 -3.21 11.43
C ASP A 74 -6.11 -2.54 11.43
N THR A 75 -5.09 -3.35 11.21
CA THR A 75 -3.72 -2.86 11.19
C THR A 75 -3.10 -3.08 9.82
N LYS A 76 -3.60 -2.33 8.84
CA LYS A 76 -3.10 -2.43 7.48
C LYS A 76 -3.41 -1.13 6.73
N VAL A 77 -2.38 -0.59 6.11
CA VAL A 77 -2.51 0.64 5.35
C VAL A 77 -2.15 0.39 3.90
N LEU A 78 -3.05 0.77 3.02
CA LEU A 78 -2.83 0.58 1.58
C LEU A 78 -2.12 1.81 1.03
N CYS A 79 -0.96 1.58 0.44
CA CYS A 79 -0.17 2.65 -0.14
C CYS A 79 -0.57 2.80 -1.62
N ARG A 80 -0.32 3.98 -2.15
CA ARG A 80 -0.65 4.27 -3.53
C ARG A 80 0.52 4.98 -4.22
N ASN A 81 0.73 4.64 -5.48
CA ASN A 81 1.81 5.24 -6.25
C ASN A 81 1.21 5.94 -7.47
N GLU A 82 1.78 7.11 -7.77
CA GLU A 82 1.31 7.90 -8.90
C GLU A 82 1.37 7.05 -10.18
N GLU A 83 2.07 5.93 -10.08
CA GLU A 83 2.21 5.04 -11.23
C GLU A 83 0.83 4.57 -11.70
N GLY A 84 -0.18 4.86 -10.89
CA GLY A 84 -1.54 4.48 -11.21
C GLY A 84 -1.84 3.07 -10.71
N LYS A 85 -0.98 2.60 -9.81
CA LYS A 85 -1.15 1.27 -9.24
C LYS A 85 -1.19 1.38 -7.72
N TYR A 86 -1.82 0.39 -7.09
CA TYR A 86 -1.92 0.36 -5.65
C TYR A 86 -1.25 -0.87 -5.07
N GLY A 87 -1.06 -0.86 -3.75
CA GLY A 87 -0.43 -1.97 -3.08
C GLY A 87 -0.80 -1.98 -1.58
N TYR A 88 -0.67 -3.15 -0.99
CA TYR A 88 -0.99 -3.32 0.42
C TYR A 88 0.28 -3.42 1.26
N VAL A 89 0.16 -2.99 2.51
CA VAL A 89 1.30 -3.03 3.43
C VAL A 89 0.81 -3.49 4.81
N LEU A 90 1.46 -4.53 5.31
CA LEU A 90 1.11 -5.07 6.61
C LEU A 90 1.67 -4.15 7.71
N ARG A 91 0.90 -4.04 8.78
CA ARG A 91 1.31 -3.20 9.90
C ARG A 91 2.68 -3.63 10.42
N SER A 92 3.02 -4.88 10.12
CA SER A 92 4.30 -5.43 10.55
C SER A 92 5.43 -4.47 10.18
N TYR A 93 5.53 -4.21 8.88
CA TYR A 93 6.56 -3.30 8.38
C TYR A 93 5.94 -2.08 7.72
N LEU A 94 5.56 -1.12 8.55
CA LEU A 94 4.96 0.10 8.05
C LEU A 94 4.99 1.16 9.16
N ALA A 95 5.18 2.41 8.73
CA ALA A 95 5.24 3.51 9.68
C ALA A 95 3.97 3.51 10.54
N ASP A 96 3.94 4.41 11.51
CA ASP A 96 2.81 4.52 12.41
C ASP A 96 1.55 4.75 11.58
N GLU A 20 -0.51 1.66 -16.01
CA GLU A 20 -1.64 2.12 -15.23
C GLU A 20 -2.77 1.09 -15.27
N LYS A 21 -2.43 -0.09 -15.77
CA LYS A 21 -3.41 -1.15 -15.87
C LYS A 21 -3.49 -1.89 -14.53
N GLU A 22 -2.51 -1.64 -13.69
CA GLU A 22 -2.47 -2.26 -12.37
C GLU A 22 -3.64 -1.79 -11.53
N GLU A 23 -4.14 -0.60 -11.86
CA GLU A 23 -5.26 -0.03 -11.13
C GLU A 23 -6.48 -0.94 -11.26
N LYS A 24 -6.69 -1.46 -12.46
CA LYS A 24 -7.81 -2.35 -12.72
C LYS A 24 -7.58 -3.67 -11.99
N ASP A 25 -6.31 -4.02 -11.85
CA ASP A 25 -5.95 -5.27 -11.19
C ASP A 25 -6.15 -5.11 -9.68
N PHE A 26 -5.95 -3.89 -9.21
CA PHE A 26 -6.12 -3.60 -7.79
C PHE A 26 -7.56 -3.80 -7.36
N ARG A 27 -8.46 -3.17 -8.10
CA ARG A 27 -9.89 -3.27 -7.80
C ARG A 27 -10.34 -4.73 -7.87
N LYS A 28 -9.67 -5.48 -8.72
CA LYS A 28 -9.99 -6.89 -8.89
C LYS A 28 -9.95 -7.59 -7.53
N LYS A 29 -8.80 -7.51 -6.90
CA LYS A 29 -8.62 -8.13 -5.59
C LYS A 29 -9.12 -7.17 -4.51
N PHE A 30 -8.99 -5.88 -4.78
CA PHE A 30 -9.42 -4.86 -3.84
C PHE A 30 -10.90 -4.52 -4.06
N LYS A 31 -11.64 -5.51 -4.52
CA LYS A 31 -13.06 -5.33 -4.76
C LYS A 31 -13.64 -4.36 -3.72
N TYR A 32 -12.74 -3.80 -2.92
CA TYR A 32 -13.15 -2.87 -1.89
C TYR A 32 -13.74 -1.60 -2.50
N ASP A 33 -14.98 -1.31 -2.12
CA ASP A 33 -15.67 -0.13 -2.62
C ASP A 33 -15.61 0.97 -1.56
N GLY A 34 -14.66 1.88 -1.74
CA GLY A 34 -14.50 2.98 -0.81
C GLY A 34 -13.96 4.22 -1.53
N GLU A 35 -13.57 5.21 -0.73
CA GLU A 35 -13.05 6.44 -1.27
C GLU A 35 -11.53 6.48 -1.14
N ILE A 36 -10.85 6.02 -2.18
CA ILE A 36 -9.40 5.99 -2.19
C ILE A 36 -8.87 7.43 -2.20
N ARG A 37 -8.31 7.82 -1.07
CA ARG A 37 -7.76 9.16 -0.93
C ARG A 37 -6.67 9.17 0.15
N VAL A 38 -5.47 9.52 -0.28
CA VAL A 38 -4.33 9.58 0.64
C VAL A 38 -4.56 10.70 1.65
N LEU A 39 -5.03 10.30 2.83
CA LEU A 39 -5.30 11.25 3.89
C LEU A 39 -4.05 11.40 4.76
N TYR A 40 -3.49 10.25 5.13
CA TYR A 40 -2.29 10.24 5.97
C TYR A 40 -1.19 9.41 5.32
N SER A 41 -0.39 10.08 4.50
CA SER A 41 0.70 9.41 3.82
C SER A 41 1.84 9.12 4.80
N THR A 42 2.01 7.84 5.09
CA THR A 42 3.05 7.41 6.02
C THR A 42 4.36 7.15 5.26
N LYS A 43 5.45 7.20 6.01
CA LYS A 43 6.76 6.97 5.44
C LYS A 43 7.23 5.55 5.79
N VAL A 44 7.81 4.89 4.80
CA VAL A 44 8.30 3.54 4.99
C VAL A 44 9.58 3.58 5.83
N THR A 45 9.75 2.54 6.65
CA THR A 45 10.91 2.45 7.51
C THR A 45 12.00 1.61 6.85
N THR A 46 13.12 1.49 7.55
CA THR A 46 14.24 0.71 7.04
C THR A 46 14.01 -0.78 7.26
N SER A 47 13.20 -1.08 8.27
CA SER A 47 12.90 -2.45 8.61
C SER A 47 11.63 -2.90 7.86
N ILE A 48 11.25 -2.11 6.87
CA ILE A 48 10.08 -2.41 6.08
C ILE A 48 10.36 -3.64 5.21
N THR A 49 9.31 -4.11 4.56
CA THR A 49 9.43 -5.28 3.69
C THR A 49 10.24 -4.93 2.44
N SER A 50 11.38 -5.61 2.30
CA SER A 50 12.25 -5.38 1.17
C SER A 50 12.40 -6.67 0.36
N LYS A 51 12.25 -7.79 1.05
CA LYS A 51 12.37 -9.08 0.41
C LYS A 51 10.97 -9.67 0.20
N LYS A 52 10.17 -9.61 1.25
CA LYS A 52 8.81 -10.13 1.19
C LYS A 52 7.97 -9.26 0.25
N TRP A 53 7.40 -9.90 -0.75
CA TRP A 53 6.58 -9.19 -1.72
C TRP A 53 5.42 -10.11 -2.11
N GLY A 54 4.22 -9.55 -2.04
CA GLY A 54 3.03 -10.30 -2.38
C GLY A 54 2.29 -9.66 -3.56
N THR A 55 1.46 -10.46 -4.21
CA THR A 55 0.69 -9.99 -5.34
C THR A 55 -0.15 -8.77 -4.96
N ARG A 56 -0.65 -8.81 -3.73
CA ARG A 56 -1.46 -7.73 -3.22
C ARG A 56 -0.61 -6.76 -2.38
N ASP A 57 0.69 -7.00 -2.42
CA ASP A 57 1.62 -6.16 -1.67
C ASP A 57 2.33 -5.22 -2.64
N LEU A 58 2.93 -4.18 -2.07
CA LEU A 58 3.67 -3.21 -2.87
C LEU A 58 5.16 -3.55 -2.86
N GLN A 59 5.81 -3.22 -3.96
CA GLN A 59 7.24 -3.49 -4.09
C GLN A 59 8.05 -2.31 -3.54
N VAL A 60 7.47 -1.66 -2.54
CA VAL A 60 8.13 -0.53 -1.91
C VAL A 60 9.42 -1.00 -1.24
N LYS A 61 10.31 -0.04 -0.99
CA LYS A 61 11.57 -0.35 -0.35
C LYS A 61 11.61 0.27 1.04
N PRO A 62 12.50 -0.30 1.91
CA PRO A 62 12.63 0.19 3.27
C PRO A 62 13.38 1.53 3.30
N GLY A 63 12.73 2.51 3.90
CA GLY A 63 13.32 3.83 4.00
C GLY A 63 12.75 4.78 2.95
N GLU A 64 11.65 4.36 2.35
CA GLU A 64 11.00 5.14 1.32
C GLU A 64 9.73 5.78 1.87
N SER A 65 9.16 6.68 1.08
CA SER A 65 7.95 7.36 1.46
C SER A 65 6.92 7.31 0.32
N LEU A 66 5.72 6.89 0.67
CA LEU A 66 4.65 6.80 -0.31
C LEU A 66 3.34 7.25 0.33
N GLU A 67 2.33 7.41 -0.52
CA GLU A 67 1.01 7.84 -0.05
C GLU A 67 0.28 6.67 0.59
N VAL A 68 -0.32 6.95 1.75
CA VAL A 68 -1.05 5.93 2.48
C VAL A 68 -2.56 6.20 2.34
N ILE A 69 -3.29 5.13 2.05
CA ILE A 69 -4.74 5.23 1.89
C ILE A 69 -5.41 4.95 3.23
N GLN A 70 -6.52 4.22 3.16
CA GLN A 70 -7.27 3.88 4.35
C GLN A 70 -6.89 2.48 4.83
N THR A 71 -7.15 2.24 6.11
CA THR A 71 -6.83 0.95 6.70
C THR A 71 -7.74 -0.14 6.13
N THR A 72 -7.11 -1.21 5.66
CA THR A 72 -7.84 -2.32 5.08
C THR A 72 -8.80 -2.93 6.12
N ASP A 73 -8.22 -3.68 7.04
CA ASP A 73 -9.01 -4.32 8.08
C ASP A 73 -8.80 -3.57 9.41
N ASP A 74 -7.83 -4.05 10.17
CA ASP A 74 -7.51 -3.44 11.45
C ASP A 74 -6.08 -2.90 11.42
N THR A 75 -5.15 -3.79 11.12
CA THR A 75 -3.75 -3.43 11.06
C THR A 75 -3.23 -3.59 9.63
N LYS A 76 -3.72 -2.74 8.75
CA LYS A 76 -3.32 -2.78 7.36
C LYS A 76 -3.60 -1.42 6.71
N VAL A 77 -2.57 -0.90 6.04
CA VAL A 77 -2.69 0.38 5.37
C VAL A 77 -2.34 0.22 3.89
N LEU A 78 -3.27 0.63 3.04
CA LEU A 78 -3.07 0.55 1.61
C LEU A 78 -2.42 1.83 1.11
N CYS A 79 -1.26 1.66 0.50
CA CYS A 79 -0.52 2.80 -0.03
C CYS A 79 -0.79 2.89 -1.53
N ARG A 80 -0.52 4.06 -2.08
CA ARG A 80 -0.73 4.29 -3.50
C ARG A 80 0.47 5.02 -4.11
N ASN A 81 0.78 4.67 -5.34
CA ASN A 81 1.90 5.28 -6.04
C ASN A 81 1.39 5.98 -7.30
N GLU A 82 2.01 7.11 -7.60
CA GLU A 82 1.62 7.89 -8.77
C GLU A 82 1.66 7.02 -10.02
N GLU A 83 2.29 5.86 -9.88
CA GLU A 83 2.41 4.93 -10.99
C GLU A 83 1.02 4.51 -11.47
N GLY A 84 0.02 4.85 -10.67
CA GLY A 84 -1.35 4.50 -11.01
C GLY A 84 -1.68 3.08 -10.58
N LYS A 85 -0.89 2.57 -9.64
CA LYS A 85 -1.08 1.22 -9.14
C LYS A 85 -1.25 1.27 -7.62
N TYR A 86 -2.03 0.33 -7.11
CA TYR A 86 -2.28 0.25 -5.68
C TYR A 86 -1.70 -1.05 -5.10
N GLY A 87 -1.44 -1.00 -3.80
CA GLY A 87 -0.90 -2.16 -3.11
C GLY A 87 -1.19 -2.09 -1.62
N TYR A 88 -1.11 -3.26 -0.98
CA TYR A 88 -1.36 -3.35 0.45
C TYR A 88 -0.06 -3.46 1.23
N VAL A 89 -0.10 -3.00 2.48
CA VAL A 89 1.06 -3.05 3.34
C VAL A 89 0.66 -3.58 4.71
N LEU A 90 1.33 -4.64 5.12
CA LEU A 90 1.05 -5.27 6.41
C LEU A 90 1.61 -4.38 7.52
N ARG A 91 0.87 -4.30 8.61
CA ARG A 91 1.27 -3.50 9.75
C ARG A 91 2.65 -3.95 10.24
N SER A 92 3.00 -5.18 9.90
CA SER A 92 4.29 -5.73 10.29
C SER A 92 5.41 -4.76 9.94
N TYR A 93 5.51 -4.46 8.65
CA TYR A 93 6.52 -3.54 8.17
C TYR A 93 5.90 -2.30 7.54
N LEU A 94 5.50 -1.37 8.41
CA LEU A 94 4.89 -0.14 7.96
C LEU A 94 4.89 0.87 9.10
N ALA A 95 5.13 2.13 8.73
CA ALA A 95 5.16 3.19 9.72
C ALA A 95 3.85 3.20 10.51
N ASP A 96 3.81 4.07 11.51
CA ASP A 96 2.63 4.18 12.34
C ASP A 96 1.40 4.47 11.46
N GLU A 20 0.75 0.41 -14.45
CA GLU A 20 -0.48 1.15 -14.60
C GLU A 20 -1.68 0.21 -14.62
N LYS A 21 -1.53 -0.87 -15.39
CA LYS A 21 -2.59 -1.86 -15.51
C LYS A 21 -2.84 -2.49 -14.14
N GLU A 22 -1.93 -2.23 -13.23
CA GLU A 22 -2.03 -2.77 -11.87
C GLU A 22 -3.31 -2.26 -11.21
N GLU A 23 -3.76 -1.10 -11.66
CA GLU A 23 -4.96 -0.49 -11.11
C GLU A 23 -6.17 -1.40 -11.36
N LYS A 24 -6.20 -1.96 -12.57
CA LYS A 24 -7.30 -2.84 -12.94
C LYS A 24 -7.17 -4.16 -12.17
N ASP A 25 -5.93 -4.55 -11.91
CA ASP A 25 -5.66 -5.77 -11.17
C ASP A 25 -5.95 -5.54 -9.68
N PHE A 26 -5.70 -4.31 -9.26
CA PHE A 26 -5.92 -3.95 -7.87
C PHE A 26 -7.39 -4.12 -7.47
N ARG A 27 -8.25 -3.51 -8.27
CA ARG A 27 -9.68 -3.58 -8.02
C ARG A 27 -10.15 -5.03 -8.04
N LYS A 28 -9.46 -5.83 -8.86
CA LYS A 28 -9.80 -7.24 -8.98
C LYS A 28 -9.81 -7.89 -7.60
N LYS A 29 -8.67 -7.80 -6.93
CA LYS A 29 -8.53 -8.36 -5.60
C LYS A 29 -9.05 -7.36 -4.57
N PHE A 30 -8.86 -6.09 -4.86
CA PHE A 30 -9.30 -5.02 -3.98
C PHE A 30 -10.75 -4.62 -4.28
N LYS A 31 -11.50 -5.59 -4.82
CA LYS A 31 -12.88 -5.35 -5.15
C LYS A 31 -13.50 -4.40 -4.12
N TYR A 32 -12.64 -3.88 -3.25
CA TYR A 32 -13.09 -2.97 -2.22
C TYR A 32 -13.65 -1.68 -2.82
N ASP A 33 -14.92 -1.41 -2.50
CA ASP A 33 -15.58 -0.23 -3.01
C ASP A 33 -15.58 0.85 -1.92
N GLY A 34 -14.62 1.75 -2.02
CA GLY A 34 -14.50 2.84 -1.05
C GLY A 34 -13.94 4.10 -1.71
N GLU A 35 -13.62 5.07 -0.87
CA GLU A 35 -13.07 6.33 -1.35
C GLU A 35 -11.55 6.34 -1.20
N ILE A 36 -10.88 5.93 -2.27
CA ILE A 36 -9.43 5.89 -2.27
C ILE A 36 -8.89 7.32 -2.25
N ARG A 37 -8.34 7.70 -1.11
CA ARG A 37 -7.78 9.03 -0.95
C ARG A 37 -6.71 9.03 0.15
N VAL A 38 -5.52 9.42 -0.23
CA VAL A 38 -4.41 9.48 0.71
C VAL A 38 -4.66 10.58 1.74
N LEU A 39 -5.12 10.14 2.91
CA LEU A 39 -5.42 11.07 3.99
C LEU A 39 -4.17 11.26 4.84
N TYR A 40 -3.57 10.15 5.23
CA TYR A 40 -2.37 10.18 6.06
C TYR A 40 -1.26 9.34 5.44
N SER A 41 -0.48 9.98 4.57
CA SER A 41 0.61 9.29 3.90
C SER A 41 1.76 9.07 4.88
N THR A 42 1.97 7.81 5.22
CA THR A 42 3.03 7.44 6.14
C THR A 42 4.34 7.22 5.39
N LYS A 43 5.43 7.25 6.14
CA LYS A 43 6.75 7.05 5.56
C LYS A 43 7.22 5.62 5.85
N VAL A 44 7.80 5.01 4.83
CA VAL A 44 8.29 3.65 4.95
C VAL A 44 9.57 3.65 5.80
N THR A 45 9.61 2.72 6.75
CA THR A 45 10.76 2.61 7.63
C THR A 45 11.86 1.78 6.98
N THR A 46 13.09 2.27 7.09
CA THR A 46 14.22 1.59 6.51
C THR A 46 14.19 0.10 6.87
N SER A 47 13.31 -0.23 7.80
CA SER A 47 13.17 -1.60 8.25
C SER A 47 11.92 -2.23 7.63
N ILE A 48 11.40 -1.56 6.61
CA ILE A 48 10.21 -2.04 5.93
C ILE A 48 10.55 -3.31 5.15
N THR A 49 9.50 -3.89 4.57
CA THR A 49 9.68 -5.11 3.79
C THR A 49 10.46 -4.82 2.50
N SER A 50 11.60 -5.46 2.38
CA SER A 50 12.45 -5.29 1.21
C SER A 50 12.60 -6.62 0.47
N LYS A 51 12.47 -7.70 1.22
CA LYS A 51 12.58 -9.03 0.64
C LYS A 51 11.19 -9.64 0.49
N LYS A 52 10.41 -9.54 1.57
CA LYS A 52 9.06 -10.08 1.57
C LYS A 52 8.19 -9.26 0.61
N TRP A 53 7.59 -9.97 -0.33
CA TRP A 53 6.73 -9.32 -1.31
C TRP A 53 5.58 -10.28 -1.62
N GLY A 54 4.37 -9.74 -1.55
CA GLY A 54 3.19 -10.53 -1.82
C GLY A 54 2.42 -9.97 -3.03
N THR A 55 1.59 -10.83 -3.61
CA THR A 55 0.81 -10.44 -4.76
C THR A 55 -0.04 -9.22 -4.44
N ARG A 56 -0.51 -9.18 -3.20
CA ARG A 56 -1.34 -8.07 -2.75
C ARG A 56 -0.49 -7.02 -2.03
N ASP A 57 0.83 -7.25 -2.06
CA ASP A 57 1.75 -6.34 -1.43
C ASP A 57 2.44 -5.49 -2.49
N LEU A 58 3.02 -4.38 -2.05
CA LEU A 58 3.71 -3.48 -2.95
C LEU A 58 5.21 -3.78 -2.91
N GLN A 59 5.87 -3.48 -4.02
CA GLN A 59 7.30 -3.71 -4.13
C GLN A 59 8.07 -2.49 -3.61
N VAL A 60 7.48 -1.82 -2.64
CA VAL A 60 8.09 -0.64 -2.06
C VAL A 60 9.39 -1.04 -1.36
N LYS A 61 10.24 -0.05 -1.16
CA LYS A 61 11.52 -0.29 -0.51
C LYS A 61 11.51 0.36 0.88
N PRO A 62 12.37 -0.20 1.78
CA PRO A 62 12.46 0.31 3.14
C PRO A 62 13.22 1.64 3.17
N GLY A 63 12.60 2.62 3.82
CA GLY A 63 13.21 3.93 3.93
C GLY A 63 12.64 4.89 2.89
N GLU A 64 11.57 4.44 2.24
CA GLU A 64 10.94 5.25 1.20
C GLU A 64 9.64 5.87 1.74
N SER A 65 9.06 6.73 0.94
CA SER A 65 7.83 7.40 1.33
C SER A 65 6.76 7.18 0.25
N LEU A 66 5.59 6.74 0.71
CA LEU A 66 4.48 6.49 -0.20
C LEU A 66 3.18 6.99 0.45
N GLU A 67 2.16 7.11 -0.39
CA GLU A 67 0.87 7.57 0.07
C GLU A 67 0.12 6.44 0.79
N VAL A 68 -0.40 6.75 1.96
CA VAL A 68 -1.14 5.78 2.74
C VAL A 68 -2.64 6.04 2.60
N ILE A 69 -3.37 4.98 2.26
CA ILE A 69 -4.81 5.09 2.09
C ILE A 69 -5.49 4.75 3.42
N GLN A 70 -6.58 3.99 3.30
CA GLN A 70 -7.34 3.60 4.48
C GLN A 70 -6.87 2.23 4.98
N THR A 71 -7.12 1.97 6.25
CA THR A 71 -6.74 0.70 6.85
C THR A 71 -7.57 -0.44 6.26
N THR A 72 -6.85 -1.42 5.72
CA THR A 72 -7.51 -2.58 5.13
C THR A 72 -8.46 -3.23 6.13
N ASP A 73 -7.88 -3.92 7.09
CA ASP A 73 -8.66 -4.60 8.11
C ASP A 73 -8.57 -3.82 9.42
N ASP A 74 -7.59 -4.18 10.22
CA ASP A 74 -7.39 -3.52 11.51
C ASP A 74 -6.02 -2.83 11.51
N THR A 75 -4.99 -3.63 11.28
CA THR A 75 -3.63 -3.12 11.24
C THR A 75 -3.01 -3.32 9.86
N LYS A 76 -3.53 -2.58 8.91
CA LYS A 76 -3.04 -2.67 7.55
C LYS A 76 -3.38 -1.37 6.79
N VAL A 77 -2.37 -0.81 6.16
CA VAL A 77 -2.54 0.43 5.41
C VAL A 77 -2.17 0.18 3.94
N LEU A 78 -3.09 0.57 3.06
CA LEU A 78 -2.87 0.39 1.64
C LEU A 78 -2.13 1.62 1.09
N CYS A 79 -1.00 1.35 0.45
CA CYS A 79 -0.21 2.42 -0.12
C CYS A 79 -0.67 2.67 -1.55
N ARG A 80 -0.38 3.86 -2.05
CA ARG A 80 -0.76 4.23 -3.40
C ARG A 80 0.41 4.89 -4.13
N ASN A 81 0.46 4.65 -5.43
CA ASN A 81 1.52 5.22 -6.25
C ASN A 81 0.92 6.24 -7.21
N GLU A 82 1.65 7.34 -7.39
CA GLU A 82 1.20 8.40 -8.28
C GLU A 82 0.90 7.83 -9.68
N GLU A 83 1.44 6.65 -9.92
CA GLU A 83 1.24 5.98 -11.21
C GLU A 83 -0.13 5.31 -11.24
N GLY A 84 -0.81 5.37 -10.10
CA GLY A 84 -2.13 4.77 -9.99
C GLY A 84 -2.03 3.30 -9.57
N LYS A 85 -0.88 2.95 -9.03
CA LYS A 85 -0.64 1.59 -8.59
C LYS A 85 -0.91 1.50 -7.08
N TYR A 86 -1.79 0.58 -6.73
CA TYR A 86 -2.14 0.38 -5.33
C TYR A 86 -1.64 -0.97 -4.82
N GLY A 87 -1.37 -1.02 -3.53
CA GLY A 87 -0.88 -2.24 -2.91
C GLY A 87 -1.13 -2.22 -1.40
N TYR A 88 -1.07 -3.40 -0.80
CA TYR A 88 -1.29 -3.54 0.62
C TYR A 88 0.04 -3.69 1.36
N VAL A 89 0.03 -3.30 2.63
CA VAL A 89 1.22 -3.38 3.46
C VAL A 89 0.82 -3.77 4.89
N LEU A 90 1.45 -4.82 5.37
CA LEU A 90 1.17 -5.30 6.72
C LEU A 90 1.78 -4.33 7.74
N ARG A 91 1.05 -4.13 8.82
CA ARG A 91 1.51 -3.24 9.88
C ARG A 91 2.87 -3.69 10.40
N SER A 92 3.18 -4.95 10.14
CA SER A 92 4.45 -5.52 10.57
C SER A 92 5.60 -4.56 10.23
N TYR A 93 5.71 -4.26 8.95
CA TYR A 93 6.76 -3.36 8.48
C TYR A 93 6.15 -2.10 7.86
N LEU A 94 5.85 -1.14 8.73
CA LEU A 94 5.27 0.11 8.29
C LEU A 94 5.42 1.15 9.40
N ALA A 95 4.99 2.37 9.09
CA ALA A 95 5.06 3.46 10.05
C ALA A 95 3.77 3.50 10.88
N ASP A 96 3.78 4.37 11.87
CA ASP A 96 2.62 4.52 12.74
C ASP A 96 1.38 4.82 11.88
N GLU A 20 -4.00 2.67 -17.70
CA GLU A 20 -5.04 2.90 -16.69
C GLU A 20 -5.70 1.58 -16.29
N LYS A 21 -5.22 0.50 -16.91
CA LYS A 21 -5.75 -0.81 -16.62
C LYS A 21 -5.08 -1.37 -15.36
N GLU A 22 -4.00 -0.71 -14.96
CA GLU A 22 -3.27 -1.12 -13.78
C GLU A 22 -4.15 -1.05 -12.54
N GLU A 23 -5.14 -0.17 -12.62
CA GLU A 23 -6.07 0.02 -11.51
C GLU A 23 -6.92 -1.24 -11.32
N LYS A 24 -7.18 -1.91 -12.43
CA LYS A 24 -7.98 -3.12 -12.40
C LYS A 24 -7.20 -4.22 -11.65
N ASP A 25 -5.90 -4.16 -11.77
CA ASP A 25 -5.03 -5.13 -11.12
C ASP A 25 -5.26 -5.07 -9.61
N PHE A 26 -5.41 -3.86 -9.11
CA PHE A 26 -5.64 -3.66 -7.69
C PHE A 26 -7.11 -3.86 -7.33
N ARG A 27 -7.97 -3.19 -8.10
CA ARG A 27 -9.40 -3.28 -7.87
C ARG A 27 -9.86 -4.74 -7.98
N LYS A 28 -9.24 -5.46 -8.90
CA LYS A 28 -9.57 -6.85 -9.12
C LYS A 28 -9.51 -7.60 -7.79
N LYS A 29 -8.34 -7.53 -7.16
CA LYS A 29 -8.15 -8.18 -5.88
C LYS A 29 -8.69 -7.30 -4.76
N PHE A 30 -8.53 -6.00 -4.96
CA PHE A 30 -9.00 -5.03 -3.97
C PHE A 30 -10.47 -4.66 -4.23
N LYS A 31 -11.20 -5.62 -4.77
CA LYS A 31 -12.61 -5.41 -5.05
C LYS A 31 -13.22 -4.52 -3.97
N TYR A 32 -12.35 -3.99 -3.13
CA TYR A 32 -12.79 -3.12 -2.04
C TYR A 32 -13.44 -1.85 -2.60
N ASP A 33 -14.69 -1.64 -2.21
CA ASP A 33 -15.42 -0.47 -2.65
C ASP A 33 -15.41 0.58 -1.54
N GLY A 34 -14.50 1.54 -1.69
CA GLY A 34 -14.37 2.60 -0.71
C GLY A 34 -13.90 3.90 -1.37
N GLU A 35 -13.55 4.87 -0.54
CA GLU A 35 -13.09 6.15 -1.02
C GLU A 35 -11.56 6.24 -0.91
N ILE A 36 -10.90 5.85 -1.99
CA ILE A 36 -9.45 5.89 -2.02
C ILE A 36 -8.98 7.34 -2.05
N ARG A 37 -8.40 7.77 -0.93
CA ARG A 37 -7.90 9.12 -0.81
C ARG A 37 -6.77 9.19 0.20
N VAL A 38 -5.68 9.83 -0.20
CA VAL A 38 -4.52 9.98 0.65
C VAL A 38 -4.82 11.00 1.75
N LEU A 39 -5.18 10.49 2.91
CA LEU A 39 -5.50 11.35 4.04
C LEU A 39 -4.24 11.54 4.89
N TYR A 40 -3.59 10.44 5.21
CA TYR A 40 -2.39 10.47 6.00
C TYR A 40 -1.27 9.65 5.36
N SER A 41 -0.52 10.32 4.48
CA SER A 41 0.58 9.67 3.79
C SER A 41 1.73 9.39 4.76
N THR A 42 1.92 8.11 5.04
CA THR A 42 2.99 7.70 5.95
C THR A 42 4.27 7.42 5.17
N LYS A 43 5.37 7.42 5.90
CA LYS A 43 6.67 7.15 5.31
C LYS A 43 7.08 5.71 5.59
N VAL A 44 7.63 5.07 4.58
CA VAL A 44 8.07 3.68 4.71
C VAL A 44 9.30 3.62 5.62
N THR A 45 9.15 2.89 6.71
CA THR A 45 10.25 2.75 7.67
C THR A 45 11.31 1.80 7.12
N THR A 46 12.56 2.22 7.24
CA THR A 46 13.67 1.42 6.77
C THR A 46 13.48 -0.05 7.15
N SER A 47 12.63 -0.26 8.16
CA SER A 47 12.35 -1.60 8.64
C SER A 47 11.17 -2.19 7.86
N ILE A 48 10.84 -1.53 6.77
CA ILE A 48 9.73 -1.98 5.94
C ILE A 48 10.13 -3.26 5.20
N THR A 49 9.16 -3.84 4.51
CA THR A 49 9.40 -5.07 3.77
C THR A 49 10.29 -4.78 2.55
N SER A 50 11.43 -5.44 2.51
CA SER A 50 12.36 -5.27 1.42
C SER A 50 12.57 -6.60 0.69
N LYS A 51 12.40 -7.68 1.45
CA LYS A 51 12.56 -9.02 0.90
C LYS A 51 11.19 -9.64 0.67
N LYS A 52 10.36 -9.54 1.70
CA LYS A 52 9.02 -10.10 1.64
C LYS A 52 8.19 -9.31 0.61
N TRP A 53 7.63 -10.04 -0.34
CA TRP A 53 6.82 -9.42 -1.38
C TRP A 53 5.69 -10.39 -1.72
N GLY A 54 4.48 -9.86 -1.72
CA GLY A 54 3.30 -10.65 -2.04
C GLY A 54 2.59 -10.12 -3.27
N THR A 55 1.79 -10.98 -3.88
CA THR A 55 1.05 -10.60 -5.07
C THR A 55 0.17 -9.39 -4.79
N ARG A 56 -0.35 -9.33 -3.57
CA ARG A 56 -1.20 -8.23 -3.16
C ARG A 56 -0.39 -7.18 -2.41
N ASP A 57 0.92 -7.39 -2.39
CA ASP A 57 1.82 -6.48 -1.71
C ASP A 57 2.53 -5.61 -2.74
N LEU A 58 3.10 -4.51 -2.26
CA LEU A 58 3.81 -3.59 -3.13
C LEU A 58 5.32 -3.89 -3.04
N GLN A 59 6.01 -3.60 -4.13
CA GLN A 59 7.44 -3.81 -4.20
C GLN A 59 8.19 -2.59 -3.68
N VAL A 60 7.56 -1.91 -2.72
CA VAL A 60 8.16 -0.73 -2.14
C VAL A 60 9.44 -1.11 -1.40
N LYS A 61 10.28 -0.13 -1.17
CA LYS A 61 11.54 -0.35 -0.47
C LYS A 61 11.50 0.34 0.89
N PRO A 62 12.32 -0.18 1.84
CA PRO A 62 12.38 0.38 3.17
C PRO A 62 13.15 1.69 3.18
N GLY A 63 12.54 2.70 3.79
CA GLY A 63 13.16 4.02 3.87
C GLY A 63 12.60 4.95 2.80
N GLU A 64 11.52 4.51 2.18
CA GLU A 64 10.88 5.29 1.13
C GLU A 64 9.59 5.92 1.66
N SER A 65 9.01 6.79 0.85
CA SER A 65 7.78 7.46 1.21
C SER A 65 6.72 7.25 0.13
N LEU A 66 5.54 6.83 0.58
CA LEU A 66 4.44 6.58 -0.34
C LEU A 66 3.14 7.11 0.28
N GLU A 67 2.12 7.19 -0.56
CA GLU A 67 0.82 7.67 -0.10
C GLU A 67 0.08 6.56 0.66
N VAL A 68 -0.44 6.94 1.81
CA VAL A 68 -1.18 5.99 2.64
C VAL A 68 -2.68 6.24 2.49
N ILE A 69 -3.38 5.17 2.15
CA ILE A 69 -4.83 5.25 1.96
C ILE A 69 -5.53 4.94 3.29
N GLN A 70 -6.60 4.18 3.19
CA GLN A 70 -7.36 3.81 4.36
C GLN A 70 -6.91 2.44 4.88
N THR A 71 -7.16 2.21 6.17
CA THR A 71 -6.79 0.96 6.78
C THR A 71 -7.62 -0.20 6.22
N THR A 72 -6.92 -1.18 5.69
CA THR A 72 -7.58 -2.34 5.11
C THR A 72 -8.52 -2.98 6.13
N ASP A 73 -7.93 -3.66 7.10
CA ASP A 73 -8.70 -4.32 8.13
C ASP A 73 -8.60 -3.50 9.43
N ASP A 74 -7.61 -3.86 10.24
CA ASP A 74 -7.40 -3.18 11.51
C ASP A 74 -6.03 -2.51 11.50
N THR A 75 -5.01 -3.34 11.27
CA THR A 75 -3.65 -2.84 11.23
C THR A 75 -3.04 -3.07 9.85
N LYS A 76 -3.54 -2.32 8.88
CA LYS A 76 -3.05 -2.43 7.52
C LYS A 76 -3.35 -1.14 6.76
N VAL A 77 -2.33 -0.62 6.10
CA VAL A 77 -2.48 0.62 5.34
C VAL A 77 -2.12 0.35 3.88
N LEU A 78 -3.03 0.74 3.00
CA LEU A 78 -2.83 0.55 1.58
C LEU A 78 -2.10 1.76 1.00
N CYS A 79 -0.95 1.50 0.39
CA CYS A 79 -0.15 2.56 -0.20
C CYS A 79 -0.56 2.71 -1.67
N ARG A 80 -0.31 3.89 -2.20
CA ARG A 80 -0.65 4.17 -3.58
C ARG A 80 0.52 4.89 -4.27
N ASN A 81 0.72 4.54 -5.54
CA ASN A 81 1.78 5.14 -6.32
C ASN A 81 1.18 5.83 -7.54
N GLU A 82 1.76 6.98 -7.88
CA GLU A 82 1.30 7.75 -9.02
C GLU A 82 1.34 6.89 -10.29
N GLU A 83 2.02 5.76 -10.17
CA GLU A 83 2.14 4.85 -11.30
C GLU A 83 0.76 4.36 -11.74
N GLY A 84 -0.24 4.68 -10.93
CA GLY A 84 -1.61 4.29 -11.22
C GLY A 84 -1.90 2.89 -10.68
N LYS A 85 -1.01 2.42 -9.83
CA LYS A 85 -1.15 1.10 -9.23
C LYS A 85 -1.18 1.23 -7.71
N TYR A 86 -1.77 0.23 -7.08
CA TYR A 86 -1.88 0.23 -5.62
C TYR A 86 -1.18 -1.01 -5.03
N GLY A 87 -0.99 -0.97 -3.73
CA GLY A 87 -0.34 -2.07 -3.03
C GLY A 87 -0.72 -2.09 -1.55
N TYR A 88 -0.56 -3.26 -0.95
CA TYR A 88 -0.88 -3.42 0.46
C TYR A 88 0.39 -3.50 1.31
N VAL A 89 0.25 -3.10 2.57
CA VAL A 89 1.38 -3.11 3.49
C VAL A 89 0.88 -3.54 4.87
N LEU A 90 1.53 -4.57 5.41
CA LEU A 90 1.17 -5.08 6.72
C LEU A 90 1.79 -4.18 7.80
N ARG A 91 1.04 -4.02 8.88
CA ARG A 91 1.50 -3.19 9.98
C ARG A 91 2.84 -3.70 10.51
N SER A 92 3.10 -4.96 10.24
CA SER A 92 4.34 -5.58 10.67
C SER A 92 5.53 -4.70 10.28
N TYR A 93 5.66 -4.48 8.98
CA TYR A 93 6.74 -3.66 8.46
C TYR A 93 6.20 -2.42 7.75
N LEU A 94 5.94 -1.40 8.56
CA LEU A 94 5.42 -0.15 8.04
C LEU A 94 5.52 0.94 9.11
N ALA A 95 5.21 2.16 8.71
CA ALA A 95 5.27 3.28 9.63
C ALA A 95 4.05 3.25 10.55
N ASP A 96 4.05 4.16 11.51
CA ASP A 96 2.96 4.24 12.47
C ASP A 96 1.64 4.43 11.71
N GLU A 20 0.25 0.69 -14.27
CA GLU A 20 -0.87 1.52 -14.69
C GLU A 20 -2.16 0.70 -14.66
N LYS A 21 -2.12 -0.46 -15.31
CA LYS A 21 -3.27 -1.33 -15.37
C LYS A 21 -3.47 -2.00 -14.00
N GLU A 22 -2.46 -1.85 -13.16
CA GLU A 22 -2.51 -2.44 -11.83
C GLU A 22 -3.70 -1.87 -11.04
N GLU A 23 -4.12 -0.67 -11.44
CA GLU A 23 -5.24 -0.02 -10.79
C GLU A 23 -6.50 -0.87 -10.91
N LYS A 24 -6.69 -1.43 -12.10
CA LYS A 24 -7.84 -2.27 -12.36
C LYS A 24 -7.67 -3.61 -11.65
N ASP A 25 -6.50 -4.20 -11.84
CA ASP A 25 -6.19 -5.48 -11.22
C ASP A 25 -6.33 -5.36 -9.71
N PHE A 26 -6.08 -4.14 -9.22
CA PHE A 26 -6.17 -3.88 -7.80
C PHE A 26 -7.59 -4.11 -7.28
N ARG A 27 -8.55 -3.56 -8.03
CA ARG A 27 -9.94 -3.70 -7.67
C ARG A 27 -10.34 -5.17 -7.60
N LYS A 28 -9.66 -5.97 -8.42
CA LYS A 28 -9.94 -7.39 -8.45
C LYS A 28 -9.83 -7.97 -7.04
N LYS A 29 -8.64 -7.83 -6.47
CA LYS A 29 -8.39 -8.33 -5.12
C LYS A 29 -8.89 -7.31 -4.10
N PHE A 30 -8.78 -6.04 -4.48
CA PHE A 30 -9.21 -4.96 -3.60
C PHE A 30 -10.68 -4.62 -3.85
N LYS A 31 -11.42 -5.62 -4.29
CA LYS A 31 -12.84 -5.44 -4.56
C LYS A 31 -13.43 -4.46 -3.55
N TYR A 32 -12.54 -3.88 -2.75
CA TYR A 32 -12.96 -2.92 -1.74
C TYR A 32 -13.56 -1.68 -2.39
N ASP A 33 -14.80 -1.39 -2.01
CA ASP A 33 -15.50 -0.23 -2.54
C ASP A 33 -15.47 0.90 -1.50
N GLY A 34 -14.52 1.80 -1.70
CA GLY A 34 -14.38 2.93 -0.79
C GLY A 34 -13.85 4.17 -1.53
N GLU A 35 -13.49 5.18 -0.75
CA GLU A 35 -12.96 6.41 -1.32
C GLU A 35 -11.44 6.44 -1.21
N ILE A 36 -10.79 5.97 -2.26
CA ILE A 36 -9.34 5.94 -2.30
C ILE A 36 -8.80 7.37 -2.28
N ARG A 37 -8.25 7.76 -1.14
CA ARG A 37 -7.69 9.09 -0.99
C ARG A 37 -6.61 9.10 0.08
N VAL A 38 -5.43 9.58 -0.30
CA VAL A 38 -4.31 9.65 0.60
C VAL A 38 -4.55 10.77 1.63
N LEU A 39 -5.01 10.36 2.79
CA LEU A 39 -5.28 11.31 3.86
C LEU A 39 -4.04 11.47 4.73
N TYR A 40 -3.47 10.34 5.11
CA TYR A 40 -2.27 10.34 5.93
C TYR A 40 -1.16 9.50 5.30
N SER A 41 -0.39 10.15 4.44
CA SER A 41 0.71 9.48 3.77
C SER A 41 1.85 9.19 4.76
N THR A 42 2.03 7.91 5.04
CA THR A 42 3.07 7.48 5.96
C THR A 42 4.38 7.24 5.21
N LYS A 43 5.47 7.30 5.96
CA LYS A 43 6.78 7.08 5.38
C LYS A 43 7.28 5.68 5.75
N VAL A 44 7.85 5.01 4.76
CA VAL A 44 8.36 3.67 4.97
C VAL A 44 9.65 3.74 5.79
N THR A 45 9.84 2.72 6.63
CA THR A 45 11.03 2.66 7.47
C THR A 45 12.11 1.81 6.81
N THR A 46 13.24 1.73 7.48
CA THR A 46 14.36 0.96 6.97
C THR A 46 14.15 -0.54 7.25
N SER A 47 13.35 -0.81 8.27
CA SER A 47 13.07 -2.19 8.64
C SER A 47 11.80 -2.67 7.92
N ILE A 48 11.40 -1.91 6.91
CA ILE A 48 10.22 -2.25 6.14
C ILE A 48 10.51 -3.49 5.30
N THR A 49 9.45 -3.99 4.67
CA THR A 49 9.57 -5.18 3.83
C THR A 49 10.37 -4.86 2.57
N SER A 50 11.51 -5.53 2.44
CA SER A 50 12.37 -5.32 1.29
C SER A 50 12.50 -6.62 0.50
N LYS A 51 12.38 -7.73 1.22
CA LYS A 51 12.48 -9.04 0.59
C LYS A 51 11.08 -9.63 0.44
N LYS A 52 10.31 -9.57 1.52
CA LYS A 52 8.95 -10.08 1.50
C LYS A 52 8.10 -9.25 0.57
N TRP A 53 7.49 -9.92 -0.40
CA TRP A 53 6.64 -9.25 -1.37
C TRP A 53 5.47 -10.18 -1.69
N GLY A 54 4.27 -9.63 -1.62
CA GLY A 54 3.07 -10.40 -1.90
C GLY A 54 2.32 -9.80 -3.10
N THR A 55 1.48 -10.64 -3.70
CA THR A 55 0.70 -10.22 -4.85
C THR A 55 -0.14 -8.99 -4.50
N ARG A 56 -0.61 -8.95 -3.25
CA ARG A 56 -1.42 -7.85 -2.79
C ARG A 56 -0.55 -6.84 -2.03
N ASP A 57 0.75 -7.08 -2.08
CA ASP A 57 1.70 -6.21 -1.41
C ASP A 57 2.40 -5.33 -2.44
N LEU A 58 2.99 -4.25 -1.96
CA LEU A 58 3.70 -3.32 -2.82
C LEU A 58 5.19 -3.65 -2.81
N GLN A 59 5.86 -3.32 -3.91
CA GLN A 59 7.28 -3.57 -4.03
C GLN A 59 8.07 -2.38 -3.50
N VAL A 60 7.50 -1.73 -2.50
CA VAL A 60 8.15 -0.57 -1.89
C VAL A 60 9.44 -1.02 -1.22
N LYS A 61 10.31 -0.04 -0.97
CA LYS A 61 11.58 -0.32 -0.34
C LYS A 61 11.61 0.33 1.05
N PRO A 62 12.51 -0.20 1.92
CA PRO A 62 12.65 0.31 3.27
C PRO A 62 13.39 1.66 3.26
N GLY A 63 12.75 2.65 3.86
CA GLY A 63 13.34 3.98 3.93
C GLY A 63 12.76 4.90 2.85
N GLU A 64 11.67 4.44 2.25
CA GLU A 64 11.00 5.21 1.22
C GLU A 64 9.72 5.85 1.76
N SER A 65 9.14 6.71 0.94
CA SER A 65 7.92 7.39 1.32
C SER A 65 6.87 7.25 0.22
N LEU A 66 5.68 6.84 0.62
CA LEU A 66 4.58 6.66 -0.32
C LEU A 66 3.28 7.16 0.31
N GLU A 67 2.28 7.32 -0.54
CA GLU A 67 0.98 7.78 -0.07
C GLU A 67 0.21 6.64 0.60
N VAL A 68 -0.34 6.94 1.76
CA VAL A 68 -1.09 5.96 2.52
C VAL A 68 -2.59 6.22 2.35
N ILE A 69 -3.31 5.17 2.01
CA ILE A 69 -4.75 5.27 1.81
C ILE A 69 -5.46 4.96 3.13
N GLN A 70 -6.54 4.19 3.02
CA GLN A 70 -7.31 3.81 4.19
C GLN A 70 -6.86 2.44 4.70
N THR A 71 -7.13 2.21 5.98
CA THR A 71 -6.76 0.96 6.61
C THR A 71 -7.57 -0.20 6.03
N THR A 72 -6.85 -1.18 5.50
CA THR A 72 -7.49 -2.34 4.91
C THR A 72 -8.45 -2.99 5.90
N ASP A 73 -7.86 -3.68 6.88
CA ASP A 73 -8.66 -4.35 7.89
C ASP A 73 -8.58 -3.55 9.20
N ASP A 74 -7.61 -3.92 10.03
CA ASP A 74 -7.41 -3.25 11.30
C ASP A 74 -6.03 -2.60 11.32
N THR A 75 -5.02 -3.42 11.10
CA THR A 75 -3.65 -2.92 11.09
C THR A 75 -3.02 -3.13 9.71
N LYS A 76 -3.51 -2.36 8.74
CA LYS A 76 -3.00 -2.45 7.39
C LYS A 76 -3.32 -1.16 6.64
N VAL A 77 -2.29 -0.60 6.02
CA VAL A 77 -2.45 0.64 5.27
C VAL A 77 -2.06 0.40 3.81
N LEU A 78 -2.97 0.75 2.92
CA LEU A 78 -2.73 0.59 1.49
C LEU A 78 -2.04 1.84 0.95
N CYS A 79 -0.86 1.62 0.38
CA CYS A 79 -0.09 2.71 -0.19
C CYS A 79 -0.43 2.82 -1.68
N ARG A 80 -0.24 4.02 -2.22
CA ARG A 80 -0.52 4.27 -3.62
C ARG A 80 0.61 5.09 -4.24
N ASN A 81 0.91 4.77 -5.49
CA ASN A 81 1.95 5.47 -6.22
C ASN A 81 1.36 6.13 -7.47
N GLU A 82 1.91 7.29 -7.80
CA GLU A 82 1.45 8.02 -8.97
C GLU A 82 1.47 7.12 -10.21
N GLU A 83 2.18 6.01 -10.09
CA GLU A 83 2.29 5.07 -11.18
C GLU A 83 0.90 4.56 -11.59
N GLY A 84 -0.07 4.87 -10.74
CA GLY A 84 -1.44 4.45 -10.99
C GLY A 84 -1.66 2.99 -10.55
N LYS A 85 -0.87 2.58 -9.58
CA LYS A 85 -0.96 1.23 -9.06
C LYS A 85 -1.19 1.28 -7.55
N TYR A 86 -1.95 0.31 -7.06
CA TYR A 86 -2.25 0.24 -5.64
C TYR A 86 -1.72 -1.07 -5.04
N GLY A 87 -1.46 -1.01 -3.74
CA GLY A 87 -0.95 -2.18 -3.03
C GLY A 87 -1.22 -2.06 -1.53
N TYR A 88 -1.15 -3.20 -0.86
CA TYR A 88 -1.38 -3.25 0.58
C TYR A 88 -0.06 -3.36 1.34
N VAL A 89 -0.08 -2.88 2.57
CA VAL A 89 1.09 -2.91 3.42
C VAL A 89 0.71 -3.43 4.80
N LEU A 90 1.42 -4.47 5.23
CA LEU A 90 1.15 -5.06 6.53
C LEU A 90 1.73 -4.15 7.63
N ARG A 91 1.01 -4.07 8.73
CA ARG A 91 1.43 -3.25 9.85
C ARG A 91 2.82 -3.67 10.33
N SER A 92 3.16 -4.92 10.02
CA SER A 92 4.45 -5.45 10.41
C SER A 92 5.56 -4.48 10.02
N TYR A 93 5.63 -4.19 8.73
CA TYR A 93 6.65 -3.27 8.22
C TYR A 93 5.99 -2.04 7.59
N LEU A 94 5.60 -1.11 8.44
CA LEU A 94 4.96 0.11 7.97
C LEU A 94 5.00 1.16 9.09
N ALA A 95 5.18 2.40 8.69
CA ALA A 95 5.23 3.50 9.65
C ALA A 95 3.96 3.49 10.50
N ASP A 96 3.93 4.38 11.47
CA ASP A 96 2.79 4.48 12.36
C ASP A 96 1.52 4.72 11.52
N GLU A 20 -6.70 2.43 -15.50
CA GLU A 20 -5.88 1.63 -16.38
C GLU A 20 -5.90 0.16 -15.95
N LYS A 21 -5.18 -0.65 -16.71
CA LYS A 21 -5.11 -2.07 -16.42
C LYS A 21 -4.45 -2.28 -15.04
N GLU A 22 -3.80 -1.22 -14.58
CA GLU A 22 -3.13 -1.27 -13.28
C GLU A 22 -4.15 -1.17 -12.15
N GLU A 23 -5.11 -0.27 -12.34
CA GLU A 23 -6.15 -0.06 -11.35
C GLU A 23 -7.09 -1.26 -11.30
N LYS A 24 -7.37 -1.81 -12.47
CA LYS A 24 -8.25 -2.96 -12.59
C LYS A 24 -7.62 -4.14 -11.82
N ASP A 25 -6.31 -4.23 -11.92
CA ASP A 25 -5.58 -5.31 -11.25
C ASP A 25 -5.77 -5.18 -9.75
N PHE A 26 -5.69 -3.94 -9.27
CA PHE A 26 -5.84 -3.67 -7.86
C PHE A 26 -7.28 -3.93 -7.41
N ARG A 27 -8.21 -3.32 -8.13
CA ARG A 27 -9.62 -3.48 -7.81
C ARG A 27 -10.02 -4.95 -7.89
N LYS A 28 -9.31 -5.68 -8.74
CA LYS A 28 -9.58 -7.10 -8.92
C LYS A 28 -9.53 -7.80 -7.57
N LYS A 29 -8.37 -7.70 -6.93
CA LYS A 29 -8.17 -8.32 -5.63
C LYS A 29 -8.70 -7.38 -4.54
N PHE A 30 -8.60 -6.09 -4.82
CA PHE A 30 -9.06 -5.09 -3.87
C PHE A 30 -10.55 -4.78 -4.06
N LYS A 31 -11.26 -5.80 -4.52
CA LYS A 31 -12.69 -5.66 -4.75
C LYS A 31 -13.29 -4.73 -3.69
N TYR A 32 -12.40 -4.14 -2.90
CA TYR A 32 -12.82 -3.24 -1.85
C TYR A 32 -13.48 -1.99 -2.43
N ASP A 33 -14.73 -1.76 -2.03
CA ASP A 33 -15.46 -0.61 -2.51
C ASP A 33 -15.43 0.49 -1.44
N GLY A 34 -14.52 1.44 -1.64
CA GLY A 34 -14.37 2.54 -0.71
C GLY A 34 -13.91 3.81 -1.42
N GLU A 35 -13.55 4.80 -0.63
CA GLU A 35 -13.08 6.07 -1.17
C GLU A 35 -11.56 6.16 -1.05
N ILE A 36 -10.88 5.73 -2.12
CA ILE A 36 -9.43 5.77 -2.15
C ILE A 36 -8.96 7.22 -2.15
N ARG A 37 -8.40 7.63 -1.02
CA ARG A 37 -7.91 8.99 -0.88
C ARG A 37 -6.81 9.04 0.17
N VAL A 38 -5.60 9.38 -0.28
CA VAL A 38 -4.47 9.48 0.61
C VAL A 38 -4.68 10.64 1.58
N LEU A 39 -5.12 10.29 2.79
CA LEU A 39 -5.37 11.29 3.81
C LEU A 39 -4.10 11.48 4.65
N TYR A 40 -3.52 10.36 5.06
CA TYR A 40 -2.31 10.39 5.86
C TYR A 40 -1.21 9.54 5.22
N SER A 41 -0.42 10.20 4.38
CA SER A 41 0.66 9.52 3.70
C SER A 41 1.82 9.27 4.67
N THR A 42 2.02 8.00 4.99
CA THR A 42 3.08 7.62 5.91
C THR A 42 4.37 7.33 5.14
N LYS A 43 5.48 7.38 5.86
CA LYS A 43 6.78 7.13 5.26
C LYS A 43 7.24 5.72 5.64
N VAL A 44 7.79 5.02 4.67
CA VAL A 44 8.28 3.67 4.88
C VAL A 44 9.54 3.73 5.74
N THR A 45 9.68 2.72 6.60
CA THR A 45 10.83 2.65 7.48
C THR A 45 11.93 1.78 6.86
N THR A 46 13.02 1.65 7.59
CA THR A 46 14.14 0.86 7.12
C THR A 46 13.89 -0.63 7.38
N SER A 47 13.06 -0.89 8.38
CA SER A 47 12.72 -2.26 8.75
C SER A 47 11.49 -2.72 7.96
N ILE A 48 11.16 -1.95 6.94
CA ILE A 48 10.01 -2.27 6.11
C ILE A 48 10.32 -3.51 5.28
N THR A 49 9.29 -4.01 4.60
CA THR A 49 9.44 -5.18 3.77
C THR A 49 10.29 -4.87 2.54
N SER A 50 11.43 -5.55 2.46
CA SER A 50 12.35 -5.35 1.35
C SER A 50 12.51 -6.66 0.57
N LYS A 51 12.33 -7.76 1.28
CA LYS A 51 12.46 -9.07 0.67
C LYS A 51 11.07 -9.66 0.43
N LYS A 52 10.24 -9.58 1.46
CA LYS A 52 8.89 -10.10 1.39
C LYS A 52 8.08 -9.24 0.41
N TRP A 53 7.52 -9.91 -0.60
CA TRP A 53 6.73 -9.23 -1.60
C TRP A 53 5.58 -10.16 -1.99
N GLY A 54 4.38 -9.60 -1.96
CA GLY A 54 3.18 -10.36 -2.31
C GLY A 54 2.48 -9.74 -3.52
N THR A 55 1.67 -10.56 -4.18
CA THR A 55 0.93 -10.11 -5.34
C THR A 55 0.08 -8.89 -4.99
N ARG A 56 -0.44 -8.89 -3.78
CA ARG A 56 -1.27 -7.80 -3.31
C ARG A 56 -0.44 -6.81 -2.49
N ASP A 57 0.87 -7.04 -2.49
CA ASP A 57 1.78 -6.18 -1.77
C ASP A 57 2.52 -5.27 -2.74
N LEU A 58 3.11 -4.22 -2.20
CA LEU A 58 3.85 -3.27 -3.02
C LEU A 58 5.35 -3.61 -2.96
N GLN A 59 6.03 -3.29 -4.05
CA GLN A 59 7.45 -3.55 -4.13
C GLN A 59 8.25 -2.37 -3.56
N VAL A 60 7.65 -1.71 -2.58
CA VAL A 60 8.29 -0.57 -1.95
C VAL A 60 9.56 -1.03 -1.24
N LYS A 61 10.43 -0.07 -0.98
CA LYS A 61 11.69 -0.35 -0.31
C LYS A 61 11.68 0.28 1.08
N PRO A 62 12.55 -0.28 1.98
CA PRO A 62 12.64 0.23 3.33
C PRO A 62 13.41 1.56 3.37
N GLY A 63 12.75 2.56 3.94
CA GLY A 63 13.35 3.88 4.06
C GLY A 63 12.81 4.82 2.98
N GLU A 64 11.73 4.38 2.34
CA GLU A 64 11.10 5.17 1.30
C GLU A 64 9.81 5.82 1.82
N SER A 65 9.25 6.69 1.00
CA SER A 65 8.03 7.38 1.36
C SER A 65 6.98 7.20 0.25
N LEU A 66 5.79 6.80 0.66
CA LEU A 66 4.71 6.60 -0.28
C LEU A 66 3.40 7.10 0.33
N GLU A 67 2.40 7.25 -0.53
CA GLU A 67 1.10 7.72 -0.07
C GLU A 67 0.33 6.59 0.61
N VAL A 68 -0.25 6.92 1.75
CA VAL A 68 -1.02 5.96 2.52
C VAL A 68 -2.51 6.23 2.33
N ILE A 69 -3.23 5.16 2.00
CA ILE A 69 -4.67 5.27 1.79
C ILE A 69 -5.39 4.98 3.10
N GLN A 70 -6.48 4.22 2.99
CA GLN A 70 -7.27 3.86 4.15
C GLN A 70 -6.83 2.51 4.69
N THR A 71 -7.11 2.29 5.97
CA THR A 71 -6.76 1.03 6.62
C THR A 71 -7.58 -0.11 6.05
N THR A 72 -6.88 -1.13 5.57
CA THR A 72 -7.53 -2.29 5.00
C THR A 72 -8.51 -2.90 6.00
N ASP A 73 -7.95 -3.59 6.98
CA ASP A 73 -8.76 -4.22 8.02
C ASP A 73 -8.65 -3.41 9.31
N ASP A 74 -7.69 -3.81 10.13
CA ASP A 74 -7.48 -3.12 11.40
C ASP A 74 -6.08 -2.50 11.42
N THR A 75 -5.08 -3.36 11.20
CA THR A 75 -3.70 -2.90 11.19
C THR A 75 -3.08 -3.12 9.80
N LYS A 76 -3.57 -2.36 8.84
CA LYS A 76 -3.07 -2.47 7.48
C LYS A 76 -3.37 -1.16 6.73
N VAL A 77 -2.32 -0.63 6.09
CA VAL A 77 -2.47 0.60 5.35
C VAL A 77 -2.06 0.34 3.89
N LEU A 78 -2.97 0.71 2.99
CA LEU A 78 -2.73 0.54 1.57
C LEU A 78 -2.04 1.78 1.01
N CYS A 79 -0.86 1.57 0.45
CA CYS A 79 -0.10 2.67 -0.13
C CYS A 79 -0.49 2.81 -1.59
N ARG A 80 -0.24 4.00 -2.13
CA ARG A 80 -0.56 4.27 -3.52
C ARG A 80 0.61 4.98 -4.20
N ASN A 81 0.82 4.63 -5.47
CA ASN A 81 1.90 5.23 -6.24
C ASN A 81 1.31 5.92 -7.47
N GLU A 82 1.91 7.06 -7.81
CA GLU A 82 1.46 7.82 -8.96
C GLU A 82 1.50 6.96 -10.22
N GLU A 83 2.12 5.79 -10.08
CA GLU A 83 2.26 4.88 -11.20
C GLU A 83 0.87 4.44 -11.69
N GLY A 84 -0.14 4.82 -10.92
CA GLY A 84 -1.51 4.48 -11.26
C GLY A 84 -1.88 3.09 -10.74
N LYS A 85 -1.04 2.59 -9.85
CA LYS A 85 -1.26 1.27 -9.27
C LYS A 85 -1.28 1.38 -7.75
N TYR A 86 -1.93 0.41 -7.12
CA TYR A 86 -2.03 0.39 -5.68
C TYR A 86 -1.39 -0.87 -5.10
N GLY A 87 -1.17 -0.85 -3.79
CA GLY A 87 -0.57 -1.98 -3.10
C GLY A 87 -0.91 -1.97 -1.61
N TYR A 88 -0.80 -3.14 -1.00
CA TYR A 88 -1.09 -3.28 0.41
C TYR A 88 0.19 -3.39 1.23
N VAL A 89 0.09 -2.99 2.49
CA VAL A 89 1.23 -3.04 3.39
C VAL A 89 0.77 -3.52 4.77
N LEU A 90 1.43 -4.56 5.25
CA LEU A 90 1.09 -5.12 6.56
C LEU A 90 1.67 -4.23 7.65
N ARG A 91 0.94 -4.12 8.74
CA ARG A 91 1.37 -3.30 9.85
C ARG A 91 2.74 -3.77 10.36
N SER A 92 3.03 -5.03 10.06
CA SER A 92 4.29 -5.62 10.48
C SER A 92 5.45 -4.69 10.09
N TYR A 93 5.56 -4.45 8.80
CA TYR A 93 6.61 -3.59 8.29
C TYR A 93 6.02 -2.35 7.60
N LEU A 94 5.64 -1.38 8.41
CA LEU A 94 5.07 -0.15 7.90
C LEU A 94 5.06 0.91 9.01
N ALA A 95 5.37 2.13 8.61
CA ALA A 95 5.41 3.24 9.55
C ALA A 95 4.07 3.30 10.30
N ASP A 96 4.05 4.15 11.32
CA ASP A 96 2.85 4.32 12.12
C ASP A 96 1.67 4.70 11.20
N GLU A 20 -5.68 4.26 -14.03
CA GLU A 20 -5.58 3.72 -15.38
C GLU A 20 -6.05 2.27 -15.40
N LYS A 21 -5.58 1.55 -16.41
CA LYS A 21 -5.94 0.14 -16.56
C LYS A 21 -5.35 -0.66 -15.40
N GLU A 22 -4.29 -0.11 -14.82
CA GLU A 22 -3.63 -0.76 -13.70
C GLU A 22 -4.59 -0.89 -12.51
N GLU A 23 -5.53 0.05 -12.46
CA GLU A 23 -6.52 0.05 -11.39
C GLU A 23 -7.37 -1.21 -11.45
N LYS A 24 -7.57 -1.70 -12.66
CA LYS A 24 -8.37 -2.90 -12.86
C LYS A 24 -7.71 -4.07 -12.13
N ASP A 25 -6.40 -4.01 -12.04
CA ASP A 25 -5.64 -5.05 -11.37
C ASP A 25 -5.81 -4.92 -9.86
N PHE A 26 -5.73 -3.68 -9.39
CA PHE A 26 -5.88 -3.39 -7.98
C PHE A 26 -7.31 -3.66 -7.52
N ARG A 27 -8.25 -3.06 -8.23
CA ARG A 27 -9.66 -3.21 -7.91
C ARG A 27 -10.06 -4.68 -7.99
N LYS A 28 -9.35 -5.42 -8.84
CA LYS A 28 -9.62 -6.83 -9.02
C LYS A 28 -9.57 -7.54 -7.67
N LYS A 29 -8.41 -7.43 -7.03
CA LYS A 29 -8.22 -8.06 -5.73
C LYS A 29 -8.74 -7.13 -4.64
N PHE A 30 -8.62 -5.83 -4.90
CA PHE A 30 -9.06 -4.82 -3.96
C PHE A 30 -10.53 -4.49 -4.18
N LYS A 31 -11.27 -5.48 -4.68
CA LYS A 31 -12.69 -5.30 -4.95
C LYS A 31 -13.29 -4.38 -3.88
N TYR A 32 -12.40 -3.84 -3.05
CA TYR A 32 -12.83 -2.93 -1.98
C TYR A 32 -13.45 -1.66 -2.57
N ASP A 33 -14.70 -1.43 -2.19
CA ASP A 33 -15.43 -0.25 -2.65
C ASP A 33 -15.39 0.82 -1.58
N GLY A 34 -14.45 1.75 -1.73
CA GLY A 34 -14.30 2.84 -0.77
C GLY A 34 -13.80 4.10 -1.46
N GLU A 35 -13.42 5.08 -0.64
CA GLU A 35 -12.92 6.34 -1.15
C GLU A 35 -11.40 6.40 -1.01
N ILE A 36 -10.73 5.99 -2.08
CA ILE A 36 -9.27 5.98 -2.09
C ILE A 36 -8.77 7.43 -2.06
N ARG A 37 -8.21 7.80 -0.92
CA ARG A 37 -7.69 9.15 -0.75
C ARG A 37 -6.59 9.15 0.32
N VAL A 38 -5.39 9.50 -0.12
CA VAL A 38 -4.25 9.55 0.78
C VAL A 38 -4.47 10.65 1.81
N LEU A 39 -4.92 10.25 2.99
CA LEU A 39 -5.18 11.19 4.07
C LEU A 39 -3.92 11.35 4.92
N TYR A 40 -3.35 10.20 5.28
CA TYR A 40 -2.14 10.20 6.10
C TYR A 40 -1.06 9.34 5.45
N SER A 41 -0.32 9.95 4.54
CA SER A 41 0.76 9.25 3.85
C SER A 41 1.93 9.03 4.79
N THR A 42 2.14 7.77 5.15
CA THR A 42 3.23 7.42 6.05
C THR A 42 4.53 7.23 5.26
N LYS A 43 5.63 7.29 5.99
CA LYS A 43 6.94 7.12 5.38
C LYS A 43 7.45 5.70 5.63
N VAL A 44 8.00 5.12 4.58
CA VAL A 44 8.53 3.77 4.67
C VAL A 44 9.83 3.79 5.47
N THR A 45 9.82 3.06 6.58
CA THR A 45 10.99 2.98 7.43
C THR A 45 12.03 2.02 6.84
N THR A 46 13.15 1.90 7.54
CA THR A 46 14.21 1.02 7.10
C THR A 46 13.89 -0.44 7.47
N SER A 47 12.88 -0.58 8.31
CA SER A 47 12.47 -1.91 8.74
C SER A 47 11.26 -2.38 7.93
N ILE A 48 11.00 -1.66 6.84
CA ILE A 48 9.89 -1.99 5.98
C ILE A 48 10.19 -3.29 5.23
N THR A 49 9.18 -3.79 4.54
CA THR A 49 9.33 -5.02 3.78
C THR A 49 10.23 -4.79 2.56
N SER A 50 11.36 -5.50 2.57
CA SER A 50 12.31 -5.38 1.47
C SER A 50 12.49 -6.74 0.79
N LYS A 51 12.27 -7.80 1.56
CA LYS A 51 12.40 -9.14 1.04
C LYS A 51 11.01 -9.72 0.79
N LYS A 52 10.16 -9.59 1.80
CA LYS A 52 8.80 -10.10 1.71
C LYS A 52 8.02 -9.27 0.68
N TRP A 53 7.47 -9.98 -0.30
CA TRP A 53 6.71 -9.33 -1.35
C TRP A 53 5.55 -10.25 -1.72
N GLY A 54 4.36 -9.66 -1.80
CA GLY A 54 3.17 -10.42 -2.15
C GLY A 54 2.53 -9.87 -3.42
N THR A 55 1.74 -10.72 -4.06
CA THR A 55 1.06 -10.33 -5.28
C THR A 55 0.22 -9.08 -5.06
N ARG A 56 -0.36 -9.00 -3.86
CA ARG A 56 -1.20 -7.86 -3.52
C ARG A 56 -0.37 -6.84 -2.71
N ASP A 57 0.92 -7.10 -2.62
CA ASP A 57 1.81 -6.21 -1.90
C ASP A 57 2.60 -5.37 -2.89
N LEU A 58 3.19 -4.29 -2.37
CA LEU A 58 3.99 -3.40 -3.20
C LEU A 58 5.46 -3.76 -3.07
N GLN A 59 6.21 -3.47 -4.13
CA GLN A 59 7.63 -3.75 -4.14
C GLN A 59 8.41 -2.56 -3.59
N VAL A 60 7.78 -1.86 -2.67
CA VAL A 60 8.41 -0.70 -2.05
C VAL A 60 9.65 -1.15 -1.27
N LYS A 61 10.52 -0.20 -1.01
CA LYS A 61 11.74 -0.47 -0.27
C LYS A 61 11.71 0.26 1.07
N PRO A 62 12.49 -0.28 2.04
CA PRO A 62 12.55 0.31 3.37
C PRO A 62 13.39 1.59 3.35
N GLY A 63 12.82 2.65 3.90
CA GLY A 63 13.49 3.93 3.96
C GLY A 63 13.00 4.86 2.85
N GLU A 64 11.91 4.47 2.22
CA GLU A 64 11.32 5.26 1.15
C GLU A 64 10.01 5.90 1.62
N SER A 65 9.49 6.77 0.77
CA SER A 65 8.24 7.45 1.08
C SER A 65 7.13 6.96 0.16
N LEU A 66 6.00 6.62 0.76
CA LEU A 66 4.86 6.14 0.01
C LEU A 66 3.57 6.73 0.59
N GLU A 67 2.56 6.82 -0.27
CA GLU A 67 1.28 7.36 0.15
C GLU A 67 0.45 6.29 0.87
N VAL A 68 -0.13 6.68 1.99
CA VAL A 68 -0.95 5.76 2.76
C VAL A 68 -2.43 6.09 2.54
N ILE A 69 -3.19 5.06 2.19
CA ILE A 69 -4.61 5.23 1.95
C ILE A 69 -5.38 4.94 3.24
N GLN A 70 -6.48 4.22 3.09
CA GLN A 70 -7.31 3.87 4.23
C GLN A 70 -6.92 2.49 4.76
N THR A 71 -7.22 2.27 6.03
CA THR A 71 -6.92 1.01 6.67
C THR A 71 -7.76 -0.11 6.08
N THR A 72 -7.08 -1.11 5.54
CA THR A 72 -7.74 -2.25 4.93
C THR A 72 -8.73 -2.88 5.92
N ASP A 73 -8.15 -3.59 6.89
CA ASP A 73 -8.96 -4.25 7.91
C ASP A 73 -8.87 -3.46 9.22
N ASP A 74 -7.91 -3.86 10.04
CA ASP A 74 -7.69 -3.21 11.32
C ASP A 74 -6.31 -2.58 11.34
N THR A 75 -5.31 -3.43 11.13
CA THR A 75 -3.93 -2.98 11.12
C THR A 75 -3.29 -3.21 9.76
N LYS A 76 -3.77 -2.44 8.78
CA LYS A 76 -3.26 -2.56 7.42
C LYS A 76 -3.48 -1.24 6.70
N VAL A 77 -2.41 -0.76 6.06
CA VAL A 77 -2.48 0.49 5.31
C VAL A 77 -2.15 0.22 3.84
N LEU A 78 -3.03 0.70 2.98
CA LEU A 78 -2.85 0.52 1.55
C LEU A 78 -2.02 1.68 1.00
N CYS A 79 -0.98 1.32 0.27
CA CYS A 79 -0.10 2.32 -0.32
C CYS A 79 -0.62 2.66 -1.73
N ARG A 80 -0.25 3.84 -2.19
CA ARG A 80 -0.67 4.29 -3.50
C ARG A 80 0.49 4.96 -4.23
N ASN A 81 0.61 4.63 -5.50
CA ASN A 81 1.68 5.20 -6.32
C ASN A 81 1.08 5.91 -7.53
N GLU A 82 1.64 7.07 -7.84
CA GLU A 82 1.16 7.85 -8.96
C GLU A 82 1.24 7.05 -10.26
N GLU A 83 1.89 5.89 -10.15
CA GLU A 83 2.05 5.03 -11.30
C GLU A 83 0.69 4.53 -11.80
N GLY A 84 -0.33 4.87 -11.01
CA GLY A 84 -1.69 4.47 -11.36
C GLY A 84 -2.01 3.07 -10.83
N LYS A 85 -1.12 2.59 -9.97
CA LYS A 85 -1.28 1.26 -9.39
C LYS A 85 -1.25 1.38 -7.86
N TYR A 86 -1.85 0.40 -7.21
CA TYR A 86 -1.90 0.38 -5.76
C TYR A 86 -1.25 -0.89 -5.21
N GLY A 87 -1.04 -0.89 -3.90
CA GLY A 87 -0.43 -2.01 -3.24
C GLY A 87 -0.78 -2.05 -1.74
N TYR A 88 -0.68 -3.22 -1.17
CA TYR A 88 -0.98 -3.40 0.24
C TYR A 88 0.31 -3.55 1.06
N VAL A 89 0.22 -3.10 2.31
CA VAL A 89 1.37 -3.18 3.21
C VAL A 89 0.88 -3.49 4.62
N LEU A 90 1.44 -4.55 5.19
CA LEU A 90 1.07 -4.96 6.54
C LEU A 90 1.72 -4.01 7.54
N ARG A 91 0.93 -3.65 8.55
CA ARG A 91 1.41 -2.75 9.59
C ARG A 91 2.69 -3.32 10.23
N SER A 92 2.89 -4.61 10.03
CA SER A 92 4.06 -5.28 10.58
C SER A 92 5.31 -4.47 10.27
N TYR A 93 5.54 -4.25 8.99
CA TYR A 93 6.70 -3.49 8.56
C TYR A 93 6.28 -2.18 7.88
N LEU A 94 6.02 -1.18 8.72
CA LEU A 94 5.61 0.12 8.23
C LEU A 94 5.71 1.14 9.36
N ALA A 95 5.47 2.41 9.00
CA ALA A 95 5.53 3.48 9.97
C ALA A 95 4.12 3.83 10.43
N ASP A 96 4.04 4.57 11.52
CA ASP A 96 2.77 4.98 12.07
C ASP A 96 1.98 5.77 11.01
N GLU A 20 -5.92 3.79 -16.09
CA GLU A 20 -5.22 2.69 -16.73
C GLU A 20 -5.89 1.35 -16.38
N LYS A 21 -5.30 0.28 -16.90
CA LYS A 21 -5.83 -1.04 -16.65
C LYS A 21 -5.31 -1.55 -15.30
N GLU A 22 -4.31 -0.84 -14.78
CA GLU A 22 -3.72 -1.22 -13.51
C GLU A 22 -4.76 -1.13 -12.40
N GLU A 23 -5.60 -0.10 -12.50
CA GLU A 23 -6.65 0.11 -11.51
C GLU A 23 -7.60 -1.08 -11.48
N LYS A 24 -7.85 -1.62 -12.67
CA LYS A 24 -8.75 -2.76 -12.80
C LYS A 24 -8.12 -3.98 -12.11
N ASP A 25 -6.80 -4.03 -12.17
CA ASP A 25 -6.07 -5.13 -11.57
C ASP A 25 -6.17 -5.03 -10.04
N PHE A 26 -6.07 -3.80 -9.55
CA PHE A 26 -6.14 -3.55 -8.13
C PHE A 26 -7.55 -3.85 -7.59
N ARG A 27 -8.53 -3.25 -8.25
CA ARG A 27 -9.93 -3.43 -7.86
C ARG A 27 -10.30 -4.91 -7.95
N LYS A 28 -9.63 -5.61 -8.85
CA LYS A 28 -9.90 -7.02 -9.05
C LYS A 28 -9.75 -7.76 -7.72
N LYS A 29 -8.55 -7.64 -7.14
CA LYS A 29 -8.27 -8.28 -5.86
C LYS A 29 -8.75 -7.38 -4.73
N PHE A 30 -8.68 -6.08 -4.98
CA PHE A 30 -9.10 -5.10 -3.99
C PHE A 30 -10.60 -4.81 -4.11
N LYS A 31 -11.33 -5.81 -4.57
CA LYS A 31 -12.77 -5.67 -4.74
C LYS A 31 -13.33 -4.77 -3.63
N TYR A 32 -12.41 -4.20 -2.86
CA TYR A 32 -12.79 -3.32 -1.77
C TYR A 32 -13.47 -2.05 -2.30
N ASP A 33 -14.70 -1.83 -1.84
CA ASP A 33 -15.46 -0.68 -2.27
C ASP A 33 -15.40 0.39 -1.18
N GLY A 34 -14.49 1.34 -1.38
CA GLY A 34 -14.32 2.43 -0.43
C GLY A 34 -13.86 3.71 -1.12
N GLU A 35 -13.48 4.68 -0.31
CA GLU A 35 -13.03 5.96 -0.84
C GLU A 35 -11.51 6.05 -0.78
N ILE A 36 -10.88 5.65 -1.88
CA ILE A 36 -9.43 5.68 -1.98
C ILE A 36 -8.96 7.14 -2.01
N ARG A 37 -8.37 7.56 -0.89
CA ARG A 37 -7.87 8.91 -0.78
C ARG A 37 -6.77 8.99 0.28
N VAL A 38 -5.57 9.34 -0.18
CA VAL A 38 -4.43 9.45 0.71
C VAL A 38 -4.67 10.59 1.70
N LEU A 39 -5.08 10.21 2.90
CA LEU A 39 -5.35 11.20 3.94
C LEU A 39 -4.07 11.43 4.75
N TYR A 40 -3.45 10.33 5.16
CA TYR A 40 -2.23 10.41 5.94
C TYR A 40 -1.13 9.56 5.30
N SER A 41 -0.41 10.17 4.37
CA SER A 41 0.67 9.49 3.69
C SER A 41 1.85 9.31 4.64
N THR A 42 2.08 8.05 5.01
CA THR A 42 3.18 7.72 5.91
C THR A 42 4.46 7.45 5.12
N LYS A 43 5.58 7.53 5.82
CA LYS A 43 6.86 7.30 5.20
C LYS A 43 7.33 5.88 5.52
N VAL A 44 7.86 5.22 4.51
CA VAL A 44 8.34 3.85 4.66
C VAL A 44 9.64 3.87 5.48
N THR A 45 9.61 3.15 6.59
CA THR A 45 10.77 3.08 7.46
C THR A 45 11.83 2.13 6.86
N THR A 46 12.94 2.02 7.57
CA THR A 46 14.03 1.18 7.12
C THR A 46 13.74 -0.29 7.48
N SER A 47 12.79 -0.46 8.38
CA SER A 47 12.42 -1.80 8.81
C SER A 47 11.22 -2.29 8.01
N ILE A 48 10.93 -1.58 6.93
CA ILE A 48 9.82 -1.93 6.06
C ILE A 48 10.15 -3.22 5.31
N THR A 49 9.14 -3.74 4.62
CA THR A 49 9.31 -4.96 3.86
C THR A 49 10.21 -4.71 2.64
N SER A 50 11.34 -5.41 2.62
CA SER A 50 12.28 -5.26 1.54
C SER A 50 12.47 -6.61 0.83
N LYS A 51 12.27 -7.67 1.59
CA LYS A 51 12.40 -9.02 1.05
C LYS A 51 11.01 -9.61 0.81
N LYS A 52 10.17 -9.49 1.84
CA LYS A 52 8.82 -10.01 1.76
C LYS A 52 8.03 -9.20 0.74
N TRP A 53 7.47 -9.92 -0.24
CA TRP A 53 6.69 -9.28 -1.29
C TRP A 53 5.54 -10.22 -1.65
N GLY A 54 4.34 -9.64 -1.70
CA GLY A 54 3.16 -10.42 -2.03
C GLY A 54 2.49 -9.88 -3.30
N THR A 55 1.68 -10.72 -3.92
CA THR A 55 0.98 -10.35 -5.13
C THR A 55 0.14 -9.09 -4.89
N ARG A 56 -0.42 -9.02 -3.68
CA ARG A 56 -1.25 -7.88 -3.32
C ARG A 56 -0.42 -6.85 -2.55
N ASP A 57 0.88 -7.10 -2.50
CA ASP A 57 1.78 -6.20 -1.80
C ASP A 57 2.56 -5.37 -2.81
N LEU A 58 3.15 -4.29 -2.32
CA LEU A 58 3.92 -3.40 -3.18
C LEU A 58 5.41 -3.74 -3.04
N GLN A 59 6.15 -3.43 -4.10
CA GLN A 59 7.57 -3.70 -4.11
C GLN A 59 8.35 -2.50 -3.55
N VAL A 60 7.70 -1.82 -2.61
CA VAL A 60 8.31 -0.66 -1.99
C VAL A 60 9.56 -1.08 -1.21
N LYS A 61 10.41 -0.12 -0.94
CA LYS A 61 11.64 -0.39 -0.20
C LYS A 61 11.60 0.35 1.14
N PRO A 62 12.38 -0.19 2.11
CA PRO A 62 12.44 0.40 3.43
C PRO A 62 13.28 1.68 3.42
N GLY A 63 12.67 2.75 3.92
CA GLY A 63 13.35 4.04 3.98
C GLY A 63 12.90 4.94 2.83
N GLU A 64 11.78 4.56 2.22
CA GLU A 64 11.23 5.32 1.11
C GLU A 64 9.91 5.98 1.51
N SER A 65 9.42 6.82 0.62
CA SER A 65 8.16 7.52 0.88
C SER A 65 7.05 6.91 0.04
N LEU A 66 5.94 6.62 0.70
CA LEU A 66 4.79 6.03 0.03
C LEU A 66 3.51 6.64 0.58
N GLU A 67 2.52 6.77 -0.30
CA GLU A 67 1.25 7.33 0.09
C GLU A 67 0.41 6.29 0.83
N VAL A 68 -0.09 6.70 2.00
CA VAL A 68 -0.91 5.82 2.81
C VAL A 68 -2.39 6.15 2.58
N ILE A 69 -3.14 5.11 2.26
CA ILE A 69 -4.57 5.27 2.02
C ILE A 69 -5.34 5.00 3.32
N GLN A 70 -6.45 4.30 3.18
CA GLN A 70 -7.27 3.96 4.32
C GLN A 70 -6.90 2.58 4.86
N THR A 71 -7.20 2.38 6.14
CA THR A 71 -6.90 1.12 6.79
C THR A 71 -7.77 0.00 6.20
N THR A 72 -7.09 -1.01 5.67
CA THR A 72 -7.79 -2.13 5.07
C THR A 72 -8.79 -2.74 6.07
N ASP A 73 -8.25 -3.47 7.04
CA ASP A 73 -9.07 -4.08 8.05
C ASP A 73 -8.94 -3.31 9.36
N ASP A 74 -7.98 -3.75 10.17
CA ASP A 74 -7.75 -3.11 11.46
C ASP A 74 -6.33 -2.50 11.46
N THR A 75 -5.35 -3.37 11.23
CA THR A 75 -3.97 -2.93 11.21
C THR A 75 -3.35 -3.20 9.83
N LYS A 76 -3.82 -2.44 8.85
CA LYS A 76 -3.32 -2.58 7.49
C LYS A 76 -3.45 -1.24 6.77
N VAL A 77 -2.36 -0.83 6.14
CA VAL A 77 -2.34 0.42 5.40
C VAL A 77 -2.07 0.13 3.92
N LEU A 78 -2.95 0.65 3.09
CA LEU A 78 -2.81 0.46 1.65
C LEU A 78 -1.93 1.57 1.07
N CYS A 79 -0.92 1.15 0.32
CA CYS A 79 0.00 2.09 -0.29
C CYS A 79 -0.55 2.47 -1.67
N ARG A 80 -0.14 3.65 -2.13
CA ARG A 80 -0.58 4.13 -3.42
C ARG A 80 0.60 4.76 -4.18
N ASN A 81 0.66 4.44 -5.46
CA ASN A 81 1.73 4.95 -6.30
C ASN A 81 1.11 5.72 -7.48
N GLU A 82 1.72 6.86 -7.77
CA GLU A 82 1.25 7.70 -8.86
C GLU A 82 1.25 6.92 -10.18
N GLU A 83 1.86 5.73 -10.12
CA GLU A 83 1.95 4.88 -11.29
C GLU A 83 0.54 4.47 -11.76
N GLY A 84 -0.45 4.84 -10.96
CA GLY A 84 -1.83 4.52 -11.27
C GLY A 84 -2.21 3.14 -10.74
N LYS A 85 -1.32 2.60 -9.91
CA LYS A 85 -1.55 1.29 -9.33
C LYS A 85 -1.47 1.40 -7.81
N TYR A 86 -2.11 0.45 -7.14
CA TYR A 86 -2.13 0.42 -5.69
C TYR A 86 -1.52 -0.88 -5.16
N GLY A 87 -1.27 -0.89 -3.86
CA GLY A 87 -0.70 -2.07 -3.22
C GLY A 87 -1.00 -2.08 -1.72
N TYR A 88 -0.91 -3.26 -1.13
CA TYR A 88 -1.17 -3.42 0.28
C TYR A 88 0.13 -3.57 1.07
N VAL A 89 0.08 -3.15 2.32
CA VAL A 89 1.24 -3.23 3.19
C VAL A 89 0.80 -3.58 4.61
N LEU A 90 1.40 -4.64 5.15
CA LEU A 90 1.08 -5.08 6.49
C LEU A 90 1.69 -4.11 7.50
N ARG A 91 0.89 -3.78 8.51
CA ARG A 91 1.34 -2.87 9.55
C ARG A 91 2.63 -3.39 10.18
N SER A 92 2.86 -4.68 10.00
CA SER A 92 4.05 -5.31 10.55
C SER A 92 5.29 -4.46 10.23
N TYR A 93 5.51 -4.24 8.95
CA TYR A 93 6.64 -3.44 8.50
C TYR A 93 6.18 -2.16 7.82
N LEU A 94 5.91 -1.16 8.64
CA LEU A 94 5.47 0.13 8.13
C LEU A 94 5.55 1.18 9.25
N ALA A 95 5.27 2.41 8.88
CA ALA A 95 5.30 3.50 9.84
C ALA A 95 4.02 3.49 10.66
N ASP A 96 4.00 4.35 11.68
CA ASP A 96 2.85 4.43 12.56
C ASP A 96 1.60 4.75 11.73
N GLU A 20 -1.01 1.99 -16.28
CA GLU A 20 -2.02 2.17 -15.26
C GLU A 20 -3.04 1.03 -15.31
N LYS A 21 -2.61 -0.08 -15.86
CA LYS A 21 -3.47 -1.24 -15.97
C LYS A 21 -3.45 -2.01 -14.65
N GLU A 22 -2.48 -1.69 -13.82
CA GLU A 22 -2.33 -2.33 -12.53
C GLU A 22 -3.55 -2.02 -11.65
N GLU A 23 -4.19 -0.90 -11.95
CA GLU A 23 -5.36 -0.48 -11.19
C GLU A 23 -6.47 -1.53 -11.32
N LYS A 24 -6.61 -2.06 -12.53
CA LYS A 24 -7.62 -3.06 -12.80
C LYS A 24 -7.30 -4.32 -12.00
N ASP A 25 -6.01 -4.55 -11.78
CA ASP A 25 -5.56 -5.71 -11.04
C ASP A 25 -5.80 -5.48 -9.55
N PHE A 26 -5.69 -4.21 -9.15
CA PHE A 26 -5.88 -3.85 -7.76
C PHE A 26 -7.33 -4.09 -7.33
N ARG A 27 -8.25 -3.53 -8.11
CA ARG A 27 -9.66 -3.67 -7.82
C ARG A 27 -10.06 -5.15 -7.84
N LYS A 28 -9.34 -5.92 -8.65
CA LYS A 28 -9.61 -7.34 -8.76
C LYS A 28 -9.58 -7.98 -7.37
N LYS A 29 -8.42 -7.84 -6.72
CA LYS A 29 -8.25 -8.40 -5.39
C LYS A 29 -8.78 -7.40 -4.35
N PHE A 30 -8.62 -6.12 -4.66
CA PHE A 30 -9.08 -5.08 -3.77
C PHE A 30 -10.54 -4.71 -4.06
N LYS A 31 -11.26 -5.69 -4.58
CA LYS A 31 -12.67 -5.48 -4.91
C LYS A 31 -13.31 -4.57 -3.86
N TYR A 32 -12.45 -4.01 -3.01
CA TYR A 32 -12.91 -3.12 -1.97
C TYR A 32 -13.55 -1.86 -2.55
N ASP A 33 -14.81 -1.64 -2.19
CA ASP A 33 -15.54 -0.49 -2.68
C ASP A 33 -15.57 0.59 -1.59
N GLY A 34 -14.65 1.54 -1.72
CA GLY A 34 -14.56 2.62 -0.76
C GLY A 34 -14.08 3.91 -1.44
N GLU A 35 -13.76 4.90 -0.61
CA GLU A 35 -13.29 6.18 -1.11
C GLU A 35 -11.77 6.28 -0.96
N ILE A 36 -11.07 5.87 -2.00
CA ILE A 36 -9.63 5.92 -1.99
C ILE A 36 -9.16 7.38 -1.97
N ARG A 37 -8.62 7.78 -0.83
CA ARG A 37 -8.13 9.13 -0.67
C ARG A 37 -7.01 9.18 0.37
N VAL A 38 -5.83 9.55 -0.11
CA VAL A 38 -4.67 9.64 0.77
C VAL A 38 -4.89 10.75 1.80
N LEU A 39 -5.26 10.34 3.00
CA LEU A 39 -5.50 11.27 4.07
C LEU A 39 -4.21 11.48 4.86
N TYR A 40 -3.59 10.36 5.22
CA TYR A 40 -2.36 10.40 5.98
C TYR A 40 -1.28 9.55 5.32
N SER A 41 -0.54 10.17 4.41
CA SER A 41 0.52 9.48 3.70
C SER A 41 1.70 9.23 4.65
N THR A 42 1.91 7.96 4.96
CA THR A 42 2.99 7.57 5.85
C THR A 42 4.27 7.32 5.05
N LYS A 43 5.39 7.36 5.75
CA LYS A 43 6.68 7.14 5.11
C LYS A 43 7.13 5.70 5.37
N VAL A 44 7.68 5.09 4.33
CA VAL A 44 8.15 3.72 4.43
C VAL A 44 9.41 3.68 5.32
N THR A 45 9.27 3.01 6.45
CA THR A 45 10.37 2.89 7.39
C THR A 45 11.41 1.90 6.86
N THR A 46 12.67 2.29 6.99
CA THR A 46 13.77 1.45 6.53
C THR A 46 13.54 0.00 6.96
N SER A 47 12.66 -0.16 7.93
CA SER A 47 12.35 -1.49 8.45
C SER A 47 11.16 -2.07 7.67
N ILE A 48 10.85 -1.44 6.56
CA ILE A 48 9.74 -1.88 5.73
C ILE A 48 10.13 -3.18 5.03
N THR A 49 9.15 -3.76 4.34
CA THR A 49 9.38 -5.00 3.62
C THR A 49 10.25 -4.75 2.39
N SER A 50 11.41 -5.41 2.37
CA SER A 50 12.33 -5.26 1.27
C SER A 50 12.53 -6.61 0.57
N LYS A 51 12.36 -7.68 1.35
CA LYS A 51 12.51 -9.03 0.83
C LYS A 51 11.13 -9.65 0.63
N LYS A 52 10.32 -9.54 1.67
CA LYS A 52 8.98 -10.09 1.63
C LYS A 52 8.14 -9.32 0.62
N TRP A 53 7.57 -10.05 -0.32
CA TRP A 53 6.75 -9.46 -1.36
C TRP A 53 5.61 -10.43 -1.69
N GLY A 54 4.40 -9.90 -1.66
CA GLY A 54 3.22 -10.70 -1.94
C GLY A 54 2.48 -10.17 -3.17
N THR A 55 1.68 -11.04 -3.76
CA THR A 55 0.91 -10.68 -4.94
C THR A 55 0.05 -9.45 -4.66
N ARG A 56 -0.46 -9.39 -3.44
CA ARG A 56 -1.30 -8.27 -3.03
C ARG A 56 -0.47 -7.21 -2.31
N ASP A 57 0.84 -7.43 -2.32
CA ASP A 57 1.75 -6.50 -1.68
C ASP A 57 2.46 -5.66 -2.74
N LEU A 58 3.03 -4.55 -2.28
CA LEU A 58 3.73 -3.66 -3.19
C LEU A 58 5.24 -3.94 -3.11
N GLN A 59 5.92 -3.65 -4.21
CA GLN A 59 7.35 -3.87 -4.28
C GLN A 59 8.10 -2.63 -3.78
N VAL A 60 7.48 -1.94 -2.85
CA VAL A 60 8.08 -0.75 -2.27
C VAL A 60 9.36 -1.12 -1.53
N LYS A 61 10.20 -0.12 -1.31
CA LYS A 61 11.45 -0.34 -0.61
C LYS A 61 11.41 0.37 0.74
N PRO A 62 12.20 -0.16 1.70
CA PRO A 62 12.27 0.40 3.04
C PRO A 62 13.07 1.71 3.04
N GLY A 63 12.47 2.75 3.59
CA GLY A 63 13.12 4.05 3.66
C GLY A 63 12.62 4.97 2.54
N GLU A 64 11.56 4.53 1.88
CA GLU A 64 10.99 5.30 0.79
C GLU A 64 9.68 5.94 1.23
N SER A 65 9.17 6.82 0.37
CA SER A 65 7.92 7.52 0.66
C SER A 65 6.79 6.90 -0.16
N LEU A 66 5.70 6.60 0.54
CA LEU A 66 4.53 6.01 -0.10
C LEU A 66 3.27 6.63 0.48
N GLU A 67 2.26 6.77 -0.38
CA GLU A 67 0.99 7.34 0.04
C GLU A 67 0.16 6.29 0.79
N VAL A 68 -0.35 6.71 1.93
CA VAL A 68 -1.17 5.83 2.76
C VAL A 68 -2.65 6.14 2.53
N ILE A 69 -3.39 5.10 2.19
CA ILE A 69 -4.82 5.26 1.94
C ILE A 69 -5.58 4.97 3.24
N GLN A 70 -6.67 4.23 3.08
CA GLN A 70 -7.50 3.87 4.22
C GLN A 70 -7.07 2.53 4.79
N THR A 71 -7.33 2.35 6.08
CA THR A 71 -6.98 1.11 6.76
C THR A 71 -7.81 -0.05 6.21
N THR A 72 -7.09 -1.05 5.68
CA THR A 72 -7.74 -2.22 5.12
C THR A 72 -8.69 -2.84 6.15
N ASP A 73 -8.10 -3.51 7.12
CA ASP A 73 -8.87 -4.16 8.17
C ASP A 73 -8.76 -3.34 9.46
N ASP A 74 -7.77 -3.69 10.26
CA ASP A 74 -7.56 -3.00 11.52
C ASP A 74 -6.17 -2.33 11.50
N THR A 75 -5.16 -3.16 11.29
CA THR A 75 -3.79 -2.66 11.24
C THR A 75 -3.18 -2.93 9.86
N LYS A 76 -3.69 -2.23 8.87
CA LYS A 76 -3.21 -2.38 7.52
C LYS A 76 -3.47 -1.09 6.74
N VAL A 77 -2.44 -0.61 6.07
CA VAL A 77 -2.56 0.61 5.28
C VAL A 77 -2.26 0.29 3.81
N LEU A 78 -3.14 0.78 2.95
CA LEU A 78 -3.01 0.55 1.53
C LEU A 78 -2.10 1.64 0.93
N CYS A 79 -1.08 1.19 0.22
CA CYS A 79 -0.14 2.11 -0.40
C CYS A 79 -0.66 2.45 -1.79
N ARG A 80 -0.24 3.62 -2.28
CA ARG A 80 -0.65 4.07 -3.59
C ARG A 80 0.54 4.67 -4.35
N ASN A 81 0.52 4.48 -5.66
CA ASN A 81 1.59 4.99 -6.50
C ASN A 81 1.01 6.03 -7.48
N GLU A 82 1.72 7.14 -7.60
CA GLU A 82 1.30 8.20 -8.49
C GLU A 82 1.09 7.66 -9.91
N GLU A 83 1.66 6.49 -10.14
CA GLU A 83 1.55 5.85 -11.45
C GLU A 83 0.19 5.17 -11.59
N GLY A 84 -0.58 5.21 -10.51
CA GLY A 84 -1.89 4.61 -10.50
C GLY A 84 -1.82 3.13 -10.08
N LYS A 85 -0.76 2.81 -9.36
CA LYS A 85 -0.56 1.45 -8.90
C LYS A 85 -0.74 1.41 -7.37
N TYR A 86 -1.66 0.55 -6.94
CA TYR A 86 -1.93 0.41 -5.53
C TYR A 86 -1.32 -0.89 -4.98
N GLY A 87 -1.08 -0.89 -3.68
CA GLY A 87 -0.50 -2.04 -3.02
C GLY A 87 -0.83 -2.06 -1.53
N TYR A 88 -0.72 -3.24 -0.94
CA TYR A 88 -1.00 -3.40 0.47
C TYR A 88 0.29 -3.49 1.29
N VAL A 89 0.20 -3.02 2.53
CA VAL A 89 1.35 -3.03 3.42
C VAL A 89 0.90 -3.43 4.83
N LEU A 90 1.52 -4.47 5.35
CA LEU A 90 1.20 -4.94 6.68
C LEU A 90 1.85 -4.03 7.72
N ARG A 91 1.11 -3.80 8.81
CA ARG A 91 1.60 -2.94 9.88
C ARG A 91 2.93 -3.49 10.41
N SER A 92 3.17 -4.76 10.15
CA SER A 92 4.39 -5.40 10.60
C SER A 92 5.60 -4.56 10.19
N TYR A 93 5.74 -4.36 8.90
CA TYR A 93 6.85 -3.58 8.38
C TYR A 93 6.35 -2.32 7.67
N LEU A 94 6.11 -1.30 8.46
CA LEU A 94 5.62 -0.03 7.92
C LEU A 94 5.75 1.05 8.99
N ALA A 95 5.45 2.28 8.58
CA ALA A 95 5.52 3.41 9.49
C ALA A 95 4.28 3.42 10.38
N ASP A 96 4.29 4.33 11.35
CA ASP A 96 3.18 4.47 12.27
C ASP A 96 1.90 4.73 11.48
N GLU A 20 -5.49 3.48 -17.31
CA GLU A 20 -6.04 3.16 -16.00
C GLU A 20 -6.28 1.65 -15.89
N LYS A 21 -5.59 0.91 -16.74
CA LYS A 21 -5.71 -0.53 -16.75
C LYS A 21 -4.94 -1.12 -15.57
N GLU A 22 -3.89 -0.41 -15.18
CA GLU A 22 -3.06 -0.85 -14.08
C GLU A 22 -3.87 -0.84 -12.78
N GLU A 23 -4.77 0.14 -12.68
CA GLU A 23 -5.61 0.28 -11.51
C GLU A 23 -6.59 -0.89 -11.41
N LYS A 24 -6.97 -1.39 -12.58
CA LYS A 24 -7.91 -2.50 -12.65
C LYS A 24 -7.33 -3.70 -11.91
N ASP A 25 -6.01 -3.81 -11.96
CA ASP A 25 -5.32 -4.91 -11.31
C ASP A 25 -5.57 -4.82 -9.80
N PHE A 26 -5.49 -3.61 -9.28
CA PHE A 26 -5.69 -3.37 -7.86
C PHE A 26 -7.15 -3.64 -7.47
N ARG A 27 -8.05 -3.00 -8.22
CA ARG A 27 -9.47 -3.15 -7.96
C ARG A 27 -9.89 -4.61 -8.12
N LYS A 28 -9.15 -5.32 -8.97
CA LYS A 28 -9.42 -6.72 -9.22
C LYS A 28 -9.42 -7.48 -7.90
N LYS A 29 -8.29 -7.42 -7.22
CA LYS A 29 -8.15 -8.09 -5.94
C LYS A 29 -8.69 -7.20 -4.83
N PHE A 30 -8.54 -5.89 -5.03
CA PHE A 30 -9.02 -4.92 -4.07
C PHE A 30 -10.49 -4.57 -4.31
N LYS A 31 -11.21 -5.54 -4.85
CA LYS A 31 -12.62 -5.35 -5.14
C LYS A 31 -13.25 -4.47 -4.06
N TYR A 32 -12.39 -3.93 -3.21
CA TYR A 32 -12.83 -3.07 -2.13
C TYR A 32 -13.47 -1.79 -2.67
N ASP A 33 -14.72 -1.59 -2.30
CA ASP A 33 -15.46 -0.42 -2.74
C ASP A 33 -15.46 0.63 -1.62
N GLY A 34 -14.55 1.58 -1.75
CA GLY A 34 -14.43 2.64 -0.76
C GLY A 34 -13.95 3.94 -1.42
N GLU A 35 -13.61 4.90 -0.57
CA GLU A 35 -13.13 6.19 -1.03
C GLU A 35 -11.61 6.28 -0.87
N ILE A 36 -10.92 5.90 -1.94
CA ILE A 36 -9.46 5.94 -1.93
C ILE A 36 -9.00 7.40 -1.88
N ARG A 37 -8.45 7.77 -0.73
CA ARG A 37 -7.97 9.13 -0.55
C ARG A 37 -6.84 9.15 0.51
N VAL A 38 -5.66 9.52 0.05
CA VAL A 38 -4.51 9.59 0.92
C VAL A 38 -4.73 10.69 1.96
N LEU A 39 -5.14 10.28 3.15
CA LEU A 39 -5.38 11.22 4.23
C LEU A 39 -4.10 11.39 5.06
N TYR A 40 -3.50 10.26 5.40
CA TYR A 40 -2.29 10.26 6.19
C TYR A 40 -1.18 9.46 5.49
N SER A 41 -0.42 10.16 4.66
CA SER A 41 0.67 9.53 3.93
C SER A 41 1.82 9.20 4.89
N THR A 42 2.00 7.91 5.11
CA THR A 42 3.06 7.45 6.00
C THR A 42 4.35 7.22 5.21
N LYS A 43 5.46 7.22 5.95
CA LYS A 43 6.76 7.02 5.33
C LYS A 43 7.23 5.59 5.61
N VAL A 44 7.78 4.97 4.58
CA VAL A 44 8.28 3.60 4.71
C VAL A 44 9.55 3.61 5.56
N THR A 45 9.49 2.85 6.65
CA THR A 45 10.62 2.76 7.55
C THR A 45 11.70 1.86 6.95
N THR A 46 12.80 1.74 7.69
CA THR A 46 13.91 0.91 7.25
C THR A 46 13.63 -0.56 7.56
N SER A 47 12.65 -0.78 8.41
CA SER A 47 12.28 -2.13 8.79
C SER A 47 11.10 -2.61 7.94
N ILE A 48 10.84 -1.87 6.88
CA ILE A 48 9.75 -2.20 5.98
C ILE A 48 10.11 -3.47 5.20
N THR A 49 9.11 -3.98 4.49
CA THR A 49 9.31 -5.18 3.69
C THR A 49 10.20 -4.89 2.49
N SER A 50 11.35 -5.56 2.46
CA SER A 50 12.30 -5.37 1.38
C SER A 50 12.51 -6.70 0.65
N LYS A 51 12.34 -7.79 1.39
CA LYS A 51 12.50 -9.12 0.81
C LYS A 51 11.13 -9.74 0.58
N LYS A 52 10.29 -9.66 1.61
CA LYS A 52 8.95 -10.21 1.53
C LYS A 52 8.12 -9.40 0.54
N TRP A 53 7.57 -10.11 -0.43
CA TRP A 53 6.75 -9.47 -1.45
C TRP A 53 5.61 -10.42 -1.81
N GLY A 54 4.40 -9.86 -1.82
CA GLY A 54 3.22 -10.65 -2.15
C GLY A 54 2.54 -10.12 -3.41
N THR A 55 1.73 -10.98 -4.02
CA THR A 55 1.02 -10.60 -5.22
C THR A 55 0.16 -9.36 -4.96
N ARG A 56 -0.38 -9.28 -3.75
CA ARG A 56 -1.21 -8.16 -3.37
C ARG A 56 -0.38 -7.11 -2.63
N ASP A 57 0.93 -7.34 -2.60
CA ASP A 57 1.84 -6.43 -1.92
C ASP A 57 2.59 -5.61 -2.98
N LEU A 58 3.17 -4.51 -2.51
CA LEU A 58 3.91 -3.63 -3.39
C LEU A 58 5.40 -3.93 -3.26
N GLN A 59 6.15 -3.57 -4.28
CA GLN A 59 7.58 -3.79 -4.29
C GLN A 59 8.31 -2.59 -3.69
N VAL A 60 7.63 -1.94 -2.74
CA VAL A 60 8.20 -0.78 -2.08
C VAL A 60 9.46 -1.20 -1.31
N LYS A 61 10.27 -0.22 -0.99
CA LYS A 61 11.51 -0.46 -0.26
C LYS A 61 11.45 0.28 1.09
N PRO A 62 12.24 -0.24 2.06
CA PRO A 62 12.29 0.36 3.38
C PRO A 62 13.11 1.64 3.37
N GLY A 63 12.54 2.68 3.94
CA GLY A 63 13.20 3.97 4.00
C GLY A 63 12.67 4.92 2.93
N GLU A 64 11.63 4.46 2.25
CA GLU A 64 11.02 5.25 1.19
C GLU A 64 9.74 5.92 1.70
N SER A 65 9.20 6.80 0.88
CA SER A 65 7.99 7.52 1.23
C SER A 65 6.90 7.27 0.18
N LEU A 66 5.73 6.87 0.68
CA LEU A 66 4.60 6.59 -0.19
C LEU A 66 3.32 7.09 0.47
N GLU A 67 2.33 7.38 -0.37
CA GLU A 67 1.05 7.86 0.11
C GLU A 67 0.26 6.71 0.73
N VAL A 68 -0.28 6.97 1.91
CA VAL A 68 -1.07 5.98 2.62
C VAL A 68 -2.55 6.29 2.44
N ILE A 69 -3.32 5.24 2.14
CA ILE A 69 -4.74 5.39 1.94
C ILE A 69 -5.46 5.11 3.26
N GLN A 70 -6.57 4.38 3.15
CA GLN A 70 -7.36 4.04 4.32
C GLN A 70 -6.96 2.67 4.85
N THR A 71 -7.24 2.44 6.13
CA THR A 71 -6.92 1.18 6.76
C THR A 71 -7.77 0.05 6.17
N THR A 72 -7.09 -0.92 5.58
CA THR A 72 -7.76 -2.05 4.97
C THR A 72 -8.71 -2.72 5.98
N ASP A 73 -8.11 -3.42 6.93
CA ASP A 73 -8.89 -4.10 7.95
C ASP A 73 -8.78 -3.33 9.27
N ASP A 74 -7.79 -3.71 10.06
CA ASP A 74 -7.56 -3.05 11.35
C ASP A 74 -6.20 -2.38 11.33
N THR A 75 -5.17 -3.19 11.10
CA THR A 75 -3.81 -2.69 11.07
C THR A 75 -3.19 -2.93 9.69
N LYS A 76 -3.69 -2.21 8.70
CA LYS A 76 -3.20 -2.33 7.35
C LYS A 76 -3.46 -1.03 6.59
N VAL A 77 -2.41 -0.54 5.94
CA VAL A 77 -2.51 0.69 5.18
C VAL A 77 -2.26 0.40 3.70
N LEU A 78 -3.13 0.93 2.86
CA LEU A 78 -3.01 0.72 1.43
C LEU A 78 -2.11 1.81 0.84
N CYS A 79 -1.11 1.38 0.09
CA CYS A 79 -0.19 2.30 -0.53
C CYS A 79 -0.71 2.66 -1.93
N ARG A 80 -0.38 3.86 -2.36
CA ARG A 80 -0.81 4.33 -3.66
C ARG A 80 0.32 5.09 -4.36
N ASN A 81 0.53 4.74 -5.62
CA ASN A 81 1.58 5.38 -6.40
C ASN A 81 0.96 6.03 -7.64
N GLU A 82 1.44 7.23 -7.95
CA GLU A 82 0.94 7.95 -9.09
C GLU A 82 1.06 7.11 -10.36
N GLU A 83 1.80 6.01 -10.23
CA GLU A 83 2.00 5.10 -11.35
C GLU A 83 0.66 4.57 -11.85
N GLY A 84 -0.38 4.86 -11.08
CA GLY A 84 -1.72 4.42 -11.43
C GLY A 84 -2.00 3.02 -10.89
N LYS A 85 -1.09 2.56 -10.03
CA LYS A 85 -1.22 1.24 -9.43
C LYS A 85 -1.19 1.37 -7.90
N TYR A 86 -1.85 0.44 -7.25
CA TYR A 86 -1.90 0.43 -5.80
C TYR A 86 -1.17 -0.79 -5.23
N GLY A 87 -1.00 -0.77 -3.91
CA GLY A 87 -0.33 -1.87 -3.23
C GLY A 87 -0.72 -1.92 -1.75
N TYR A 88 -0.55 -3.09 -1.17
CA TYR A 88 -0.88 -3.29 0.23
C TYR A 88 0.38 -3.37 1.09
N VAL A 89 0.23 -2.98 2.35
CA VAL A 89 1.35 -2.99 3.27
C VAL A 89 0.85 -3.43 4.66
N LEU A 90 1.49 -4.46 5.18
CA LEU A 90 1.12 -4.97 6.50
C LEU A 90 1.75 -4.09 7.58
N ARG A 91 0.99 -3.88 8.65
CA ARG A 91 1.46 -3.07 9.76
C ARG A 91 2.76 -3.64 10.33
N SER A 92 2.97 -4.93 10.05
CA SER A 92 4.17 -5.60 10.53
C SER A 92 5.40 -4.78 10.18
N TYR A 93 5.59 -4.56 8.88
CA TYR A 93 6.72 -3.79 8.41
C TYR A 93 6.27 -2.52 7.69
N LEU A 94 6.00 -1.50 8.49
CA LEU A 94 5.55 -0.23 7.94
C LEU A 94 5.66 0.85 9.03
N ALA A 95 5.39 2.08 8.62
CA ALA A 95 5.44 3.20 9.54
C ALA A 95 4.19 3.19 10.43
N ASP A 96 4.19 4.08 11.41
CA ASP A 96 3.07 4.19 12.33
C ASP A 96 1.79 4.46 11.54
N GLU A 20 -4.41 2.37 -17.74
CA GLU A 20 -5.36 2.51 -16.65
C GLU A 20 -5.89 1.14 -16.22
N LYS A 21 -5.23 0.11 -16.74
CA LYS A 21 -5.63 -1.26 -16.42
C LYS A 21 -4.98 -1.68 -15.10
N GLU A 22 -4.00 -0.88 -14.68
CA GLU A 22 -3.31 -1.14 -13.43
C GLU A 22 -4.28 -1.11 -12.26
N GLU A 23 -5.26 -0.22 -12.38
CA GLU A 23 -6.26 -0.07 -11.33
C GLU A 23 -7.08 -1.35 -11.19
N LYS A 24 -7.26 -2.03 -12.31
CA LYS A 24 -8.01 -3.28 -12.32
C LYS A 24 -7.24 -4.34 -11.56
N ASP A 25 -5.92 -4.28 -11.67
CA ASP A 25 -5.07 -5.24 -11.01
C ASP A 25 -5.29 -5.15 -9.49
N PHE A 26 -5.47 -3.92 -9.03
CA PHE A 26 -5.71 -3.68 -7.61
C PHE A 26 -7.18 -3.89 -7.25
N ARG A 27 -8.04 -3.26 -8.03
CA ARG A 27 -9.47 -3.37 -7.80
C ARG A 27 -9.91 -4.83 -7.89
N LYS A 28 -9.27 -5.56 -8.78
CA LYS A 28 -9.58 -6.97 -8.98
C LYS A 28 -9.54 -7.69 -7.63
N LYS A 29 -8.38 -7.59 -6.98
CA LYS A 29 -8.21 -8.22 -5.68
C LYS A 29 -8.77 -7.30 -4.59
N PHE A 30 -8.63 -6.01 -4.82
CA PHE A 30 -9.12 -5.01 -3.88
C PHE A 30 -10.58 -4.68 -4.14
N LYS A 31 -11.31 -5.66 -4.67
CA LYS A 31 -12.71 -5.49 -4.96
C LYS A 31 -13.34 -4.58 -3.91
N TYR A 32 -12.49 -4.03 -3.06
CA TYR A 32 -12.95 -3.13 -2.01
C TYR A 32 -13.57 -1.86 -2.59
N ASP A 33 -14.83 -1.65 -2.24
CA ASP A 33 -15.55 -0.48 -2.71
C ASP A 33 -15.55 0.60 -1.63
N GLY A 34 -14.62 1.54 -1.78
CA GLY A 34 -14.49 2.62 -0.82
C GLY A 34 -13.99 3.90 -1.50
N GLU A 35 -13.64 4.88 -0.68
CA GLU A 35 -13.14 6.14 -1.18
C GLU A 35 -11.63 6.21 -1.04
N ILE A 36 -10.95 5.80 -2.11
CA ILE A 36 -9.49 5.81 -2.12
C ILE A 36 -8.99 7.26 -2.10
N ARG A 37 -8.45 7.65 -0.96
CA ARG A 37 -7.93 9.00 -0.81
C ARG A 37 -6.83 9.03 0.26
N VAL A 38 -5.64 9.36 -0.19
CA VAL A 38 -4.50 9.43 0.72
C VAL A 38 -4.71 10.58 1.71
N LEU A 39 -5.14 10.20 2.91
CA LEU A 39 -5.39 11.17 3.96
C LEU A 39 -4.12 11.37 4.78
N TYR A 40 -3.53 10.25 5.19
CA TYR A 40 -2.32 10.27 5.99
C TYR A 40 -1.24 9.39 5.36
N SER A 41 -0.47 10.01 4.46
CA SER A 41 0.60 9.29 3.78
C SER A 41 1.75 9.04 4.75
N THR A 42 1.91 7.76 5.09
CA THR A 42 2.97 7.36 6.00
C THR A 42 4.29 7.17 5.25
N LYS A 43 5.38 7.22 6.00
CA LYS A 43 6.70 7.07 5.42
C LYS A 43 7.20 5.64 5.68
N VAL A 44 7.75 5.04 4.64
CA VAL A 44 8.27 3.69 4.75
C VAL A 44 9.56 3.70 5.57
N THR A 45 9.54 2.95 6.66
CA THR A 45 10.70 2.87 7.53
C THR A 45 11.78 1.97 6.91
N THR A 46 12.88 1.85 7.64
CA THR A 46 13.99 1.04 7.16
C THR A 46 13.72 -0.44 7.47
N SER A 47 12.76 -0.67 8.35
CA SER A 47 12.41 -2.02 8.73
C SER A 47 11.21 -2.51 7.91
N ILE A 48 10.92 -1.76 6.85
CA ILE A 48 9.82 -2.10 5.97
C ILE A 48 10.17 -3.36 5.18
N THR A 49 9.18 -3.87 4.48
CA THR A 49 9.37 -5.07 3.67
C THR A 49 10.25 -4.76 2.46
N SER A 50 11.40 -5.42 2.42
CA SER A 50 12.34 -5.23 1.33
C SER A 50 12.56 -6.55 0.59
N LYS A 51 12.38 -7.63 1.32
CA LYS A 51 12.56 -8.96 0.76
C LYS A 51 11.18 -9.59 0.51
N LYS A 52 10.35 -9.53 1.55
CA LYS A 52 9.01 -10.09 1.47
C LYS A 52 8.18 -9.27 0.48
N TRP A 53 7.62 -9.96 -0.49
CA TRP A 53 6.80 -9.30 -1.50
C TRP A 53 5.65 -10.25 -1.87
N GLY A 54 4.44 -9.71 -1.85
CA GLY A 54 3.27 -10.49 -2.19
C GLY A 54 2.56 -9.93 -3.41
N THR A 55 1.75 -10.77 -4.04
CA THR A 55 1.01 -10.36 -5.22
C THR A 55 0.15 -9.14 -4.91
N ARG A 56 -0.37 -9.11 -3.70
CA ARG A 56 -1.20 -8.01 -3.26
C ARG A 56 -0.38 -6.98 -2.49
N ASP A 57 0.93 -7.19 -2.49
CA ASP A 57 1.84 -6.30 -1.80
C ASP A 57 2.57 -5.43 -2.83
N LEU A 58 3.14 -4.34 -2.33
CA LEU A 58 3.87 -3.42 -3.18
C LEU A 58 5.37 -3.73 -3.09
N GLN A 59 6.08 -3.37 -4.15
CA GLN A 59 7.51 -3.59 -4.20
C GLN A 59 8.26 -2.40 -3.61
N VAL A 60 7.61 -1.74 -2.66
CA VAL A 60 8.20 -0.59 -2.00
C VAL A 60 9.46 -1.02 -1.24
N LYS A 61 10.30 -0.04 -0.96
CA LYS A 61 11.54 -0.30 -0.25
C LYS A 61 11.49 0.40 1.12
N PRO A 62 12.29 -0.16 2.07
CA PRO A 62 12.35 0.40 3.41
C PRO A 62 13.17 1.70 3.43
N GLY A 63 12.54 2.73 3.98
CA GLY A 63 13.19 4.03 4.06
C GLY A 63 12.69 4.97 2.97
N GLU A 64 11.62 4.54 2.31
CA GLU A 64 11.05 5.34 1.24
C GLU A 64 9.73 5.95 1.70
N SER A 65 9.20 6.83 0.84
CA SER A 65 7.95 7.50 1.15
C SER A 65 6.85 7.04 0.18
N LEU A 66 5.71 6.69 0.75
CA LEU A 66 4.58 6.23 -0.04
C LEU A 66 3.29 6.80 0.54
N GLU A 67 2.27 6.87 -0.32
CA GLU A 67 0.99 7.39 0.10
C GLU A 67 0.19 6.30 0.82
N VAL A 68 -0.41 6.69 1.93
CA VAL A 68 -1.21 5.77 2.72
C VAL A 68 -2.69 6.05 2.51
N ILE A 69 -3.42 5.01 2.17
CA ILE A 69 -4.85 5.13 1.93
C ILE A 69 -5.61 4.83 3.22
N GLN A 70 -6.69 4.07 3.06
CA GLN A 70 -7.51 3.70 4.21
C GLN A 70 -7.06 2.35 4.77
N THR A 71 -7.34 2.14 6.04
CA THR A 71 -6.99 0.90 6.70
C THR A 71 -7.79 -0.27 6.12
N THR A 72 -7.08 -1.25 5.59
CA THR A 72 -7.72 -2.42 5.01
C THR A 72 -8.67 -3.06 6.03
N ASP A 73 -8.08 -3.74 7.00
CA ASP A 73 -8.86 -4.41 8.03
C ASP A 73 -8.76 -3.61 9.33
N ASP A 74 -7.78 -3.98 10.14
CA ASP A 74 -7.56 -3.31 11.40
C ASP A 74 -6.19 -2.64 11.40
N THR A 75 -5.17 -3.45 11.18
CA THR A 75 -3.81 -2.96 11.14
C THR A 75 -3.19 -3.18 9.76
N LYS A 76 -3.70 -2.44 8.79
CA LYS A 76 -3.21 -2.55 7.42
C LYS A 76 -3.50 -1.25 6.68
N VAL A 77 -2.46 -0.75 6.02
CA VAL A 77 -2.59 0.49 5.26
C VAL A 77 -2.26 0.23 3.80
N LEU A 78 -3.16 0.67 2.94
CA LEU A 78 -2.99 0.49 1.50
C LEU A 78 -2.17 1.66 0.94
N CYS A 79 -1.13 1.31 0.19
CA CYS A 79 -0.28 2.32 -0.41
C CYS A 79 -0.83 2.65 -1.80
N ARG A 80 -0.50 3.85 -2.25
CA ARG A 80 -0.95 4.30 -3.56
C ARG A 80 0.18 5.02 -4.29
N ASN A 81 0.33 4.68 -5.57
CA ASN A 81 1.36 5.27 -6.39
C ASN A 81 0.72 5.95 -7.60
N GLU A 82 1.23 7.13 -7.92
CA GLU A 82 0.71 7.89 -9.04
C GLU A 82 0.78 7.05 -10.33
N GLU A 83 1.47 5.93 -10.22
CA GLU A 83 1.62 5.02 -11.35
C GLU A 83 0.26 4.48 -11.78
N GLY A 84 -0.74 4.77 -10.96
CA GLY A 84 -2.09 4.32 -11.24
C GLY A 84 -2.32 2.91 -10.68
N LYS A 85 -1.36 2.47 -9.89
CA LYS A 85 -1.46 1.14 -9.28
C LYS A 85 -1.45 1.28 -7.76
N TYR A 86 -1.98 0.27 -7.10
CA TYR A 86 -2.04 0.26 -5.65
C TYR A 86 -1.36 -0.99 -5.08
N GLY A 87 -1.13 -0.95 -3.77
CA GLY A 87 -0.49 -2.06 -3.09
C GLY A 87 -0.83 -2.08 -1.60
N TYR A 88 -0.69 -3.24 -1.00
CA TYR A 88 -0.98 -3.40 0.42
C TYR A 88 0.30 -3.50 1.23
N VAL A 89 0.20 -3.10 2.49
CA VAL A 89 1.35 -3.13 3.38
C VAL A 89 0.88 -3.53 4.79
N LEU A 90 1.52 -4.57 5.31
CA LEU A 90 1.18 -5.06 6.64
C LEU A 90 1.80 -4.14 7.69
N ARG A 91 1.05 -3.90 8.74
CA ARG A 91 1.51 -3.05 9.82
C ARG A 91 2.81 -3.59 10.40
N SER A 92 3.06 -4.86 10.16
CA SER A 92 4.26 -5.51 10.64
C SER A 92 5.49 -4.66 10.29
N TYR A 93 5.67 -4.45 8.99
CA TYR A 93 6.78 -3.67 8.50
C TYR A 93 6.31 -2.40 7.78
N LEU A 94 6.04 -1.38 8.57
CA LEU A 94 5.57 -0.11 8.03
C LEU A 94 5.65 0.96 9.11
N ALA A 95 5.35 2.19 8.70
CA ALA A 95 5.38 3.31 9.63
C ALA A 95 4.12 3.31 10.48
N ASP A 96 4.11 4.19 11.47
CA ASP A 96 2.97 4.29 12.37
C ASP A 96 1.71 4.60 11.55
N GLU A 20 -6.37 3.35 -16.24
CA GLU A 20 -5.42 2.36 -16.70
C GLU A 20 -5.76 0.99 -16.11
N LYS A 21 -5.31 -0.05 -16.80
CA LYS A 21 -5.55 -1.41 -16.35
C LYS A 21 -4.87 -1.63 -15.00
N GLU A 22 -4.00 -0.70 -14.66
CA GLU A 22 -3.28 -0.78 -13.40
C GLU A 22 -4.26 -0.73 -12.22
N GLU A 23 -5.28 0.11 -12.38
CA GLU A 23 -6.29 0.25 -11.34
C GLU A 23 -7.12 -1.03 -11.23
N LYS A 24 -7.30 -1.69 -12.37
CA LYS A 24 -8.06 -2.92 -12.40
C LYS A 24 -7.29 -4.02 -11.67
N ASP A 25 -5.97 -3.96 -11.80
CA ASP A 25 -5.11 -4.95 -11.16
C ASP A 25 -5.34 -4.92 -9.66
N PHE A 26 -5.51 -3.71 -9.14
CA PHE A 26 -5.74 -3.52 -7.72
C PHE A 26 -7.21 -3.74 -7.36
N ARG A 27 -8.07 -3.07 -8.10
CA ARG A 27 -9.50 -3.18 -7.88
C ARG A 27 -9.95 -4.64 -8.02
N LYS A 28 -9.32 -5.33 -8.96
CA LYS A 28 -9.64 -6.73 -9.20
C LYS A 28 -9.57 -7.50 -7.88
N LYS A 29 -8.41 -7.43 -7.25
CA LYS A 29 -8.19 -8.11 -5.99
C LYS A 29 -8.75 -7.25 -4.84
N PHE A 30 -8.62 -5.95 -5.03
CA PHE A 30 -9.10 -5.01 -4.02
C PHE A 30 -10.57 -4.66 -4.25
N LYS A 31 -11.29 -5.63 -4.82
CA LYS A 31 -12.70 -5.44 -5.10
C LYS A 31 -13.33 -4.59 -3.99
N TYR A 32 -12.47 -4.07 -3.14
CA TYR A 32 -12.93 -3.24 -2.03
C TYR A 32 -13.60 -1.96 -2.54
N ASP A 33 -14.85 -1.79 -2.15
CA ASP A 33 -15.60 -0.63 -2.56
C ASP A 33 -15.60 0.41 -1.43
N GLY A 34 -14.70 1.38 -1.56
CA GLY A 34 -14.57 2.43 -0.57
C GLY A 34 -14.12 3.74 -1.21
N GLU A 35 -13.78 4.69 -0.36
CA GLU A 35 -13.33 6.00 -0.83
C GLU A 35 -11.81 6.10 -0.71
N ILE A 36 -11.13 5.76 -1.80
CA ILE A 36 -9.68 5.81 -1.83
C ILE A 36 -9.23 7.27 -1.84
N ARG A 37 -8.66 7.68 -0.72
CA ARG A 37 -8.18 9.05 -0.58
C ARG A 37 -7.02 9.11 0.42
N VAL A 38 -5.86 9.47 -0.09
CA VAL A 38 -4.68 9.58 0.75
C VAL A 38 -4.87 10.70 1.77
N LEU A 39 -5.24 10.31 2.98
CA LEU A 39 -5.46 11.27 4.05
C LEU A 39 -4.16 11.46 4.84
N TYR A 40 -3.56 10.33 5.20
CA TYR A 40 -2.32 10.37 5.96
C TYR A 40 -1.25 9.49 5.29
N SER A 41 -0.52 10.10 4.37
CA SER A 41 0.52 9.39 3.64
C SER A 41 1.71 9.15 4.57
N THR A 42 1.89 7.89 4.93
CA THR A 42 2.98 7.50 5.81
C THR A 42 4.26 7.26 5.00
N LYS A 43 5.39 7.33 5.70
CA LYS A 43 6.67 7.12 5.06
C LYS A 43 7.17 5.71 5.37
N VAL A 44 7.70 5.05 4.34
CA VAL A 44 8.20 3.70 4.49
C VAL A 44 9.49 3.73 5.32
N THR A 45 9.47 3.01 6.42
CA THR A 45 10.62 2.95 7.31
C THR A 45 11.70 2.04 6.71
N THR A 46 12.81 1.94 7.43
CA THR A 46 13.92 1.12 6.99
C THR A 46 13.65 -0.35 7.32
N SER A 47 12.72 -0.57 8.24
CA SER A 47 12.36 -1.91 8.65
C SER A 47 11.18 -2.41 7.83
N ILE A 48 10.89 -1.69 6.76
CA ILE A 48 9.79 -2.05 5.88
C ILE A 48 10.15 -3.32 5.11
N THR A 49 9.16 -3.84 4.41
CA THR A 49 9.35 -5.06 3.62
C THR A 49 10.23 -4.76 2.40
N SER A 50 11.38 -5.43 2.36
CA SER A 50 12.31 -5.25 1.27
C SER A 50 12.52 -6.58 0.53
N LYS A 51 12.34 -7.66 1.28
CA LYS A 51 12.50 -8.98 0.72
C LYS A 51 11.12 -9.62 0.49
N LYS A 52 10.29 -9.53 1.52
CA LYS A 52 8.95 -10.08 1.45
C LYS A 52 8.13 -9.27 0.45
N TRP A 53 7.58 -9.97 -0.52
CA TRP A 53 6.76 -9.33 -1.54
C TRP A 53 5.62 -10.28 -1.91
N GLY A 54 4.40 -9.74 -1.88
CA GLY A 54 3.23 -10.53 -2.20
C GLY A 54 2.51 -9.96 -3.43
N THR A 55 1.70 -10.82 -4.05
CA THR A 55 0.95 -10.40 -5.22
C THR A 55 0.09 -9.19 -4.91
N ARG A 56 -0.43 -9.15 -3.70
CA ARG A 56 -1.26 -8.05 -3.26
C ARG A 56 -0.44 -7.02 -2.49
N ASP A 57 0.87 -7.24 -2.49
CA ASP A 57 1.78 -6.34 -1.81
C ASP A 57 2.50 -5.46 -2.83
N LEU A 58 3.09 -4.38 -2.33
CA LEU A 58 3.80 -3.46 -3.19
C LEU A 58 5.30 -3.76 -3.11
N GLN A 59 6.00 -3.42 -4.19
CA GLN A 59 7.43 -3.65 -4.26
C GLN A 59 8.18 -2.44 -3.69
N VAL A 60 7.55 -1.78 -2.73
CA VAL A 60 8.15 -0.62 -2.10
C VAL A 60 9.41 -1.05 -1.35
N LYS A 61 10.26 -0.06 -1.07
CA LYS A 61 11.50 -0.32 -0.37
C LYS A 61 11.46 0.37 1.00
N PRO A 62 12.28 -0.17 1.94
CA PRO A 62 12.35 0.39 3.28
C PRO A 62 13.14 1.69 3.29
N GLY A 63 12.49 2.74 3.80
CA GLY A 63 13.13 4.05 3.87
C GLY A 63 12.63 4.96 2.76
N GLU A 64 11.59 4.49 2.08
CA GLU A 64 11.02 5.25 0.98
C GLU A 64 9.70 5.90 1.41
N SER A 65 9.18 6.75 0.55
CA SER A 65 7.93 7.43 0.83
C SER A 65 6.81 6.87 -0.05
N LEU A 66 5.69 6.57 0.59
CA LEU A 66 4.54 6.03 -0.13
C LEU A 66 3.26 6.63 0.45
N GLU A 67 2.24 6.70 -0.41
CA GLU A 67 0.96 7.26 0.00
C GLU A 67 0.17 6.20 0.77
N VAL A 68 -0.42 6.65 1.88
CA VAL A 68 -1.22 5.77 2.72
C VAL A 68 -2.69 6.08 2.50
N ILE A 69 -3.45 5.03 2.17
CA ILE A 69 -4.87 5.18 1.94
C ILE A 69 -5.62 4.91 3.24
N GLN A 70 -6.71 4.15 3.12
CA GLN A 70 -7.51 3.81 4.28
C GLN A 70 -7.07 2.46 4.85
N THR A 71 -7.33 2.31 6.15
CA THR A 71 -6.97 1.07 6.84
C THR A 71 -7.82 -0.10 6.31
N THR A 72 -7.11 -1.10 5.79
CA THR A 72 -7.79 -2.27 5.26
C THR A 72 -8.72 -2.88 6.31
N ASP A 73 -8.11 -3.55 7.28
CA ASP A 73 -8.88 -4.17 8.35
C ASP A 73 -8.72 -3.36 9.62
N ASP A 74 -7.73 -3.73 10.42
CA ASP A 74 -7.47 -3.04 11.67
C ASP A 74 -6.07 -2.41 11.61
N THR A 75 -5.08 -3.25 11.37
CA THR A 75 -3.71 -2.78 11.29
C THR A 75 -3.13 -3.05 9.89
N LYS A 76 -3.67 -2.31 8.92
CA LYS A 76 -3.22 -2.46 7.54
C LYS A 76 -3.51 -1.16 6.79
N VAL A 77 -2.47 -0.68 6.11
CA VAL A 77 -2.59 0.55 5.34
C VAL A 77 -2.32 0.25 3.86
N LEU A 78 -3.23 0.70 3.01
CA LEU A 78 -3.09 0.49 1.58
C LEU A 78 -2.26 1.63 0.99
N CYS A 79 -1.20 1.23 0.29
CA CYS A 79 -0.31 2.20 -0.33
C CYS A 79 -0.82 2.46 -1.75
N ARG A 80 -0.42 3.61 -2.28
CA ARG A 80 -0.82 3.99 -3.62
C ARG A 80 0.38 4.52 -4.42
N ASN A 81 0.38 4.20 -5.70
CA ASN A 81 1.46 4.64 -6.58
C ASN A 81 0.90 5.55 -7.67
N GLU A 82 1.55 6.69 -7.84
CA GLU A 82 1.13 7.65 -8.84
C GLU A 82 1.03 6.98 -10.21
N GLU A 83 1.66 5.82 -10.31
CA GLU A 83 1.65 5.07 -11.56
C GLU A 83 0.27 4.49 -11.82
N GLY A 84 -0.60 4.65 -10.84
CA GLY A 84 -1.96 4.14 -10.95
C GLY A 84 -2.04 2.70 -10.45
N LYS A 85 -1.00 2.29 -9.74
CA LYS A 85 -0.94 0.93 -9.21
C LYS A 85 -0.91 1.00 -7.68
N TYR A 86 -1.87 0.32 -7.07
CA TYR A 86 -1.96 0.30 -5.62
C TYR A 86 -1.28 -0.95 -5.05
N GLY A 87 -1.06 -0.92 -3.74
CA GLY A 87 -0.43 -2.04 -3.07
C GLY A 87 -0.77 -2.05 -1.59
N TYR A 88 -0.63 -3.23 -0.98
CA TYR A 88 -0.92 -3.39 0.44
C TYR A 88 0.36 -3.47 1.26
N VAL A 89 0.26 -3.06 2.51
CA VAL A 89 1.40 -3.08 3.41
C VAL A 89 0.92 -3.46 4.81
N LEU A 90 1.56 -4.49 5.35
CA LEU A 90 1.22 -4.96 6.68
C LEU A 90 1.85 -4.05 7.73
N ARG A 91 1.11 -3.81 8.79
CA ARG A 91 1.59 -2.96 9.86
C ARG A 91 2.91 -3.49 10.43
N SER A 92 3.14 -4.77 10.17
CA SER A 92 4.35 -5.42 10.64
C SER A 92 5.57 -4.58 10.24
N TYR A 93 5.73 -4.41 8.94
CA TYR A 93 6.84 -3.64 8.41
C TYR A 93 6.35 -2.39 7.68
N LEU A 94 6.09 -1.35 8.45
CA LEU A 94 5.63 -0.10 7.89
C LEU A 94 5.76 1.01 8.95
N ALA A 95 5.44 2.23 8.52
CA ALA A 95 5.52 3.37 9.41
C ALA A 95 4.28 3.39 10.32
N ASP A 96 4.30 4.31 11.28
CA ASP A 96 3.21 4.44 12.22
C ASP A 96 1.91 4.69 11.44
N GLU A 20 -1.41 1.25 -16.76
CA GLU A 20 -2.35 1.48 -15.67
C GLU A 20 -3.29 0.29 -15.52
N LYS A 21 -2.75 -0.89 -15.78
CA LYS A 21 -3.53 -2.11 -15.66
C LYS A 21 -3.56 -2.56 -14.20
N GLU A 22 -2.65 -1.99 -13.41
CA GLU A 22 -2.58 -2.32 -12.00
C GLU A 22 -3.88 -1.95 -11.29
N GLU A 23 -4.49 -0.88 -11.77
CA GLU A 23 -5.74 -0.39 -11.20
C GLU A 23 -6.83 -1.46 -11.36
N LYS A 24 -6.86 -2.06 -12.53
CA LYS A 24 -7.84 -3.09 -12.83
C LYS A 24 -7.52 -4.34 -12.03
N ASP A 25 -6.23 -4.63 -11.93
CA ASP A 25 -5.77 -5.80 -11.19
C ASP A 25 -5.97 -5.56 -9.69
N PHE A 26 -5.84 -4.30 -9.30
CA PHE A 26 -6.01 -3.93 -7.90
C PHE A 26 -7.45 -4.18 -7.44
N ARG A 27 -8.38 -3.63 -8.20
CA ARG A 27 -9.79 -3.78 -7.88
C ARG A 27 -10.18 -5.26 -7.87
N LYS A 28 -9.47 -6.03 -8.69
CA LYS A 28 -9.73 -7.45 -8.78
C LYS A 28 -9.67 -8.06 -7.38
N LYS A 29 -8.51 -7.91 -6.74
CA LYS A 29 -8.31 -8.44 -5.40
C LYS A 29 -8.84 -7.44 -4.38
N PHE A 30 -8.71 -6.17 -4.72
CA PHE A 30 -9.17 -5.10 -3.83
C PHE A 30 -10.64 -4.78 -4.10
N LYS A 31 -11.36 -5.77 -4.60
CA LYS A 31 -12.77 -5.59 -4.89
C LYS A 31 -13.40 -4.66 -3.86
N TYR A 32 -12.54 -4.09 -3.03
CA TYR A 32 -12.99 -3.17 -2.00
C TYR A 32 -13.60 -1.91 -2.61
N ASP A 33 -14.85 -1.66 -2.26
CA ASP A 33 -15.56 -0.49 -2.76
C ASP A 33 -15.56 0.61 -1.70
N GLY A 34 -14.63 1.53 -1.85
CA GLY A 34 -14.51 2.63 -0.90
C GLY A 34 -13.99 3.89 -1.60
N GLU A 35 -13.65 4.88 -0.79
CA GLU A 35 -13.14 6.14 -1.31
C GLU A 35 -11.62 6.20 -1.16
N ILE A 36 -10.93 5.77 -2.21
CA ILE A 36 -9.48 5.78 -2.20
C ILE A 36 -8.97 7.23 -2.17
N ARG A 37 -8.43 7.61 -1.03
CA ARG A 37 -7.91 8.96 -0.86
C ARG A 37 -6.83 8.98 0.22
N VAL A 38 -5.63 9.34 -0.21
CA VAL A 38 -4.50 9.40 0.72
C VAL A 38 -4.74 10.54 1.72
N LEU A 39 -5.19 10.14 2.91
CA LEU A 39 -5.45 11.11 3.97
C LEU A 39 -4.19 11.31 4.79
N TYR A 40 -3.60 10.20 5.20
CA TYR A 40 -2.39 10.24 6.01
C TYR A 40 -1.28 9.37 5.38
N SER A 41 -0.54 10.00 4.47
CA SER A 41 0.54 9.30 3.79
C SER A 41 1.70 9.08 4.76
N THR A 42 1.90 7.83 5.12
CA THR A 42 2.98 7.47 6.04
C THR A 42 4.27 7.23 5.26
N LYS A 43 5.38 7.29 5.99
CA LYS A 43 6.69 7.09 5.39
C LYS A 43 7.14 5.65 5.64
N VAL A 44 7.69 5.04 4.60
CA VAL A 44 8.16 3.67 4.69
C VAL A 44 9.41 3.62 5.56
N THR A 45 9.29 2.89 6.66
CA THR A 45 10.41 2.75 7.60
C THR A 45 11.48 1.82 7.02
N THR A 46 12.72 2.24 7.18
CA THR A 46 13.84 1.46 6.68
C THR A 46 13.67 -0.02 7.06
N SER A 47 12.77 -0.25 8.00
CA SER A 47 12.50 -1.60 8.47
C SER A 47 11.31 -2.19 7.71
N ILE A 48 10.95 -1.52 6.63
CA ILE A 48 9.83 -1.97 5.81
C ILE A 48 10.22 -3.24 5.06
N THR A 49 9.24 -3.82 4.39
CA THR A 49 9.46 -5.04 3.64
C THR A 49 10.33 -4.75 2.40
N SER A 50 11.47 -5.41 2.34
CA SER A 50 12.38 -5.24 1.23
C SER A 50 12.56 -6.56 0.49
N LYS A 51 12.39 -7.65 1.23
CA LYS A 51 12.55 -8.98 0.66
C LYS A 51 11.16 -9.59 0.45
N LYS A 52 10.34 -9.49 1.48
CA LYS A 52 8.99 -10.02 1.43
C LYS A 52 8.16 -9.22 0.42
N TRP A 53 7.60 -9.93 -0.55
CA TRP A 53 6.79 -9.29 -1.57
C TRP A 53 5.64 -10.24 -1.92
N GLY A 54 4.44 -9.69 -1.91
CA GLY A 54 3.25 -10.48 -2.22
C GLY A 54 2.55 -9.93 -3.46
N THR A 55 1.73 -10.77 -4.06
CA THR A 55 1.00 -10.39 -5.25
C THR A 55 0.13 -9.16 -4.95
N ARG A 56 -0.41 -9.12 -3.74
CA ARG A 56 -1.25 -8.01 -3.33
C ARG A 56 -0.42 -6.98 -2.55
N ASP A 57 0.88 -7.22 -2.52
CA ASP A 57 1.78 -6.32 -1.82
C ASP A 57 2.52 -5.45 -2.84
N LEU A 58 3.09 -4.36 -2.33
CA LEU A 58 3.83 -3.44 -3.17
C LEU A 58 5.33 -3.75 -3.07
N GLN A 59 6.02 -3.47 -4.17
CA GLN A 59 7.46 -3.72 -4.23
C GLN A 59 8.23 -2.50 -3.71
N VAL A 60 7.60 -1.80 -2.77
CA VAL A 60 8.21 -0.61 -2.19
C VAL A 60 9.48 -1.02 -1.43
N LYS A 61 10.32 -0.03 -1.20
CA LYS A 61 11.57 -0.26 -0.48
C LYS A 61 11.51 0.41 0.88
N PRO A 62 12.31 -0.13 1.84
CA PRO A 62 12.36 0.41 3.18
C PRO A 62 13.15 1.71 3.22
N GLY A 63 12.53 2.73 3.80
CA GLY A 63 13.16 4.04 3.90
C GLY A 63 12.65 4.98 2.82
N GLU A 64 11.58 4.55 2.16
CA GLU A 64 10.99 5.35 1.10
C GLU A 64 9.68 5.97 1.55
N SER A 65 9.13 6.83 0.71
CA SER A 65 7.87 7.49 1.02
C SER A 65 6.78 6.99 0.09
N LEU A 66 5.65 6.63 0.69
CA LEU A 66 4.52 6.12 -0.06
C LEU A 66 3.22 6.70 0.51
N GLU A 67 2.20 6.75 -0.33
CA GLU A 67 0.92 7.26 0.07
C GLU A 67 0.13 6.20 0.84
N VAL A 68 -0.43 6.61 1.97
CA VAL A 68 -1.21 5.71 2.80
C VAL A 68 -2.70 6.00 2.60
N ILE A 69 -3.44 4.95 2.26
CA ILE A 69 -4.86 5.08 2.04
C ILE A 69 -5.61 4.79 3.36
N GLN A 70 -6.69 4.03 3.24
CA GLN A 70 -7.49 3.68 4.39
C GLN A 70 -7.06 2.32 4.94
N THR A 71 -7.32 2.13 6.23
CA THR A 71 -6.96 0.89 6.88
C THR A 71 -7.81 -0.26 6.34
N THR A 72 -7.12 -1.28 5.83
CA THR A 72 -7.79 -2.44 5.27
C THR A 72 -8.73 -3.06 6.32
N ASP A 73 -8.13 -3.74 7.27
CA ASP A 73 -8.90 -4.38 8.33
C ASP A 73 -8.73 -3.59 9.62
N ASP A 74 -7.74 -3.99 10.40
CA ASP A 74 -7.47 -3.33 11.67
C ASP A 74 -6.07 -2.70 11.62
N THR A 75 -5.08 -3.56 11.35
CA THR A 75 -3.71 -3.10 11.28
C THR A 75 -3.15 -3.32 9.87
N LYS A 76 -3.68 -2.57 8.93
CA LYS A 76 -3.25 -2.68 7.55
C LYS A 76 -3.53 -1.37 6.82
N VAL A 77 -2.52 -0.88 6.12
CA VAL A 77 -2.65 0.36 5.37
C VAL A 77 -2.36 0.09 3.89
N LEU A 78 -3.27 0.58 3.05
CA LEU A 78 -3.13 0.40 1.61
C LEU A 78 -2.29 1.55 1.05
N CYS A 79 -1.22 1.18 0.36
CA CYS A 79 -0.33 2.16 -0.24
C CYS A 79 -0.84 2.47 -1.65
N ARG A 80 -0.46 3.63 -2.15
CA ARG A 80 -0.87 4.05 -3.47
C ARG A 80 0.32 4.63 -4.24
N ASN A 81 0.33 4.39 -5.54
CA ASN A 81 1.40 4.88 -6.39
C ASN A 81 0.82 5.85 -7.43
N GLU A 82 1.47 7.00 -7.54
CA GLU A 82 1.02 8.01 -8.50
C GLU A 82 0.94 7.42 -9.90
N GLU A 83 1.61 6.28 -10.07
CA GLU A 83 1.62 5.61 -11.36
C GLU A 83 0.26 4.93 -11.61
N GLY A 84 -0.60 5.01 -10.60
CA GLY A 84 -1.92 4.42 -10.70
C GLY A 84 -1.91 2.95 -10.25
N LYS A 85 -0.85 2.61 -9.53
CA LYS A 85 -0.69 1.24 -9.04
C LYS A 85 -0.77 1.24 -7.52
N TYR A 86 -1.70 0.44 -7.00
CA TYR A 86 -1.89 0.36 -5.56
C TYR A 86 -1.24 -0.93 -5.02
N GLY A 87 -1.01 -0.91 -3.71
CA GLY A 87 -0.41 -2.06 -3.05
C GLY A 87 -0.76 -2.08 -1.56
N TYR A 88 -0.64 -3.26 -0.97
CA TYR A 88 -0.93 -3.43 0.44
C TYR A 88 0.36 -3.53 1.27
N VAL A 89 0.26 -3.07 2.51
CA VAL A 89 1.40 -3.10 3.41
C VAL A 89 0.94 -3.53 4.80
N LEU A 90 1.58 -4.57 5.30
CA LEU A 90 1.24 -5.10 6.62
C LEU A 90 1.86 -4.20 7.69
N ARG A 91 1.10 -4.01 8.76
CA ARG A 91 1.56 -3.17 9.87
C ARG A 91 2.90 -3.68 10.40
N SER A 92 3.16 -4.95 10.13
CA SER A 92 4.40 -5.58 10.57
C SER A 92 5.59 -4.71 10.19
N TYR A 93 5.73 -4.48 8.90
CA TYR A 93 6.82 -3.67 8.39
C TYR A 93 6.29 -2.41 7.70
N LEU A 94 6.04 -1.39 8.51
CA LEU A 94 5.53 -0.13 8.00
C LEU A 94 5.65 0.94 9.08
N ALA A 95 5.32 2.17 8.69
CA ALA A 95 5.39 3.28 9.61
C ALA A 95 4.11 3.32 10.45
N ASP A 96 4.11 4.23 11.41
CA ASP A 96 2.96 4.39 12.29
C ASP A 96 1.71 4.65 11.45
N GLU A 20 0.13 0.76 -15.75
CA GLU A 20 -0.99 1.41 -15.09
C GLU A 20 -2.23 0.51 -15.14
N LYS A 21 -2.01 -0.71 -15.60
CA LYS A 21 -3.11 -1.67 -15.72
C LYS A 21 -3.32 -2.35 -14.36
N GLU A 22 -2.36 -2.14 -13.48
CA GLU A 22 -2.42 -2.72 -12.14
C GLU A 22 -3.67 -2.21 -11.41
N GLU A 23 -4.12 -1.04 -11.82
CA GLU A 23 -5.30 -0.43 -11.21
C GLU A 23 -6.52 -1.33 -11.40
N LYS A 24 -6.63 -1.89 -12.60
CA LYS A 24 -7.74 -2.77 -12.92
C LYS A 24 -7.57 -4.09 -12.17
N ASP A 25 -6.32 -4.49 -11.99
CA ASP A 25 -6.02 -5.72 -11.30
C ASP A 25 -6.22 -5.51 -9.79
N PHE A 26 -5.98 -4.28 -9.35
CA PHE A 26 -6.14 -3.94 -7.95
C PHE A 26 -7.59 -4.12 -7.51
N ARG A 27 -8.49 -3.47 -8.24
CA ARG A 27 -9.90 -3.54 -7.93
C ARG A 27 -10.39 -4.99 -8.02
N LYS A 28 -9.72 -5.76 -8.87
CA LYS A 28 -10.08 -7.16 -9.05
C LYS A 28 -10.06 -7.86 -7.69
N LYS A 29 -8.90 -7.82 -7.05
CA LYS A 29 -8.74 -8.45 -5.75
C LYS A 29 -9.21 -7.47 -4.66
N PHE A 30 -9.05 -6.19 -4.95
CA PHE A 30 -9.45 -5.16 -4.00
C PHE A 30 -10.92 -4.79 -4.19
N LYS A 31 -11.69 -5.76 -4.65
CA LYS A 31 -13.11 -5.55 -4.87
C LYS A 31 -13.65 -4.59 -3.82
N TYR A 32 -12.74 -4.05 -3.02
CA TYR A 32 -13.11 -3.12 -1.98
C TYR A 32 -13.69 -1.84 -2.57
N ASP A 33 -14.92 -1.54 -2.16
CA ASP A 33 -15.60 -0.35 -2.64
C ASP A 33 -15.51 0.75 -1.58
N GLY A 34 -14.55 1.64 -1.76
CA GLY A 34 -14.35 2.73 -0.82
C GLY A 34 -13.83 3.97 -1.55
N GLU A 35 -13.42 4.96 -0.74
CA GLU A 35 -12.88 6.19 -1.29
C GLU A 35 -11.36 6.20 -1.20
N ILE A 36 -10.73 5.73 -2.27
CA ILE A 36 -9.28 5.68 -2.32
C ILE A 36 -8.72 7.10 -2.31
N ARG A 37 -8.11 7.47 -1.19
CA ARG A 37 -7.53 8.79 -1.05
C ARG A 37 -6.41 8.78 -0.01
N VAL A 38 -5.41 9.60 -0.27
CA VAL A 38 -4.27 9.70 0.63
C VAL A 38 -4.48 10.84 1.61
N LEU A 39 -4.93 10.50 2.81
CA LEU A 39 -5.18 11.49 3.84
C LEU A 39 -3.91 11.68 4.68
N TYR A 40 -3.34 10.56 5.10
CA TYR A 40 -2.13 10.60 5.90
C TYR A 40 -1.04 9.71 5.28
N SER A 41 -0.28 10.32 4.38
CA SER A 41 0.80 9.61 3.72
C SER A 41 1.94 9.35 4.70
N THR A 42 2.12 8.08 5.03
CA THR A 42 3.17 7.68 5.94
C THR A 42 4.46 7.36 5.18
N LYS A 43 5.56 7.37 5.91
CA LYS A 43 6.86 7.09 5.32
C LYS A 43 7.25 5.64 5.62
N VAL A 44 7.80 4.99 4.60
CA VAL A 44 8.21 3.61 4.75
C VAL A 44 9.44 3.53 5.64
N THR A 45 9.31 2.79 6.72
CA THR A 45 10.41 2.63 7.67
C THR A 45 11.47 1.69 7.09
N THR A 46 12.72 2.11 7.24
CA THR A 46 13.84 1.32 6.74
C THR A 46 13.67 -0.15 7.14
N SER A 47 12.77 -0.38 8.09
CA SER A 47 12.50 -1.71 8.56
C SER A 47 11.31 -2.31 7.82
N ILE A 48 10.92 -1.65 6.75
CA ILE A 48 9.80 -2.08 5.94
C ILE A 48 10.18 -3.35 5.19
N THR A 49 9.19 -3.94 4.54
CA THR A 49 9.41 -5.16 3.78
C THR A 49 10.24 -4.87 2.52
N SER A 50 11.38 -5.54 2.43
CA SER A 50 12.26 -5.37 1.29
C SER A 50 12.41 -6.69 0.53
N LYS A 51 12.25 -7.78 1.27
CA LYS A 51 12.37 -9.09 0.68
C LYS A 51 10.98 -9.70 0.52
N LYS A 52 10.20 -9.61 1.59
CA LYS A 52 8.85 -10.15 1.57
C LYS A 52 7.99 -9.31 0.61
N TRP A 53 7.37 -10.01 -0.34
CA TRP A 53 6.53 -9.36 -1.32
C TRP A 53 5.36 -10.30 -1.61
N GLY A 54 4.16 -9.71 -1.64
CA GLY A 54 2.95 -10.47 -1.91
C GLY A 54 2.26 -9.97 -3.17
N THR A 55 1.44 -10.82 -3.76
CA THR A 55 0.70 -10.47 -4.96
C THR A 55 -0.17 -9.24 -4.71
N ARG A 56 -0.72 -9.18 -3.50
CA ARG A 56 -1.58 -8.06 -3.12
C ARG A 56 -0.75 -7.00 -2.40
N ASP A 57 0.55 -7.20 -2.37
CA ASP A 57 1.45 -6.27 -1.72
C ASP A 57 2.20 -5.46 -2.77
N LEU A 58 2.78 -4.35 -2.33
CA LEU A 58 3.53 -3.49 -3.21
C LEU A 58 5.02 -3.81 -3.10
N GLN A 59 5.74 -3.50 -4.16
CA GLN A 59 7.18 -3.75 -4.19
C GLN A 59 7.94 -2.55 -3.61
N VAL A 60 7.31 -1.89 -2.65
CA VAL A 60 7.91 -0.74 -2.02
C VAL A 60 9.20 -1.16 -1.31
N LYS A 61 10.04 -0.17 -1.03
CA LYS A 61 11.30 -0.42 -0.36
C LYS A 61 11.29 0.26 1.01
N PRO A 62 12.09 -0.31 1.95
CA PRO A 62 12.18 0.23 3.29
C PRO A 62 13.02 1.50 3.31
N GLY A 63 12.48 2.53 3.95
CA GLY A 63 13.18 3.81 4.05
C GLY A 63 12.72 4.76 2.95
N GLU A 64 11.66 4.35 2.25
CA GLU A 64 11.12 5.17 1.17
C GLU A 64 9.83 5.85 1.63
N SER A 65 9.34 6.74 0.77
CA SER A 65 8.12 7.47 1.07
C SER A 65 7.02 7.06 0.10
N LEU A 66 5.86 6.72 0.66
CA LEU A 66 4.73 6.31 -0.14
C LEU A 66 3.45 6.90 0.45
N GLU A 67 2.43 7.01 -0.40
CA GLU A 67 1.16 7.56 0.03
C GLU A 67 0.35 6.50 0.78
N VAL A 68 -0.21 6.92 1.90
CA VAL A 68 -1.01 6.03 2.72
C VAL A 68 -2.50 6.32 2.49
N ILE A 69 -3.23 5.28 2.15
CA ILE A 69 -4.67 5.42 1.91
C ILE A 69 -5.43 5.12 3.20
N GLN A 70 -6.52 4.38 3.06
CA GLN A 70 -7.34 4.01 4.19
C GLN A 70 -6.93 2.64 4.72
N THR A 71 -7.19 2.44 6.01
CA THR A 71 -6.86 1.18 6.65
C THR A 71 -7.71 0.04 6.07
N THR A 72 -7.03 -0.95 5.53
CA THR A 72 -7.71 -2.10 4.95
C THR A 72 -8.67 -2.72 5.96
N ASP A 73 -8.09 -3.44 6.92
CA ASP A 73 -8.88 -4.10 7.94
C ASP A 73 -8.72 -3.33 9.25
N ASP A 74 -7.74 -3.76 10.04
CA ASP A 74 -7.47 -3.12 11.32
C ASP A 74 -6.07 -2.52 11.30
N THR A 75 -5.09 -3.37 11.03
CA THR A 75 -3.70 -2.93 10.99
C THR A 75 -3.13 -3.14 9.59
N LYS A 76 -3.64 -2.35 8.65
CA LYS A 76 -3.18 -2.43 7.27
C LYS A 76 -3.45 -1.10 6.57
N VAL A 77 -2.41 -0.61 5.91
CA VAL A 77 -2.51 0.66 5.19
C VAL A 77 -2.25 0.41 3.70
N LEU A 78 -3.13 0.96 2.87
CA LEU A 78 -3.00 0.81 1.44
C LEU A 78 -2.12 1.93 0.89
N CYS A 79 -1.10 1.54 0.14
CA CYS A 79 -0.18 2.50 -0.44
C CYS A 79 -0.71 2.87 -1.83
N ARG A 80 -0.30 4.06 -2.28
CA ARG A 80 -0.72 4.54 -3.59
C ARG A 80 0.45 5.20 -4.31
N ASN A 81 0.57 4.88 -5.59
CA ASN A 81 1.64 5.43 -6.40
C ASN A 81 1.05 6.18 -7.59
N GLU A 82 1.68 7.29 -7.93
CA GLU A 82 1.23 8.11 -9.04
C GLU A 82 1.10 7.26 -10.31
N GLU A 83 1.67 6.07 -10.24
CA GLU A 83 1.62 5.16 -11.37
C GLU A 83 0.18 4.72 -11.64
N GLY A 84 -0.71 5.12 -10.74
CA GLY A 84 -2.11 4.78 -10.87
C GLY A 84 -2.40 3.40 -10.29
N LYS A 85 -1.34 2.78 -9.79
CA LYS A 85 -1.47 1.45 -9.19
C LYS A 85 -1.44 1.58 -7.68
N TYR A 86 -2.01 0.57 -7.02
CA TYR A 86 -2.04 0.55 -5.57
C TYR A 86 -1.44 -0.74 -5.01
N GLY A 87 -1.16 -0.71 -3.72
CA GLY A 87 -0.58 -1.87 -3.06
C GLY A 87 -0.90 -1.87 -1.56
N TYR A 88 -0.80 -3.05 -0.97
CA TYR A 88 -1.08 -3.19 0.46
C TYR A 88 0.22 -3.34 1.25
N VAL A 89 0.16 -2.93 2.51
CA VAL A 89 1.31 -3.01 3.39
C VAL A 89 0.86 -3.48 4.77
N LEU A 90 1.50 -4.54 5.24
CA LEU A 90 1.18 -5.09 6.54
C LEU A 90 1.79 -4.21 7.63
N ARG A 91 1.02 -4.03 8.70
CA ARG A 91 1.47 -3.21 9.82
C ARG A 91 2.79 -3.75 10.37
N SER A 92 3.04 -5.02 10.09
CA SER A 92 4.25 -5.67 10.56
C SER A 92 5.48 -4.82 10.20
N TYR A 93 5.64 -4.58 8.91
CA TYR A 93 6.76 -3.79 8.42
C TYR A 93 6.26 -2.52 7.72
N LEU A 94 5.98 -1.51 8.53
CA LEU A 94 5.51 -0.24 8.01
C LEU A 94 5.60 0.83 9.10
N ALA A 95 5.30 2.06 8.71
CA ALA A 95 5.35 3.18 9.64
C ALA A 95 4.11 3.15 10.53
N ASP A 96 4.10 4.03 11.52
CA ASP A 96 2.99 4.11 12.44
C ASP A 96 1.70 4.38 11.66
N GLU A 20 -0.88 1.57 -16.75
CA GLU A 20 -2.10 2.18 -16.23
C GLU A 20 -3.12 1.10 -15.87
N LYS A 21 -3.12 0.04 -16.66
CA LYS A 21 -4.05 -1.06 -16.44
C LYS A 21 -3.76 -1.69 -15.07
N GLU A 22 -2.63 -1.29 -14.51
CA GLU A 22 -2.23 -1.82 -13.21
C GLU A 22 -3.28 -1.48 -12.15
N GLU A 23 -4.03 -0.42 -12.41
CA GLU A 23 -5.07 0.02 -11.50
C GLU A 23 -6.12 -1.09 -11.35
N LYS A 24 -6.41 -1.75 -12.46
CA LYS A 24 -7.40 -2.82 -12.46
C LYS A 24 -6.84 -4.02 -11.70
N ASP A 25 -5.52 -4.15 -11.74
CA ASP A 25 -4.85 -5.24 -11.07
C ASP A 25 -5.13 -5.15 -9.56
N PHE A 26 -5.28 -3.93 -9.10
CA PHE A 26 -5.54 -3.68 -7.68
C PHE A 26 -7.02 -3.88 -7.36
N ARG A 27 -7.87 -3.25 -8.17
CA ARG A 27 -9.30 -3.35 -7.99
C ARG A 27 -9.75 -4.81 -8.07
N LYS A 28 -9.09 -5.54 -8.96
CA LYS A 28 -9.41 -6.95 -9.14
C LYS A 28 -9.41 -7.65 -7.78
N LYS A 29 -8.27 -7.55 -7.10
CA LYS A 29 -8.13 -8.17 -5.79
C LYS A 29 -8.72 -7.24 -4.73
N PHE A 30 -8.58 -5.94 -4.97
CA PHE A 30 -9.09 -4.95 -4.05
C PHE A 30 -10.55 -4.61 -4.35
N LYS A 31 -11.25 -5.59 -4.89
CA LYS A 31 -12.65 -5.42 -5.24
C LYS A 31 -13.32 -4.50 -4.22
N TYR A 32 -12.48 -3.95 -3.34
CA TYR A 32 -12.97 -3.05 -2.30
C TYR A 32 -13.56 -1.78 -2.92
N ASP A 33 -14.82 -1.53 -2.61
CA ASP A 33 -15.50 -0.36 -3.11
C ASP A 33 -15.52 0.73 -2.03
N GLY A 34 -14.57 1.65 -2.16
CA GLY A 34 -14.46 2.74 -1.21
C GLY A 34 -13.92 4.01 -1.87
N GLU A 35 -13.60 4.99 -1.05
CA GLU A 35 -13.07 6.25 -1.54
C GLU A 35 -11.54 6.28 -1.39
N ILE A 36 -10.87 5.86 -2.44
CA ILE A 36 -9.41 5.83 -2.44
C ILE A 36 -8.89 7.27 -2.45
N ARG A 37 -8.35 7.68 -1.31
CA ARG A 37 -7.81 9.02 -1.18
C ARG A 37 -6.72 9.06 -0.09
N VAL A 38 -5.52 9.39 -0.51
CA VAL A 38 -4.40 9.45 0.42
C VAL A 38 -4.62 10.59 1.40
N LEU A 39 -5.08 10.22 2.59
CA LEU A 39 -5.34 11.20 3.63
C LEU A 39 -4.07 11.41 4.47
N TYR A 40 -3.50 10.30 4.89
CA TYR A 40 -2.29 10.35 5.69
C TYR A 40 -1.20 9.44 5.10
N SER A 41 -0.44 10.01 4.18
CA SER A 41 0.63 9.28 3.53
C SER A 41 1.80 9.08 4.50
N THR A 42 1.99 7.83 4.91
CA THR A 42 3.06 7.51 5.83
C THR A 42 4.36 7.25 5.07
N LYS A 43 5.46 7.33 5.80
CA LYS A 43 6.77 7.12 5.20
C LYS A 43 7.25 5.70 5.54
N VAL A 44 7.81 5.05 4.53
CA VAL A 44 8.30 3.69 4.70
C VAL A 44 9.59 3.73 5.54
N THR A 45 9.62 2.90 6.57
CA THR A 45 10.78 2.83 7.45
C THR A 45 11.86 1.95 6.82
N THR A 46 12.97 1.85 7.53
CA THR A 46 14.09 1.05 7.06
C THR A 46 13.86 -0.44 7.37
N SER A 47 12.91 -0.67 8.27
CA SER A 47 12.58 -2.03 8.67
C SER A 47 11.37 -2.52 7.88
N ILE A 48 11.04 -1.78 6.84
CA ILE A 48 9.89 -2.12 6.00
C ILE A 48 10.21 -3.39 5.21
N THR A 49 9.20 -3.91 4.54
CA THR A 49 9.35 -5.12 3.75
C THR A 49 10.23 -4.84 2.52
N SER A 50 11.37 -5.52 2.47
CA SER A 50 12.29 -5.36 1.36
C SER A 50 12.46 -6.68 0.62
N LYS A 51 12.27 -7.77 1.36
CA LYS A 51 12.40 -9.09 0.78
C LYS A 51 11.01 -9.68 0.55
N LYS A 52 10.18 -9.58 1.58
CA LYS A 52 8.82 -10.09 1.50
C LYS A 52 8.02 -9.26 0.49
N TRP A 53 7.47 -9.95 -0.50
CA TRP A 53 6.68 -9.28 -1.52
C TRP A 53 5.53 -10.21 -1.89
N GLY A 54 4.33 -9.65 -1.89
CA GLY A 54 3.14 -10.41 -2.23
C GLY A 54 2.44 -9.82 -3.46
N THR A 55 1.64 -10.65 -4.10
CA THR A 55 0.92 -10.23 -5.29
C THR A 55 0.06 -9.01 -4.98
N ARG A 56 -0.45 -8.97 -3.76
CA ARG A 56 -1.28 -7.86 -3.33
C ARG A 56 -0.45 -6.84 -2.56
N ASP A 57 0.86 -7.07 -2.54
CA ASP A 57 1.77 -6.19 -1.85
C ASP A 57 2.53 -5.34 -2.87
N LEU A 58 3.12 -4.26 -2.38
CA LEU A 58 3.88 -3.36 -3.24
C LEU A 58 5.36 -3.70 -3.13
N GLN A 59 6.09 -3.36 -4.19
CA GLN A 59 7.52 -3.61 -4.23
C GLN A 59 8.29 -2.42 -3.65
N VAL A 60 7.65 -1.77 -2.69
CA VAL A 60 8.26 -0.61 -2.03
C VAL A 60 9.52 -1.07 -1.28
N LYS A 61 10.37 -0.09 -0.98
CA LYS A 61 11.60 -0.38 -0.27
C LYS A 61 11.57 0.32 1.09
N PRO A 62 12.38 -0.23 2.04
CA PRO A 62 12.45 0.34 3.37
C PRO A 62 13.26 1.64 3.39
N GLY A 63 12.63 2.68 3.91
CA GLY A 63 13.27 3.98 3.98
C GLY A 63 12.79 4.90 2.85
N GLU A 64 11.70 4.47 2.22
CA GLU A 64 11.13 5.25 1.12
C GLU A 64 9.81 5.87 1.54
N SER A 65 9.28 6.72 0.68
CA SER A 65 8.02 7.39 0.95
C SER A 65 6.93 6.84 0.02
N LEU A 66 5.80 6.50 0.62
CA LEU A 66 4.67 5.97 -0.13
C LEU A 66 3.37 6.57 0.41
N GLU A 67 2.39 6.65 -0.47
CA GLU A 67 1.09 7.19 -0.09
C GLU A 67 0.28 6.14 0.67
N VAL A 68 -0.30 6.59 1.78
CA VAL A 68 -1.10 5.70 2.61
C VAL A 68 -2.58 6.02 2.40
N ILE A 69 -3.33 4.97 2.08
CA ILE A 69 -4.76 5.13 1.85
C ILE A 69 -5.52 4.87 3.15
N GLN A 70 -6.61 4.14 3.04
CA GLN A 70 -7.43 3.81 4.19
C GLN A 70 -7.04 2.45 4.75
N THR A 71 -7.31 2.28 6.04
CA THR A 71 -6.98 1.03 6.71
C THR A 71 -7.85 -0.12 6.16
N THR A 72 -7.17 -1.13 5.64
CA THR A 72 -7.86 -2.28 5.09
C THR A 72 -8.83 -2.87 6.11
N ASP A 73 -8.25 -3.57 7.08
CA ASP A 73 -9.05 -4.18 8.13
C ASP A 73 -8.89 -3.39 9.43
N ASP A 74 -7.92 -3.80 10.22
CA ASP A 74 -7.65 -3.13 11.49
C ASP A 74 -6.25 -2.53 11.46
N THR A 75 -5.27 -3.39 11.22
CA THR A 75 -3.89 -2.97 11.17
C THR A 75 -3.30 -3.23 9.77
N LYS A 76 -3.80 -2.46 8.81
CA LYS A 76 -3.34 -2.60 7.43
C LYS A 76 -3.56 -1.29 6.70
N VAL A 77 -2.51 -0.83 6.03
CA VAL A 77 -2.57 0.41 5.28
C VAL A 77 -2.27 0.13 3.82
N LEU A 78 -3.17 0.59 2.96
CA LEU A 78 -3.01 0.40 1.53
C LEU A 78 -2.18 1.55 0.95
N CYS A 79 -1.15 1.18 0.20
CA CYS A 79 -0.28 2.17 -0.42
C CYS A 79 -0.84 2.50 -1.80
N ARG A 80 -0.46 3.68 -2.29
CA ARG A 80 -0.90 4.12 -3.60
C ARG A 80 0.27 4.70 -4.40
N ASN A 81 0.23 4.47 -5.69
CA ASN A 81 1.28 4.96 -6.57
C ASN A 81 0.67 5.92 -7.60
N GLU A 82 1.34 7.06 -7.77
CA GLU A 82 0.87 8.06 -8.71
C GLU A 82 0.69 7.45 -10.09
N GLU A 83 1.31 6.29 -10.28
CA GLU A 83 1.21 5.59 -11.56
C GLU A 83 -0.15 4.91 -11.68
N GLY A 84 -0.92 4.99 -10.61
CA GLY A 84 -2.24 4.38 -10.59
C GLY A 84 -2.17 2.93 -10.11
N LYS A 85 -1.00 2.57 -9.58
CA LYS A 85 -0.79 1.22 -9.08
C LYS A 85 -0.88 1.23 -7.55
N TYR A 86 -1.79 0.40 -7.04
CA TYR A 86 -1.99 0.30 -5.61
C TYR A 86 -1.39 -1.00 -5.07
N GLY A 87 -1.16 -1.00 -3.76
CA GLY A 87 -0.59 -2.16 -3.11
C GLY A 87 -0.92 -2.17 -1.60
N TYR A 88 -0.84 -3.35 -1.01
CA TYR A 88 -1.13 -3.49 0.40
C TYR A 88 0.16 -3.62 1.22
N VAL A 89 0.07 -3.21 2.47
CA VAL A 89 1.22 -3.27 3.36
C VAL A 89 0.75 -3.66 4.76
N LEU A 90 1.37 -4.72 5.27
CA LEU A 90 1.03 -5.21 6.60
C LEU A 90 1.61 -4.26 7.66
N ARG A 91 0.85 -4.09 8.72
CA ARG A 91 1.28 -3.22 9.80
C ARG A 91 2.64 -3.67 10.35
N SER A 92 2.95 -4.93 10.09
CA SER A 92 4.21 -5.50 10.54
C SER A 92 5.37 -4.58 10.15
N TYR A 93 5.50 -4.35 8.85
CA TYR A 93 6.56 -3.50 8.34
C TYR A 93 5.98 -2.26 7.66
N LEU A 94 5.61 -1.29 8.48
CA LEU A 94 5.03 -0.05 7.98
C LEU A 94 5.01 0.99 9.10
N ALA A 95 5.29 2.24 8.71
CA ALA A 95 5.30 3.33 9.66
C ALA A 95 3.98 3.35 10.43
N ASP A 96 3.95 4.14 11.50
CA ASP A 96 2.76 4.25 12.32
C ASP A 96 1.60 4.72 11.45
N GLU A 20 -2.78 3.00 -17.05
CA GLU A 20 -3.66 3.10 -15.90
C GLU A 20 -4.55 1.87 -15.80
N LYS A 21 -4.18 0.85 -16.56
CA LYS A 21 -4.93 -0.40 -16.57
C LYS A 21 -4.51 -1.25 -15.37
N GLU A 22 -3.41 -0.85 -14.75
CA GLU A 22 -2.89 -1.57 -13.60
C GLU A 22 -3.83 -1.38 -12.41
N GLU A 23 -4.56 -0.28 -12.42
CA GLU A 23 -5.49 0.02 -11.35
C GLU A 23 -6.57 -1.06 -11.27
N LYS A 24 -6.88 -1.63 -12.42
CA LYS A 24 -7.90 -2.67 -12.48
C LYS A 24 -7.40 -3.91 -11.73
N ASP A 25 -6.09 -4.10 -11.77
CA ASP A 25 -5.48 -5.23 -11.10
C ASP A 25 -5.73 -5.12 -9.59
N PHE A 26 -5.63 -3.89 -9.10
CA PHE A 26 -5.85 -3.63 -7.69
C PHE A 26 -7.30 -3.88 -7.30
N ARG A 27 -8.20 -3.24 -8.04
CA ARG A 27 -9.62 -3.39 -7.79
C ARG A 27 -10.04 -4.85 -7.91
N LYS A 28 -9.30 -5.58 -8.74
CA LYS A 28 -9.59 -6.99 -8.96
C LYS A 28 -9.61 -7.71 -7.61
N LYS A 29 -8.47 -7.63 -6.92
CA LYS A 29 -8.34 -8.28 -5.62
C LYS A 29 -8.89 -7.34 -4.54
N PHE A 30 -8.77 -6.05 -4.80
CA PHE A 30 -9.25 -5.05 -3.87
C PHE A 30 -10.72 -4.73 -4.11
N LYS A 31 -11.45 -5.72 -4.61
CA LYS A 31 -12.86 -5.55 -4.90
C LYS A 31 -13.48 -4.62 -3.85
N TYR A 32 -12.62 -4.06 -3.02
CA TYR A 32 -13.06 -3.16 -1.96
C TYR A 32 -13.67 -1.89 -2.56
N ASP A 33 -14.91 -1.63 -2.19
CA ASP A 33 -15.61 -0.46 -2.68
C ASP A 33 -15.61 0.62 -1.59
N GLY A 34 -14.67 1.54 -1.72
CA GLY A 34 -14.56 2.63 -0.75
C GLY A 34 -14.03 3.91 -1.42
N GLU A 35 -13.71 4.88 -0.59
CA GLU A 35 -13.19 6.15 -1.08
C GLU A 35 -11.67 6.19 -0.94
N ILE A 36 -11.00 5.79 -2.01
CA ILE A 36 -9.55 5.78 -2.03
C ILE A 36 -9.04 7.22 -2.06
N ARG A 37 -8.47 7.65 -0.94
CA ARG A 37 -7.95 8.99 -0.83
C ARG A 37 -6.85 9.05 0.24
N VAL A 38 -5.67 9.46 -0.20
CA VAL A 38 -4.54 9.55 0.71
C VAL A 38 -4.80 10.66 1.73
N LEU A 39 -5.23 10.24 2.91
CA LEU A 39 -5.52 11.20 3.97
C LEU A 39 -4.27 11.40 4.82
N TYR A 40 -3.65 10.29 5.19
CA TYR A 40 -2.44 10.34 6.01
C TYR A 40 -1.31 9.55 5.35
N SER A 41 -0.56 10.23 4.50
CA SER A 41 0.55 9.61 3.81
C SER A 41 1.71 9.39 4.78
N THR A 42 1.94 8.12 5.09
CA THR A 42 3.02 7.76 6.00
C THR A 42 4.29 7.43 5.21
N LYS A 43 5.41 7.46 5.93
CA LYS A 43 6.70 7.17 5.31
C LYS A 43 7.12 5.75 5.68
N VAL A 44 7.67 5.06 4.70
CA VAL A 44 8.12 3.69 4.91
C VAL A 44 9.38 3.70 5.77
N THR A 45 9.44 2.75 6.69
CA THR A 45 10.59 2.64 7.58
C THR A 45 11.71 1.85 6.92
N THR A 46 12.91 2.40 7.02
CA THR A 46 14.08 1.76 6.42
C THR A 46 14.11 0.26 6.79
N SER A 47 13.25 -0.09 7.73
CA SER A 47 13.17 -1.47 8.18
C SER A 47 11.93 -2.15 7.59
N ILE A 48 11.37 -1.50 6.59
CA ILE A 48 10.19 -2.02 5.93
C ILE A 48 10.55 -3.27 5.13
N THR A 49 9.53 -3.92 4.59
CA THR A 49 9.72 -5.12 3.81
C THR A 49 10.44 -4.80 2.49
N SER A 50 11.61 -5.39 2.33
CA SER A 50 12.39 -5.17 1.13
C SER A 50 12.53 -6.48 0.35
N LYS A 51 12.46 -7.59 1.08
CA LYS A 51 12.58 -8.90 0.48
C LYS A 51 11.19 -9.53 0.37
N LYS A 52 10.47 -9.50 1.47
CA LYS A 52 9.13 -10.06 1.52
C LYS A 52 8.21 -9.23 0.62
N TRP A 53 7.56 -9.93 -0.32
CA TRP A 53 6.65 -9.28 -1.24
C TRP A 53 5.50 -10.23 -1.51
N GLY A 54 4.30 -9.66 -1.59
CA GLY A 54 3.11 -10.45 -1.84
C GLY A 54 2.42 -9.99 -3.12
N THR A 55 1.57 -10.88 -3.65
CA THR A 55 0.84 -10.58 -4.88
C THR A 55 0.00 -9.31 -4.70
N ARG A 56 -0.54 -9.16 -3.50
CA ARG A 56 -1.37 -8.02 -3.19
C ARG A 56 -0.55 -6.95 -2.46
N ASP A 57 0.75 -7.17 -2.42
CA ASP A 57 1.65 -6.26 -1.74
C ASP A 57 2.37 -5.39 -2.79
N LEU A 58 2.93 -4.30 -2.32
CA LEU A 58 3.63 -3.38 -3.20
C LEU A 58 5.14 -3.66 -3.12
N GLN A 59 5.83 -3.31 -4.19
CA GLN A 59 7.27 -3.51 -4.25
C GLN A 59 8.00 -2.30 -3.68
N VAL A 60 7.38 -1.67 -2.69
CA VAL A 60 7.96 -0.50 -2.06
C VAL A 60 9.25 -0.91 -1.36
N LYS A 61 10.15 0.07 -1.23
CA LYS A 61 11.43 -0.17 -0.58
C LYS A 61 11.41 0.44 0.82
N PRO A 62 12.28 -0.10 1.70
CA PRO A 62 12.37 0.38 3.07
C PRO A 62 13.10 1.73 3.12
N GLY A 63 12.44 2.69 3.78
CA GLY A 63 13.01 4.01 3.91
C GLY A 63 12.46 4.96 2.85
N GLU A 64 11.40 4.51 2.19
CA GLU A 64 10.76 5.29 1.15
C GLU A 64 9.51 5.99 1.71
N SER A 65 8.95 6.87 0.90
CA SER A 65 7.75 7.60 1.29
C SER A 65 6.71 7.53 0.18
N LEU A 66 5.52 7.09 0.54
CA LEU A 66 4.43 6.99 -0.41
C LEU A 66 3.13 7.42 0.25
N GLU A 67 2.09 7.57 -0.56
CA GLU A 67 0.79 7.96 -0.06
C GLU A 67 0.09 6.79 0.60
N VAL A 68 -0.43 7.05 1.80
CA VAL A 68 -1.13 6.02 2.56
C VAL A 68 -2.63 6.25 2.45
N ILE A 69 -3.35 5.17 2.16
CA ILE A 69 -4.79 5.23 2.03
C ILE A 69 -5.44 4.93 3.39
N GLN A 70 -6.54 4.19 3.33
CA GLN A 70 -7.26 3.83 4.54
C GLN A 70 -6.85 2.43 5.00
N THR A 71 -7.05 2.18 6.29
CA THR A 71 -6.72 0.90 6.87
C THR A 71 -7.62 -0.20 6.31
N THR A 72 -7.00 -1.25 5.82
CA THR A 72 -7.74 -2.37 5.26
C THR A 72 -8.69 -2.96 6.31
N ASP A 73 -8.10 -3.70 7.23
CA ASP A 73 -8.87 -4.33 8.29
C ASP A 73 -8.65 -3.58 9.60
N ASP A 74 -7.67 -4.05 10.34
CA ASP A 74 -7.33 -3.43 11.62
C ASP A 74 -5.90 -2.91 11.57
N THR A 75 -4.98 -3.80 11.25
CA THR A 75 -3.57 -3.44 11.17
C THR A 75 -3.07 -3.61 9.74
N LYS A 76 -3.60 -2.77 8.86
CA LYS A 76 -3.21 -2.81 7.46
C LYS A 76 -3.53 -1.47 6.81
N VAL A 77 -2.54 -0.93 6.09
CA VAL A 77 -2.70 0.34 5.42
C VAL A 77 -2.42 0.16 3.92
N LEU A 78 -3.34 0.67 3.11
CA LEU A 78 -3.20 0.57 1.67
C LEU A 78 -2.40 1.77 1.16
N CYS A 79 -1.27 1.46 0.55
CA CYS A 79 -0.40 2.50 0.00
C CYS A 79 -0.71 2.64 -1.49
N ARG A 80 -0.36 3.82 -2.02
CA ARG A 80 -0.59 4.08 -3.43
C ARG A 80 0.65 4.73 -4.05
N ASN A 81 0.89 4.39 -5.30
CA ASN A 81 2.04 4.91 -6.02
C ASN A 81 1.55 5.70 -7.25
N GLU A 82 2.23 6.82 -7.49
CA GLU A 82 1.88 7.67 -8.62
C GLU A 82 1.88 6.86 -9.92
N GLU A 83 2.47 5.67 -9.84
CA GLU A 83 2.56 4.80 -10.99
C GLU A 83 1.15 4.46 -11.50
N GLY A 84 0.16 4.84 -10.71
CA GLY A 84 -1.23 4.59 -11.07
C GLY A 84 -1.66 3.19 -10.61
N LYS A 85 -0.86 2.62 -9.73
CA LYS A 85 -1.15 1.29 -9.21
C LYS A 85 -1.24 1.35 -7.68
N TYR A 86 -1.96 0.39 -7.12
CA TYR A 86 -2.13 0.33 -5.68
C TYR A 86 -1.47 -0.93 -5.10
N GLY A 87 -1.22 -0.88 -3.81
CA GLY A 87 -0.60 -2.00 -3.12
C GLY A 87 -0.93 -1.99 -1.63
N TYR A 88 -0.79 -3.16 -1.02
CA TYR A 88 -1.07 -3.29 0.41
C TYR A 88 0.22 -3.40 1.20
N VAL A 89 0.15 -2.96 2.45
CA VAL A 89 1.31 -2.99 3.33
C VAL A 89 0.88 -3.52 4.70
N LEU A 90 1.57 -4.57 5.14
CA LEU A 90 1.27 -5.17 6.43
C LEU A 90 1.80 -4.28 7.54
N ARG A 91 1.04 -4.23 8.63
CA ARG A 91 1.42 -3.41 9.77
C ARG A 91 2.81 -3.82 10.27
N SER A 92 3.18 -5.04 9.97
CA SER A 92 4.47 -5.57 10.38
C SER A 92 5.57 -4.58 10.00
N TYR A 93 5.67 -4.30 8.70
CA TYR A 93 6.67 -3.38 8.20
C TYR A 93 6.02 -2.16 7.55
N LEU A 94 5.60 -1.23 8.39
CA LEU A 94 4.97 -0.01 7.91
C LEU A 94 4.95 1.02 9.03
N ALA A 95 5.19 2.27 8.66
CA ALA A 95 5.21 3.36 9.61
C ALA A 95 3.89 3.37 10.39
N ASP A 96 3.84 4.21 11.41
CA ASP A 96 2.65 4.34 12.23
C ASP A 96 1.46 4.68 11.34
#